data_9DL6
#
_entry.id   9DL6
#
_cell.length_a   100.514
_cell.length_b   101.828
_cell.length_c   126.545
_cell.angle_alpha   90.00
_cell.angle_beta   106.43
_cell.angle_gamma   90.00
#
_symmetry.space_group_name_H-M   'P 1 21 1'
#
loop_
_entity.id
_entity.type
_entity.pdbx_description
1 polymer 'Bifunctional protein PutA'
2 non-polymer 'FLAVIN-ADENINE DINUCLEOTIDE'
3 non-polymer DI(HYDROXYETHYL)ETHER
4 non-polymer 'TRIETHYLENE GLYCOL'
5 non-polymer 'FORMIC ACID'
6 non-polymer '(3S)-piperidine-3-carboxylic acid'
7 non-polymer '(3R)-piperidine-3-carboxylic acid'
8 non-polymer 'SULFATE ION'
9 non-polymer NICOTINAMIDE-ADENINE-DINUCLEOTIDE
10 non-polymer 'MAGNESIUM ION'
11 non-polymer 'TETRAETHYLENE GLYCOL'
12 water water
#
_entity_poly.entity_id   1
_entity_poly.type   'polypeptide(L)'
_entity_poly.pdbx_seq_one_letter_code
;SMMSPNPLQKPAIDAAPAPFADFAPPVRPQSTLRRAITAAYRRPETECLPPLVEAATQSKEIRDAAASTARKLIEALRGK
HSGSGVEGLVQEYSLSSQEGVALMCLAEALLRIPDTATRDALIRDKIADGNWKSHLGGSRSLFVNAATWGLVVTGKLTST
VNDRSLAAALTRLISRCGEPVIRRGVDMAMRMMGEQFVTGETIREALKRSKELEEKGFSYSYDMLGEAATTAADAERYYR
DYESAIHAIGKASAGRGIYEGPGISIKLSALHPRYSRAQAARVMGELLPRVKALALLAKNYDIGLNIDAEEADRLELSLD
LLEVLCLDGDLSGWNGMGFVVQAYGKRCPFVLDFIIDLARRSGRRIMVRLVKGAYWDAEIKRAQLDGLADFPVFTRKIHT
DVSYIACAAKLLAATDVVFPQFATHNAQTLAAIYHMAGKDFHVGKYEFQCLHGMGEPLYEEVVGRGKLDRPCRIYAPVGT
HETLLAYLVRRLLENGANSSFVHRINDPKVSIDELIADPVEVVRAMPVVGAKHDRIALPAELFGDARTNSAGLDLSNEET
LASLTEALRESAAMKWTALPQLATGPAAGETRTVLNPGDHRDVVGSVTETSEEDARRAVRLAADAAPDWAAVPPSERAAC
LDRAAELMQARMPTLLGLIIREAGKSALNAIAEVREAIDFLRYYAEQTRRTLGPGHGPLGPIVCISPWNFPLAIFTGQIA
AALVAGNPVLAKPAEETPLIAAEGVRILREAGIPASALQLLPGDGRVGAALVAAAETAGVMFTGSTEVARLIQAQLADRL
SPAGRPIPLIAETGGQNAMIVDSSALAEQVVGDVITSAFDSAGQRCSALRVLCLQEDVADRILTMLKGALHELHIGRTDR
LSVDVGPVITSEAKDNIEKHIERMRGLGRKVEQIGLASETGVGTFVPPTIIELEKLSDLQREVFGPVLHVIRYRRDDLDR
LVDDVNATGYGLTFGLHTRLDETIAHVTSRIKAGNLYINRNIIGAVVGVQPFGGRGLSGTGPKAGGPLYLGRLVTTAPVP
PQHSSVHTDPVLLDFAKWLDGKGARAEAEAARNAGSSSALGLDLELPGPVGERNLYTLHARGRILLVPATESGLYHQLAA
ALATGNSVAIDAASGLQASLKNLPQTVGLRVSWSKDWAADGPFAGALVEGDAERIRAVNKAIAALPGPLLLVQAASSGEI
ARNPDAYCLNWLVEEVSASINTAAAGGNASLMAIG
;
_entity_poly.pdbx_strand_id   A,B
#
# COMPACT_ATOMS: atom_id res chain seq x y z
N ALA A 16 53.46 -12.28 -26.32
CA ALA A 16 52.42 -12.16 -25.31
C ALA A 16 52.19 -10.69 -24.95
N PRO A 17 50.97 -10.19 -25.21
CA PRO A 17 50.69 -8.77 -24.93
C PRO A 17 50.70 -8.51 -23.44
N ALA A 18 51.28 -7.37 -23.06
CA ALA A 18 51.40 -7.03 -21.65
C ALA A 18 49.99 -6.82 -21.07
N PRO A 19 49.72 -7.35 -19.88
CA PRO A 19 48.37 -7.25 -19.32
C PRO A 19 48.01 -5.80 -19.04
N PHE A 20 46.81 -5.41 -19.49
CA PHE A 20 46.23 -4.09 -19.30
C PHE A 20 46.97 -2.98 -20.04
N ALA A 21 47.89 -3.34 -20.93
CA ALA A 21 48.61 -2.34 -21.71
C ALA A 21 47.68 -1.55 -22.63
N ASP A 22 46.53 -2.10 -22.99
CA ASP A 22 45.56 -1.44 -23.86
C ASP A 22 44.18 -1.45 -23.22
N PHE A 23 44.12 -1.26 -21.91
CA PHE A 23 42.87 -1.47 -21.19
C PHE A 23 41.78 -0.52 -21.66
N ALA A 24 42.03 0.78 -21.62
CA ALA A 24 41.00 1.74 -21.98
C ALA A 24 41.60 3.07 -22.41
N PRO A 25 42.45 3.09 -23.44
CA PRO A 25 43.07 4.34 -23.87
C PRO A 25 42.01 5.30 -24.37
N PRO A 26 42.08 6.56 -23.98
CA PRO A 26 41.10 7.54 -24.48
C PRO A 26 41.21 7.71 -25.99
N VAL A 27 40.10 8.15 -26.58
CA VAL A 27 40.04 8.48 -28.00
C VAL A 27 41.15 9.45 -28.38
N ARG A 28 41.38 10.45 -27.54
CA ARG A 28 42.39 11.47 -27.80
C ARG A 28 42.95 11.92 -26.46
N PRO A 29 44.15 12.51 -26.45
CA PRO A 29 44.65 13.09 -25.20
C PRO A 29 43.66 14.14 -24.71
N GLN A 30 43.42 14.14 -23.41
CA GLN A 30 42.40 15.01 -22.85
C GLN A 30 42.98 16.39 -22.65
N SER A 31 42.42 17.38 -23.36
CA SER A 31 42.86 18.75 -23.21
C SER A 31 42.49 19.27 -21.82
N THR A 32 43.07 20.42 -21.47
CA THR A 32 42.70 21.11 -20.25
C THR A 32 41.18 21.28 -20.16
N LEU A 33 40.55 21.70 -21.25
CA LEU A 33 39.11 21.91 -21.23
C LEU A 33 38.36 20.60 -21.06
N ARG A 34 38.81 19.54 -21.74
CA ARG A 34 38.16 18.25 -21.56
C ARG A 34 38.33 17.75 -20.14
N ARG A 35 39.50 18.00 -19.54
CA ARG A 35 39.73 17.53 -18.18
C ARG A 35 38.84 18.26 -17.18
N ALA A 36 38.54 19.53 -17.43
CA ALA A 36 37.65 20.27 -16.54
C ALA A 36 36.24 19.71 -16.59
N ILE A 37 35.82 19.22 -17.76
CA ILE A 37 34.54 18.53 -17.86
C ILE A 37 34.55 17.29 -16.97
N THR A 38 35.53 16.41 -17.18
CA THR A 38 35.56 15.16 -16.44
C THR A 38 35.63 15.42 -14.94
N ALA A 39 36.38 16.44 -14.53
CA ALA A 39 36.52 16.75 -13.12
C ALA A 39 35.19 17.07 -12.46
N ALA A 40 34.23 17.57 -13.22
CA ALA A 40 32.93 18.01 -12.71
C ALA A 40 31.87 16.91 -12.73
N TYR A 41 32.22 15.73 -13.25
CA TYR A 41 31.23 14.68 -13.55
C TYR A 41 30.27 14.46 -12.39
N ARG A 42 30.80 14.24 -11.19
CA ARG A 42 29.99 13.96 -10.02
C ARG A 42 30.32 14.89 -8.87
N ARG A 43 30.68 16.12 -9.20
CA ARG A 43 31.02 17.12 -8.21
C ARG A 43 29.85 17.30 -7.24
N PRO A 44 30.11 17.37 -5.94
CA PRO A 44 29.02 17.60 -4.98
C PRO A 44 28.17 18.80 -5.38
N GLU A 45 26.86 18.65 -5.18
CA GLU A 45 25.91 19.68 -5.60
C GLU A 45 26.18 21.01 -4.92
N THR A 46 26.59 20.99 -3.65
CA THR A 46 26.91 22.23 -2.96
C THR A 46 28.09 22.96 -3.58
N GLU A 47 28.98 22.24 -4.27
CA GLU A 47 30.09 22.89 -4.96
C GLU A 47 29.69 23.45 -6.31
N CYS A 48 28.69 22.84 -6.96
CA CYS A 48 28.32 23.27 -8.31
C CYS A 48 27.54 24.57 -8.30
N LEU A 49 26.66 24.76 -7.31
CA LEU A 49 25.69 25.84 -7.37
C LEU A 49 26.25 27.27 -7.26
N PRO A 50 27.18 27.55 -6.35
CA PRO A 50 27.60 28.96 -6.15
C PRO A 50 28.07 29.63 -7.43
N PRO A 51 28.94 29.01 -8.24
CA PRO A 51 29.34 29.70 -9.48
C PRO A 51 28.19 29.83 -10.46
N LEU A 52 27.24 28.91 -10.45
CA LEU A 52 26.07 29.04 -11.32
C LEU A 52 25.18 30.19 -10.84
N VAL A 53 24.99 30.30 -9.53
CA VAL A 53 24.22 31.42 -8.99
C VAL A 53 24.86 32.75 -9.39
N GLU A 54 26.19 32.84 -9.27
CA GLU A 54 26.86 34.08 -9.65
C GLU A 54 26.70 34.37 -11.13
N ALA A 55 26.91 33.35 -11.97
CA ALA A 55 26.83 33.55 -13.42
C ALA A 55 25.42 33.91 -13.86
N ALA A 56 24.42 33.46 -13.12
CA ALA A 56 23.02 33.67 -13.46
C ALA A 56 22.44 34.93 -12.86
N THR A 57 23.20 35.65 -12.05
CA THR A 57 22.68 36.84 -11.39
C THR A 57 22.45 37.94 -12.41
N GLN A 58 21.32 38.63 -12.29
CA GLN A 58 21.00 39.77 -13.12
C GLN A 58 20.55 40.94 -12.25
N SER A 59 20.53 42.13 -12.84
CA SER A 59 20.17 43.32 -12.09
C SER A 59 18.73 43.24 -11.61
N LYS A 60 18.44 43.95 -10.52
CA LYS A 60 17.09 44.02 -10.00
C LYS A 60 16.13 44.49 -11.07
N GLU A 61 16.56 45.45 -11.90
CA GLU A 61 15.70 45.94 -12.97
C GLU A 61 15.39 44.83 -13.96
N ILE A 62 16.40 44.02 -14.31
CA ILE A 62 16.17 42.92 -15.24
C ILE A 62 15.27 41.86 -14.61
N ARG A 63 15.49 41.56 -13.32
CA ARG A 63 14.65 40.56 -12.66
CA ARG A 63 14.65 40.57 -12.64
C ARG A 63 13.20 41.02 -12.61
N ASP A 64 12.95 42.29 -12.30
CA ASP A 64 11.57 42.78 -12.29
C ASP A 64 10.95 42.74 -13.68
N ALA A 65 11.71 43.14 -14.70
CA ALA A 65 11.19 43.10 -16.06
C ALA A 65 10.95 41.65 -16.50
N ALA A 66 11.84 40.75 -16.10
CA ALA A 66 11.66 39.34 -16.45
C ALA A 66 10.42 38.77 -15.78
N ALA A 67 10.22 39.09 -14.49
CA ALA A 67 9.03 38.64 -13.80
C ALA A 67 7.77 39.17 -14.48
N SER A 68 7.81 40.43 -14.93
CA SER A 68 6.64 40.98 -15.61
C SER A 68 6.39 40.29 -16.94
N THR A 69 7.46 40.04 -17.71
CA THR A 69 7.31 39.31 -18.96
C THR A 69 6.79 37.90 -18.72
N ALA A 70 7.36 37.22 -17.72
CA ALA A 70 6.91 35.87 -17.40
C ALA A 70 5.45 35.86 -16.99
N ARG A 71 5.04 36.82 -16.15
CA ARG A 71 3.65 36.92 -15.75
C ARG A 71 2.74 37.13 -16.96
N LYS A 72 3.16 38.00 -17.88
CA LYS A 72 2.37 38.26 -19.09
C LYS A 72 2.21 37.01 -19.92
N LEU A 73 3.30 36.27 -20.14
CA LEU A 73 3.22 35.01 -20.88
C LEU A 73 2.32 34.01 -20.18
N ILE A 74 2.45 33.89 -18.86
CA ILE A 74 1.64 32.93 -18.11
C ILE A 74 0.17 33.33 -18.11
N GLU A 75 -0.10 34.63 -17.97
CA GLU A 75 -1.48 35.10 -18.07
C GLU A 75 -2.06 34.79 -19.45
N ALA A 76 -1.27 34.95 -20.50
CA ALA A 76 -1.72 34.57 -21.83
C ALA A 76 -1.96 33.06 -21.93
N LEU A 77 -1.06 32.26 -21.36
CA LEU A 77 -1.21 30.81 -21.43
C LEU A 77 -2.48 30.35 -20.73
N ARG A 78 -2.70 30.85 -19.51
CA ARG A 78 -3.87 30.43 -18.75
C ARG A 78 -5.16 31.00 -19.30
N GLY A 79 -5.10 32.13 -20.02
CA GLY A 79 -6.30 32.75 -20.53
C GLY A 79 -6.89 32.00 -21.71
N LYS A 80 -6.03 31.46 -22.57
CA LYS A 80 -6.48 30.68 -23.71
C LYS A 80 -6.53 29.19 -23.43
N HIS A 81 -6.12 28.76 -22.24
CA HIS A 81 -6.06 27.34 -21.90
C HIS A 81 -7.45 26.71 -21.91
N SER A 82 -7.70 25.83 -22.86
CA SER A 82 -8.96 25.12 -22.97
C SER A 82 -8.81 23.71 -22.42
N GLY A 83 -9.93 23.01 -22.29
CA GLY A 83 -9.89 21.60 -21.93
C GLY A 83 -9.35 20.78 -23.09
N SER A 84 -8.54 19.78 -22.76
CA SER A 84 -7.94 18.94 -23.79
C SER A 84 -9.02 18.12 -24.49
N GLY A 85 -8.65 17.57 -25.65
CA GLY A 85 -9.57 16.68 -26.34
C GLY A 85 -9.93 15.46 -25.53
N VAL A 86 -8.95 14.86 -24.85
CA VAL A 86 -9.23 13.69 -24.02
C VAL A 86 -10.15 14.07 -22.87
N GLU A 87 -9.87 15.20 -22.21
CA GLU A 87 -10.71 15.65 -21.11
C GLU A 87 -12.15 15.86 -21.55
N GLY A 88 -12.34 16.48 -22.73
CA GLY A 88 -13.68 16.68 -23.23
C GLY A 88 -14.37 15.37 -23.58
N LEU A 89 -13.61 14.40 -24.05
CA LEU A 89 -14.16 13.08 -24.35
C LEU A 89 -14.59 12.36 -23.07
N VAL A 90 -13.71 12.35 -22.07
CA VAL A 90 -14.04 11.78 -20.77
C VAL A 90 -15.29 12.43 -20.19
N GLN A 91 -15.39 13.76 -20.34
CA GLN A 91 -16.56 14.47 -19.82
C GLN A 91 -17.83 14.11 -20.58
N GLU A 92 -17.76 14.06 -21.92
CA GLU A 92 -18.97 13.86 -22.70
C GLU A 92 -19.60 12.49 -22.43
N TYR A 93 -18.78 11.46 -22.25
CA TYR A 93 -19.27 10.12 -22.05
C TYR A 93 -19.18 9.66 -20.61
N SER A 94 -18.87 10.57 -19.68
CA SER A 94 -18.80 10.27 -18.26
C SER A 94 -17.89 9.07 -17.99
N LEU A 95 -16.71 9.11 -18.60
CA LEU A 95 -15.77 8.01 -18.48
C LEU A 95 -15.02 8.10 -17.17
N SER A 96 -14.82 6.94 -16.53
CA SER A 96 -13.82 6.87 -15.49
C SER A 96 -12.44 6.95 -16.13
N SER A 97 -11.41 7.10 -15.29
CA SER A 97 -10.05 7.14 -15.80
C SER A 97 -9.71 5.84 -16.51
N GLN A 98 -10.03 4.70 -15.90
CA GLN A 98 -9.74 3.43 -16.55
C GLN A 98 -10.49 3.30 -17.87
N GLU A 99 -11.73 3.79 -17.93
CA GLU A 99 -12.46 3.75 -19.19
C GLU A 99 -11.78 4.62 -20.23
N GLY A 100 -11.34 5.81 -19.84
CA GLY A 100 -10.63 6.66 -20.76
C GLY A 100 -9.37 5.99 -21.30
N VAL A 101 -8.59 5.39 -20.41
CA VAL A 101 -7.38 4.67 -20.84
C VAL A 101 -7.75 3.52 -21.76
N ALA A 102 -8.73 2.70 -21.36
CA ALA A 102 -9.11 1.54 -22.17
C ALA A 102 -9.60 1.99 -23.53
N LEU A 103 -10.38 3.05 -23.58
CA LEU A 103 -10.87 3.58 -24.85
C LEU A 103 -9.71 3.98 -25.76
N MET A 104 -8.71 4.66 -25.20
CA MET A 104 -7.60 5.08 -26.06
C MET A 104 -6.80 3.88 -26.52
N CYS A 105 -6.66 2.85 -25.68
CA CYS A 105 -5.99 1.63 -26.11
C CYS A 105 -6.76 0.97 -27.24
N LEU A 106 -8.09 0.89 -27.11
CA LEU A 106 -8.90 0.36 -28.20
C LEU A 106 -8.71 1.18 -29.46
N ALA A 107 -8.74 2.51 -29.33
CA ALA A 107 -8.57 3.35 -30.50
C ALA A 107 -7.22 3.09 -31.15
N GLU A 108 -6.16 2.98 -30.34
CA GLU A 108 -4.83 2.66 -30.86
C GLU A 108 -4.85 1.35 -31.64
N ALA A 109 -5.50 0.32 -31.11
CA ALA A 109 -5.54 -0.96 -31.80
C ALA A 109 -6.33 -0.89 -33.09
N LEU A 110 -7.46 -0.18 -33.08
CA LEU A 110 -8.25 0.00 -34.29
C LEU A 110 -7.45 0.73 -35.36
N LEU A 111 -6.57 1.64 -34.94
CA LEU A 111 -5.74 2.35 -35.88
C LEU A 111 -4.62 1.48 -36.44
N ARG A 112 -4.36 0.32 -35.85
CA ARG A 112 -3.46 -0.65 -36.47
C ARG A 112 -4.08 -1.31 -37.68
N ILE A 113 -5.40 -1.19 -37.86
CA ILE A 113 -6.08 -1.62 -39.07
C ILE A 113 -5.88 -0.53 -40.13
N PRO A 114 -5.10 -0.79 -41.18
CA PRO A 114 -4.72 0.32 -42.08
C PRO A 114 -5.86 0.85 -42.92
N ASP A 115 -6.72 -0.01 -43.45
CA ASP A 115 -7.78 0.44 -44.32
C ASP A 115 -8.92 1.05 -43.52
N THR A 116 -9.32 2.26 -43.91
CA THR A 116 -10.32 3.00 -43.13
C THR A 116 -11.69 2.33 -43.16
N ALA A 117 -12.14 1.92 -44.35
CA ALA A 117 -13.46 1.30 -44.47
C ALA A 117 -13.52 -0.01 -43.71
N THR A 118 -12.44 -0.79 -43.73
CA THR A 118 -12.40 -2.01 -42.94
C THR A 118 -12.52 -1.69 -41.45
N ARG A 119 -11.80 -0.67 -41.00
CA ARG A 119 -11.82 -0.30 -39.59
C ARG A 119 -13.21 0.12 -39.15
N ASP A 120 -13.84 0.99 -39.94
CA ASP A 120 -15.19 1.46 -39.61
C ASP A 120 -16.20 0.32 -39.64
N ALA A 121 -16.00 -0.66 -40.51
CA ALA A 121 -16.89 -1.81 -40.55
C ALA A 121 -16.72 -2.68 -39.31
N LEU A 122 -15.47 -2.89 -38.88
CA LEU A 122 -15.24 -3.62 -37.65
C LEU A 122 -15.89 -2.91 -36.46
N ILE A 123 -15.78 -1.58 -36.42
CA ILE A 123 -16.37 -0.80 -35.33
C ILE A 123 -17.88 -0.98 -35.31
N ARG A 124 -18.53 -0.72 -36.44
CA ARG A 124 -20.00 -0.71 -36.48
C ARG A 124 -20.58 -2.11 -36.28
N ASP A 125 -19.98 -3.12 -36.90
CA ASP A 125 -20.60 -4.43 -37.01
C ASP A 125 -20.12 -5.43 -35.98
N LYS A 126 -19.02 -5.17 -35.27
CA LYS A 126 -18.46 -6.18 -34.38
C LYS A 126 -18.03 -5.60 -33.03
N ILE A 127 -17.42 -4.40 -33.03
CA ILE A 127 -16.92 -3.83 -31.80
C ILE A 127 -18.05 -3.21 -30.98
N ALA A 128 -18.90 -2.42 -31.64
CA ALA A 128 -19.89 -1.61 -30.92
C ALA A 128 -20.96 -2.47 -30.27
N ASP A 129 -21.40 -3.53 -30.96
CA ASP A 129 -22.56 -4.30 -30.55
C ASP A 129 -22.20 -5.68 -29.99
N GLY A 130 -20.93 -6.03 -29.93
CA GLY A 130 -20.54 -7.33 -29.45
C GLY A 130 -19.32 -7.32 -28.56
N ASN A 131 -18.72 -8.49 -28.38
CA ASN A 131 -17.50 -8.62 -27.59
C ASN A 131 -16.33 -8.12 -28.43
N TRP A 132 -15.72 -7.01 -28.00
CA TRP A 132 -14.51 -6.53 -28.65
C TRP A 132 -13.38 -7.53 -28.54
N LYS A 133 -13.40 -8.37 -27.49
CA LYS A 133 -12.31 -9.31 -27.25
C LYS A 133 -12.21 -10.34 -28.36
N SER A 134 -13.35 -10.81 -28.85
CA SER A 134 -13.38 -11.80 -29.92
C SER A 134 -12.81 -11.27 -31.23
N HIS A 135 -12.61 -9.96 -31.37
CA HIS A 135 -12.13 -9.38 -32.62
C HIS A 135 -10.78 -8.70 -32.53
N LEU A 136 -10.29 -8.39 -31.33
CA LEU A 136 -8.98 -7.76 -31.18
C LEU A 136 -8.27 -8.27 -29.92
N SER A 139 -3.49 -12.11 -29.88
CA SER A 139 -2.06 -12.34 -29.73
C SER A 139 -1.37 -11.20 -28.97
N ARG A 140 -1.92 -10.00 -29.10
CA ARG A 140 -1.34 -8.81 -28.49
C ARG A 140 -2.43 -8.13 -27.68
N SER A 141 -2.18 -7.93 -26.39
CA SER A 141 -3.15 -7.25 -25.56
C SER A 141 -3.46 -5.88 -26.14
N LEU A 142 -4.73 -5.49 -26.08
CA LEU A 142 -5.10 -4.14 -26.45
CA LEU A 142 -5.09 -4.14 -26.46
C LEU A 142 -4.37 -3.11 -25.61
N PHE A 143 -3.94 -3.49 -24.42
CA PHE A 143 -3.51 -2.57 -23.39
C PHE A 143 -2.00 -2.50 -23.25
N VAL A 144 -1.27 -2.95 -24.28
CA VAL A 144 0.19 -2.96 -24.24
C VAL A 144 0.74 -1.58 -23.89
N ASN A 145 0.15 -0.52 -24.43
CA ASN A 145 0.64 0.83 -24.18
C ASN A 145 -0.21 1.59 -23.18
N ALA A 146 -0.94 0.88 -22.32
CA ALA A 146 -1.84 1.58 -21.42
C ALA A 146 -1.09 2.47 -20.42
N ALA A 147 0.17 2.16 -20.11
CA ALA A 147 0.90 3.07 -19.22
C ALA A 147 1.05 4.45 -19.86
N THR A 148 1.26 4.46 -21.17
CA THR A 148 1.35 5.72 -21.91
C THR A 148 0.00 6.43 -21.93
N TRP A 149 -1.06 5.71 -22.32
CA TRP A 149 -2.37 6.33 -22.33
C TRP A 149 -2.81 6.74 -20.92
N GLY A 150 -2.35 6.01 -19.89
CA GLY A 150 -2.62 6.46 -18.54
C GLY A 150 -2.03 7.82 -18.25
N LEU A 151 -0.79 8.06 -18.73
CA LEU A 151 -0.23 9.40 -18.58
C LEU A 151 -1.07 10.43 -19.32
N VAL A 152 -1.55 10.08 -20.52
CA VAL A 152 -2.35 11.02 -21.29
C VAL A 152 -3.64 11.35 -20.57
N VAL A 153 -4.30 10.33 -20.02
CA VAL A 153 -5.63 10.52 -19.46
C VAL A 153 -5.55 11.08 -18.05
N THR A 154 -4.66 10.53 -17.22
CA THR A 154 -4.65 10.85 -15.80
C THR A 154 -3.49 11.75 -15.39
N GLY A 155 -2.46 11.87 -16.22
CA GLY A 155 -1.27 12.58 -15.80
C GLY A 155 -0.38 11.80 -14.87
N LYS A 156 -0.74 10.57 -14.53
CA LYS A 156 0.02 9.74 -13.60
C LYS A 156 0.57 8.53 -14.33
N LEU A 157 1.78 8.14 -13.98
CA LEU A 157 2.42 6.97 -14.56
C LEU A 157 2.19 5.78 -13.66
N THR A 158 1.66 4.70 -14.24
CA THR A 158 1.57 3.40 -13.60
C THR A 158 2.41 2.45 -14.43
N SER A 159 3.46 1.86 -13.83
CA SER A 159 4.50 1.17 -14.58
C SER A 159 3.98 -0.06 -15.31
N THR A 160 3.11 -0.84 -14.67
CA THR A 160 2.49 -1.97 -15.32
C THR A 160 1.00 -1.71 -15.49
N VAL A 161 0.38 -2.54 -16.30
CA VAL A 161 -0.96 -2.32 -16.83
C VAL A 161 -1.89 -3.27 -16.11
N ASN A 162 -2.94 -2.74 -15.47
CA ASN A 162 -3.94 -3.63 -14.92
C ASN A 162 -4.89 -3.96 -16.07
N ASP A 163 -4.52 -5.00 -16.81
CA ASP A 163 -5.24 -5.30 -18.04
C ASP A 163 -6.64 -5.85 -17.76
N ARG A 164 -6.85 -6.46 -16.59
CA ARG A 164 -8.19 -6.94 -16.29
CA ARG A 164 -8.18 -6.94 -16.28
C ARG A 164 -9.11 -5.79 -15.94
N SER A 165 -8.60 -4.78 -15.24
CA SER A 165 -9.39 -3.57 -14.98
C SER A 165 -9.71 -2.85 -16.27
N LEU A 166 -8.73 -2.76 -17.18
CA LEU A 166 -8.97 -2.10 -18.45
C LEU A 166 -9.94 -2.88 -19.31
N ALA A 167 -9.86 -4.22 -19.30
CA ALA A 167 -10.81 -5.00 -20.08
C ALA A 167 -12.22 -4.81 -19.56
N ALA A 168 -12.38 -4.81 -18.24
CA ALA A 168 -13.69 -4.58 -17.65
C ALA A 168 -14.20 -3.19 -18.02
N ALA A 169 -13.33 -2.19 -17.93
CA ALA A 169 -13.72 -0.82 -18.24
C ALA A 169 -14.12 -0.68 -19.69
N LEU A 170 -13.40 -1.34 -20.60
CA LEU A 170 -13.73 -1.24 -22.01
C LEU A 170 -15.05 -1.90 -22.32
N THR A 171 -15.29 -3.08 -21.76
CA THR A 171 -16.60 -3.71 -21.92
C THR A 171 -17.69 -2.80 -21.38
N ARG A 172 -17.46 -2.23 -20.20
CA ARG A 172 -18.46 -1.38 -19.57
C ARG A 172 -18.77 -0.17 -20.45
N LEU A 173 -17.74 0.50 -20.96
CA LEU A 173 -17.99 1.73 -21.68
C LEU A 173 -18.63 1.45 -23.03
N ILE A 174 -18.23 0.35 -23.68
CA ILE A 174 -18.84 0.03 -24.96
C ILE A 174 -20.30 -0.36 -24.77
N SER A 175 -20.57 -1.18 -23.76
CA SER A 175 -21.95 -1.60 -23.50
C SER A 175 -22.81 -0.42 -23.10
N ARG A 176 -22.21 0.61 -22.51
CA ARG A 176 -22.99 1.74 -22.06
C ARG A 176 -23.17 2.78 -23.16
N CYS A 177 -22.12 3.02 -23.95
CA CYS A 177 -22.10 4.14 -24.89
C CYS A 177 -22.01 3.75 -26.35
N GLY A 178 -21.58 2.53 -26.67
CA GLY A 178 -21.70 2.05 -28.03
C GLY A 178 -20.76 2.70 -29.02
N GLU A 179 -21.15 2.57 -30.30
CA GLU A 179 -20.34 3.09 -31.39
C GLU A 179 -19.96 4.56 -31.23
N PRO A 180 -20.84 5.47 -30.77
CA PRO A 180 -20.42 6.87 -30.70
C PRO A 180 -19.17 7.12 -29.89
N VAL A 181 -19.00 6.43 -28.75
CA VAL A 181 -17.79 6.67 -27.98
C VAL A 181 -16.57 6.06 -28.66
N ILE A 182 -16.75 4.93 -29.34
CA ILE A 182 -15.62 4.31 -30.04
C ILE A 182 -15.17 5.23 -31.15
N ARG A 183 -16.12 5.74 -31.92
CA ARG A 183 -15.82 6.69 -33.00
C ARG A 183 -15.03 7.88 -32.47
N ARG A 184 -15.51 8.46 -31.37
CA ARG A 184 -14.83 9.62 -30.80
C ARG A 184 -13.43 9.28 -30.33
N GLY A 185 -13.28 8.11 -29.72
CA GLY A 185 -11.95 7.69 -29.27
C GLY A 185 -11.01 7.46 -30.43
N VAL A 186 -11.51 6.81 -31.49
CA VAL A 186 -10.68 6.57 -32.67
C VAL A 186 -10.24 7.90 -33.29
N ASP A 187 -11.18 8.83 -33.41
CA ASP A 187 -10.83 10.12 -34.03
C ASP A 187 -9.84 10.87 -33.15
N MET A 188 -10.02 10.81 -31.84
CA MET A 188 -9.10 11.50 -30.93
C MET A 188 -7.70 10.90 -31.01
N ALA A 189 -7.61 9.57 -30.93
CA ALA A 189 -6.31 8.92 -31.00
C ALA A 189 -5.65 9.18 -32.35
N MET A 190 -6.43 9.19 -33.43
CA MET A 190 -5.87 9.47 -34.74
C MET A 190 -5.24 10.86 -34.78
N ARG A 191 -5.95 11.85 -34.25
CA ARG A 191 -5.43 13.21 -34.17
C ARG A 191 -4.19 13.27 -33.29
N MET A 192 -4.25 12.65 -32.11
CA MET A 192 -3.12 12.75 -31.19
C MET A 192 -1.89 12.07 -31.76
N MET A 193 -2.05 10.86 -32.29
CA MET A 193 -0.90 10.12 -32.77
CA MET A 193 -0.92 10.09 -32.78
C MET A 193 -0.45 10.54 -34.15
N GLY A 194 -1.23 11.33 -34.87
CA GLY A 194 -0.82 11.73 -36.20
C GLY A 194 -0.46 13.19 -36.31
N GLU A 195 -0.92 14.01 -35.35
CA GLU A 195 -0.77 15.46 -35.42
C GLU A 195 -0.27 16.11 -34.14
N GLN A 196 -0.31 15.43 -32.99
CA GLN A 196 0.13 16.03 -31.73
CA GLN A 196 0.13 16.03 -31.73
C GLN A 196 1.43 15.43 -31.23
N PHE A 197 1.49 14.11 -31.06
CA PHE A 197 2.73 13.49 -30.60
C PHE A 197 3.77 13.49 -31.69
N VAL A 198 3.35 13.63 -32.94
CA VAL A 198 4.26 13.83 -34.05
C VAL A 198 3.71 14.97 -34.89
N THR A 199 4.62 15.65 -35.57
CA THR A 199 4.18 16.62 -36.56
C THR A 199 3.57 15.91 -37.76
N GLY A 200 4.08 14.74 -38.09
CA GLY A 200 3.50 13.94 -39.14
C GLY A 200 4.09 12.55 -39.09
N GLU A 201 3.42 11.64 -39.80
CA GLU A 201 3.86 10.25 -39.79
C GLU A 201 5.13 10.06 -40.59
N THR A 202 5.30 10.87 -41.64
CA THR A 202 6.45 10.80 -42.51
C THR A 202 7.03 12.21 -42.61
N ILE A 203 8.28 12.28 -43.05
CA ILE A 203 8.91 13.59 -43.18
C ILE A 203 8.14 14.47 -44.18
N ARG A 204 7.62 13.87 -45.25
CA ARG A 204 6.85 14.68 -46.21
C ARG A 204 5.60 15.26 -45.59
N GLU A 205 4.89 14.46 -44.78
CA GLU A 205 3.71 14.96 -44.10
C GLU A 205 4.10 16.02 -43.08
N ALA A 206 5.18 15.79 -42.33
CA ALA A 206 5.63 16.76 -41.34
C ALA A 206 5.97 18.08 -42.01
N LEU A 207 6.69 18.02 -43.14
CA LEU A 207 7.07 19.23 -43.85
C LEU A 207 5.85 19.99 -44.35
N LYS A 208 4.85 19.26 -44.88
CA LYS A 208 3.64 19.94 -45.36
C LYS A 208 2.97 20.72 -44.24
N ARG A 209 2.92 20.13 -43.05
CA ARG A 209 2.25 20.77 -41.91
C ARG A 209 3.10 21.83 -41.23
N SER A 210 4.34 22.01 -41.66
CA SER A 210 5.21 22.99 -41.04
C SER A 210 5.07 24.38 -41.65
N LYS A 211 4.47 24.49 -42.85
CA LYS A 211 4.42 25.77 -43.54
C LYS A 211 3.66 26.81 -42.74
N GLU A 212 2.57 26.39 -42.08
CA GLU A 212 1.71 27.33 -41.37
C GLU A 212 2.49 28.13 -40.33
N LEU A 213 3.26 27.44 -39.48
CA LEU A 213 3.99 28.14 -38.44
C LEU A 213 5.27 28.78 -38.96
N GLU A 214 5.87 28.23 -40.01
CA GLU A 214 7.02 28.88 -40.62
C GLU A 214 6.64 30.26 -41.14
N GLU A 215 5.43 30.41 -41.68
CA GLU A 215 4.99 31.70 -42.20
C GLU A 215 4.87 32.73 -41.08
N LYS A 216 4.64 32.28 -39.86
CA LYS A 216 4.56 33.17 -38.70
C LYS A 216 5.92 33.52 -38.12
N GLY A 217 6.97 32.80 -38.50
CA GLY A 217 8.31 33.08 -37.99
C GLY A 217 8.91 31.94 -37.20
N PHE A 218 8.21 30.81 -37.07
CA PHE A 218 8.82 29.63 -36.48
C PHE A 218 9.75 28.96 -37.48
N SER A 219 10.65 28.14 -36.97
CA SER A 219 11.44 27.23 -37.77
C SER A 219 11.26 25.83 -37.20
N TYR A 220 11.91 24.85 -37.82
CA TYR A 220 11.70 23.47 -37.44
C TYR A 220 13.02 22.71 -37.38
N SER A 221 13.08 21.77 -36.46
CA SER A 221 14.11 20.74 -36.44
C SER A 221 13.38 19.42 -36.31
N TYR A 222 13.54 18.54 -37.28
CA TYR A 222 12.77 17.29 -37.29
C TYR A 222 13.49 16.20 -36.51
N ASP A 223 12.75 15.56 -35.61
CA ASP A 223 13.22 14.47 -34.77
C ASP A 223 12.64 13.18 -35.34
N MET A 224 13.50 12.35 -35.93
CA MET A 224 13.04 11.13 -36.58
C MET A 224 12.76 10.00 -35.60
N LEU A 225 12.93 10.25 -34.31
CA LEU A 225 12.47 9.37 -33.23
C LEU A 225 13.27 8.08 -33.13
N GLY A 226 14.37 7.95 -33.88
CA GLY A 226 15.21 6.78 -33.72
C GLY A 226 16.11 6.94 -32.51
N GLU A 227 16.37 5.82 -31.84
CA GLU A 227 17.33 5.81 -30.75
C GLU A 227 17.58 4.36 -30.38
N ALA A 228 18.69 4.15 -29.68
CA ALA A 228 18.98 2.86 -29.06
C ALA A 228 18.93 1.72 -30.08
N ALA A 229 19.69 1.85 -31.16
CA ALA A 229 19.84 0.74 -32.08
C ALA A 229 20.35 -0.48 -31.34
N THR A 230 19.73 -1.63 -31.61
CA THR A 230 20.13 -2.89 -30.98
C THR A 230 21.01 -3.74 -31.88
N THR A 231 20.85 -3.60 -33.20
CA THR A 231 21.57 -4.41 -34.17
C THR A 231 22.16 -3.49 -35.23
N ALA A 232 23.09 -4.06 -35.99
CA ALA A 232 23.63 -3.35 -37.16
C ALA A 232 22.50 -2.97 -38.11
N ALA A 233 21.55 -3.87 -38.32
CA ALA A 233 20.45 -3.57 -39.22
C ALA A 233 19.60 -2.42 -38.72
N ASP A 234 19.35 -2.38 -37.40
CA ASP A 234 18.64 -1.24 -36.82
C ASP A 234 19.36 0.05 -37.13
N ALA A 235 20.67 0.08 -36.90
CA ALA A 235 21.44 1.29 -37.10
C ALA A 235 21.43 1.70 -38.57
N GLU A 236 21.54 0.72 -39.48
CA GLU A 236 21.47 1.03 -40.90
C GLU A 236 20.09 1.57 -41.27
N ARG A 237 19.04 1.00 -40.69
CA ARG A 237 17.69 1.52 -40.93
CA ARG A 237 17.68 1.51 -40.93
C ARG A 237 17.55 2.95 -40.44
N TYR A 238 18.06 3.25 -39.24
CA TYR A 238 17.98 4.62 -38.76
C TYR A 238 18.82 5.54 -39.64
N TYR A 239 19.98 5.07 -40.09
CA TYR A 239 20.80 5.86 -40.99
C TYR A 239 20.02 6.24 -42.26
N ARG A 240 19.46 5.25 -42.95
CA ARG A 240 18.79 5.58 -44.21
CA ARG A 240 18.79 5.57 -44.20
C ARG A 240 17.55 6.43 -43.96
N ASP A 241 16.93 6.31 -42.78
CA ASP A 241 15.83 7.20 -42.44
C ASP A 241 16.32 8.63 -42.27
N TYR A 242 17.44 8.83 -41.57
CA TYR A 242 17.99 10.18 -41.47
C TYR A 242 18.39 10.73 -42.83
N GLU A 243 19.03 9.90 -43.65
CA GLU A 243 19.47 10.34 -44.97
C GLU A 243 18.27 10.76 -45.80
N SER A 244 17.22 9.94 -45.82
CA SER A 244 16.03 10.31 -46.59
C SER A 244 15.38 11.58 -46.04
N ALA A 245 15.37 11.74 -44.72
CA ALA A 245 14.80 12.95 -44.14
C ALA A 245 15.63 14.18 -44.51
N ILE A 246 16.95 14.06 -44.46
CA ILE A 246 17.78 15.21 -44.84
C ILE A 246 17.47 15.64 -46.26
N HIS A 247 17.29 14.67 -47.18
CA HIS A 247 16.94 15.06 -48.54
C HIS A 247 15.63 15.83 -48.56
N ALA A 248 14.61 15.31 -47.89
CA ALA A 248 13.31 15.97 -47.91
C ALA A 248 13.38 17.34 -47.27
N ILE A 249 14.07 17.45 -46.13
CA ILE A 249 14.20 18.71 -45.44
C ILE A 249 15.01 19.69 -46.27
N GLY A 250 16.10 19.21 -46.87
CA GLY A 250 16.93 20.10 -47.66
C GLY A 250 16.23 20.57 -48.91
N LYS A 251 15.48 19.68 -49.56
CA LYS A 251 14.69 20.09 -50.72
C LYS A 251 13.70 21.16 -50.32
N ALA A 252 13.05 20.99 -49.16
CA ALA A 252 12.04 21.93 -48.71
C ALA A 252 12.68 23.21 -48.21
N SER A 253 13.84 23.12 -47.56
CA SER A 253 14.53 24.31 -47.11
C SER A 253 14.75 25.26 -48.27
N ALA A 254 15.13 24.72 -49.43
CA ALA A 254 15.21 25.48 -50.67
C ALA A 254 16.07 26.73 -50.50
N GLY A 255 17.21 26.56 -49.85
CA GLY A 255 18.16 27.66 -49.73
C GLY A 255 17.88 28.65 -48.63
N ARG A 256 16.93 28.36 -47.74
CA ARG A 256 16.65 29.29 -46.64
C ARG A 256 17.78 29.35 -45.63
N GLY A 257 18.67 28.37 -45.62
CA GLY A 257 19.80 28.42 -44.71
C GLY A 257 19.47 27.83 -43.35
N ILE A 258 20.48 27.86 -42.48
CA ILE A 258 20.39 27.09 -41.25
C ILE A 258 19.56 27.76 -40.17
N TYR A 259 19.30 29.07 -40.28
CA TYR A 259 18.54 29.76 -39.24
C TYR A 259 17.08 29.89 -39.58
N GLU A 260 16.75 30.39 -40.77
CA GLU A 260 15.36 30.45 -41.18
C GLU A 260 14.82 29.09 -41.57
N GLY A 261 15.67 28.25 -42.17
CA GLY A 261 15.21 27.02 -42.76
C GLY A 261 15.24 25.89 -41.76
N PRO A 262 14.56 24.81 -42.11
CA PRO A 262 14.46 23.66 -41.21
C PRO A 262 15.78 22.88 -41.14
N GLY A 263 15.91 22.12 -40.07
CA GLY A 263 17.03 21.21 -39.94
C GLY A 263 16.59 19.87 -39.41
N ILE A 264 17.54 19.02 -39.06
CA ILE A 264 17.26 17.69 -38.55
C ILE A 264 18.00 17.52 -37.24
N SER A 265 17.45 16.66 -36.38
CA SER A 265 18.10 16.24 -35.15
C SER A 265 18.32 14.75 -35.22
N ILE A 266 19.46 14.30 -34.71
CA ILE A 266 19.82 12.89 -34.71
C ILE A 266 20.21 12.49 -33.31
N LYS A 267 20.09 11.20 -33.02
CA LYS A 267 20.62 10.64 -31.81
C LYS A 267 21.73 9.67 -32.18
N LEU A 268 22.90 9.84 -31.58
CA LEU A 268 24.01 8.95 -31.92
C LEU A 268 23.69 7.52 -31.57
N SER A 269 22.87 7.28 -30.53
CA SER A 269 22.55 5.91 -30.19
C SER A 269 21.75 5.21 -31.27
N ALA A 270 21.11 5.97 -32.17
CA ALA A 270 20.40 5.35 -33.28
C ALA A 270 21.34 4.84 -34.36
N LEU A 271 22.57 5.34 -34.38
CA LEU A 271 23.44 5.10 -35.52
C LEU A 271 24.48 4.03 -35.26
N HIS A 272 24.51 3.45 -34.06
CA HIS A 272 25.44 2.35 -33.86
C HIS A 272 24.89 1.54 -32.71
N PRO A 273 24.91 0.21 -32.79
CA PRO A 273 24.35 -0.60 -31.70
C PRO A 273 25.22 -0.67 -30.47
N ARG A 274 26.48 -0.23 -30.54
CA ARG A 274 27.36 -0.25 -29.38
C ARG A 274 27.92 1.14 -29.12
N TYR A 275 27.04 2.10 -28.94
CA TYR A 275 27.44 3.48 -28.70
C TYR A 275 27.68 3.62 -27.20
N SER A 276 28.94 3.46 -26.81
CA SER A 276 29.32 3.54 -25.41
C SER A 276 30.82 3.80 -25.32
N ARG A 277 31.23 4.34 -24.18
CA ARG A 277 32.64 4.57 -23.94
C ARG A 277 33.43 3.27 -24.02
N ALA A 278 32.85 2.16 -23.54
CA ALA A 278 33.59 0.90 -23.60
C ALA A 278 33.92 0.51 -25.02
N GLN A 279 33.09 0.92 -25.98
CA GLN A 279 33.28 0.62 -27.39
C GLN A 279 33.72 1.84 -28.17
N ALA A 280 34.47 2.74 -27.51
CA ALA A 280 34.81 4.02 -28.13
C ALA A 280 35.52 3.85 -29.47
N ALA A 281 36.40 2.84 -29.58
CA ALA A 281 37.12 2.66 -30.83
C ALA A 281 36.17 2.30 -31.97
N ARG A 282 35.18 1.46 -31.69
CA ARG A 282 34.18 1.17 -32.72
C ARG A 282 33.35 2.40 -33.03
N VAL A 283 33.04 3.20 -32.00
CA VAL A 283 32.26 4.41 -32.23
C VAL A 283 32.99 5.35 -33.17
N MET A 284 34.27 5.59 -32.90
CA MET A 284 35.02 6.51 -33.75
C MET A 284 35.25 5.92 -35.14
N GLY A 285 35.39 4.60 -35.23
CA GLY A 285 35.67 3.99 -36.52
C GLY A 285 34.45 3.77 -37.37
N GLU A 286 33.31 3.55 -36.75
CA GLU A 286 32.12 3.11 -37.47
C GLU A 286 30.96 4.08 -37.36
N LEU A 287 30.77 4.72 -36.20
CA LEU A 287 29.68 5.66 -36.05
CA LEU A 287 29.68 5.66 -36.05
C LEU A 287 30.03 7.00 -36.67
N LEU A 288 31.21 7.51 -36.34
CA LEU A 288 31.66 8.80 -36.87
C LEU A 288 31.52 8.93 -38.38
N PRO A 289 31.99 7.98 -39.22
CA PRO A 289 31.80 8.15 -40.67
C PRO A 289 30.35 8.28 -41.08
N ARG A 290 29.44 7.62 -40.36
CA ARG A 290 28.02 7.74 -40.68
C ARG A 290 27.51 9.14 -40.38
N VAL A 291 27.89 9.69 -39.22
CA VAL A 291 27.51 11.07 -38.93
C VAL A 291 28.11 12.01 -39.95
N LYS A 292 29.37 11.78 -40.32
CA LYS A 292 29.99 12.64 -41.30
C LYS A 292 29.24 12.60 -42.61
N ALA A 293 28.82 11.42 -43.05
CA ALA A 293 28.11 11.33 -44.32
C ALA A 293 26.80 12.10 -44.25
N LEU A 294 26.07 11.99 -43.14
CA LEU A 294 24.85 12.77 -42.97
C LEU A 294 25.16 14.25 -42.93
N ALA A 295 26.24 14.62 -42.24
CA ALA A 295 26.59 16.04 -42.13
C ALA A 295 26.97 16.61 -43.49
N LEU A 296 27.67 15.82 -44.32
CA LEU A 296 28.01 16.29 -45.65
C LEU A 296 26.76 16.57 -46.47
N LEU A 297 25.73 15.75 -46.31
CA LEU A 297 24.48 16.01 -47.02
C LEU A 297 23.80 17.24 -46.47
N ALA A 298 23.77 17.39 -45.14
CA ALA A 298 23.21 18.60 -44.54
C ALA A 298 23.96 19.84 -45.01
N LYS A 299 25.29 19.75 -45.12
CA LYS A 299 26.07 20.85 -45.65
C LYS A 299 25.64 21.21 -47.06
N ASN A 300 25.41 20.21 -47.91
CA ASN A 300 25.11 20.53 -49.30
C ASN A 300 23.78 21.27 -49.40
N TYR A 301 22.79 20.88 -48.60
CA TYR A 301 21.52 21.57 -48.57
C TYR A 301 21.54 22.80 -47.68
N ASP A 302 22.60 22.97 -46.88
CA ASP A 302 22.72 24.07 -45.94
C ASP A 302 21.57 24.08 -44.92
N ILE A 303 21.42 22.95 -44.24
CA ILE A 303 20.45 22.81 -43.17
C ILE A 303 21.18 22.47 -41.88
N GLY A 304 20.51 22.69 -40.77
CA GLY A 304 21.07 22.31 -39.48
C GLY A 304 21.04 20.81 -39.29
N LEU A 305 22.06 20.29 -38.62
CA LEU A 305 22.10 18.89 -38.18
C LEU A 305 22.52 18.91 -36.73
N ASN A 306 21.58 18.56 -35.84
CA ASN A 306 21.80 18.66 -34.41
C ASN A 306 22.00 17.27 -33.83
N ILE A 307 23.01 17.13 -32.98
CA ILE A 307 23.22 15.91 -32.22
C ILE A 307 22.51 16.06 -30.88
N ASP A 308 21.45 15.28 -30.67
CA ASP A 308 20.71 15.28 -29.42
C ASP A 308 21.58 14.70 -28.30
N ALA A 309 21.32 15.15 -27.08
CA ALA A 309 22.05 14.65 -25.92
C ALA A 309 21.26 13.55 -25.24
N GLU A 310 21.99 12.51 -24.83
CA GLU A 310 21.34 11.33 -24.27
C GLU A 310 21.81 11.10 -22.83
N GLU A 311 22.17 9.87 -22.50
CA GLU A 311 22.53 9.57 -21.13
C GLU A 311 23.84 10.23 -20.74
N ALA A 312 24.00 10.45 -19.44
CA ALA A 312 25.20 11.14 -18.95
C ALA A 312 26.49 10.41 -19.31
N ASP A 313 26.46 9.09 -19.39
CA ASP A 313 27.68 8.36 -19.71
C ASP A 313 28.03 8.39 -21.20
N ARG A 314 27.23 9.10 -22.00
CA ARG A 314 27.55 9.29 -23.40
C ARG A 314 27.97 10.71 -23.71
N LEU A 315 27.88 11.62 -22.75
CA LEU A 315 28.19 13.02 -23.01
C LEU A 315 29.61 13.17 -23.53
N GLU A 316 30.60 12.71 -22.75
CA GLU A 316 31.97 13.00 -23.13
C GLU A 316 32.39 12.26 -24.40
N LEU A 317 31.89 11.03 -24.58
CA LEU A 317 32.13 10.33 -25.84
C LEU A 317 31.62 11.13 -27.03
N SER A 318 30.43 11.73 -26.88
CA SER A 318 29.87 12.48 -28.01
C SER A 318 30.73 13.69 -28.36
N LEU A 319 31.45 14.23 -27.37
CA LEU A 319 32.34 15.35 -27.63
C LEU A 319 33.47 14.96 -28.56
N ASP A 320 33.92 13.71 -28.50
CA ASP A 320 34.96 13.28 -29.42
C ASP A 320 34.46 13.27 -30.86
N LEU A 321 33.20 12.92 -31.06
CA LEU A 321 32.63 13.01 -32.41
C LEU A 321 32.46 14.45 -32.83
N LEU A 322 31.95 15.30 -31.93
CA LEU A 322 31.78 16.71 -32.28
C LEU A 322 33.12 17.32 -32.66
N GLU A 323 34.18 16.99 -31.92
CA GLU A 323 35.49 17.55 -32.21
C GLU A 323 35.97 17.13 -33.60
N VAL A 324 35.92 15.83 -33.90
CA VAL A 324 36.41 15.38 -35.20
C VAL A 324 35.61 16.02 -36.32
N LEU A 325 34.29 16.09 -36.18
CA LEU A 325 33.47 16.65 -37.25
C LEU A 325 33.77 18.13 -37.44
N CYS A 326 33.93 18.87 -36.35
CA CYS A 326 34.16 20.30 -36.49
C CYS A 326 35.54 20.61 -37.04
N LEU A 327 36.49 19.71 -36.91
CA LEU A 327 37.83 19.88 -37.44
C LEU A 327 37.99 19.27 -38.82
N ASP A 328 36.96 18.61 -39.34
CA ASP A 328 37.04 17.94 -40.63
C ASP A 328 36.84 18.96 -41.74
N GLY A 329 37.90 19.17 -42.54
CA GLY A 329 37.83 20.13 -43.62
C GLY A 329 36.74 19.86 -44.63
N ASP A 330 36.30 18.60 -44.77
CA ASP A 330 35.24 18.32 -45.75
C ASP A 330 33.93 18.98 -45.38
N LEU A 331 33.75 19.36 -44.12
CA LEU A 331 32.53 20.00 -43.66
C LEU A 331 32.67 21.52 -43.57
N SER A 332 33.80 22.06 -44.02
CA SER A 332 34.02 23.48 -43.83
C SER A 332 33.06 24.28 -44.69
N GLY A 333 32.76 25.49 -44.24
CA GLY A 333 31.85 26.36 -44.94
C GLY A 333 30.42 26.25 -44.49
N TRP A 334 30.11 25.27 -43.65
CA TRP A 334 28.76 25.00 -43.18
C TRP A 334 28.73 25.18 -41.68
N ASN A 335 27.78 25.96 -41.20
CA ASN A 335 27.64 26.26 -39.78
C ASN A 335 26.46 25.54 -39.16
N GLY A 336 25.93 24.53 -39.85
CA GLY A 336 24.73 23.87 -39.38
C GLY A 336 24.94 22.79 -38.34
N MET A 337 26.17 22.41 -38.01
CA MET A 337 26.36 21.39 -36.99
CA MET A 337 26.36 21.39 -36.99
C MET A 337 25.87 21.90 -35.64
N GLY A 338 25.03 21.11 -34.98
CA GLY A 338 24.44 21.49 -33.72
C GLY A 338 24.68 20.42 -32.67
N PHE A 339 24.60 20.84 -31.43
CA PHE A 339 24.92 19.94 -30.33
C PHE A 339 24.14 20.39 -29.10
N VAL A 340 23.49 19.43 -28.47
CA VAL A 340 22.70 19.69 -27.26
C VAL A 340 23.58 19.58 -26.03
N VAL A 341 23.36 20.46 -25.07
CA VAL A 341 23.95 20.35 -23.75
CA VAL A 341 23.95 20.35 -23.75
C VAL A 341 22.84 20.44 -22.72
N GLN A 342 22.91 19.57 -21.72
CA GLN A 342 21.85 19.39 -20.73
C GLN A 342 22.22 20.14 -19.45
N ALA A 343 21.45 21.19 -19.14
CA ALA A 343 21.71 22.02 -17.97
C ALA A 343 21.47 21.30 -16.65
N TYR A 344 20.74 20.18 -16.66
CA TYR A 344 20.66 19.41 -15.43
C TYR A 344 21.95 18.70 -15.10
N GLY A 345 22.93 18.71 -16.00
CA GLY A 345 24.18 18.02 -15.76
C GLY A 345 25.22 18.93 -15.13
N LYS A 346 25.98 18.35 -14.20
CA LYS A 346 26.98 19.11 -13.46
C LYS A 346 28.11 19.57 -14.35
N ARG A 347 28.32 18.91 -15.48
CA ARG A 347 29.39 19.27 -16.39
C ARG A 347 29.00 20.36 -17.36
N CYS A 348 27.72 20.76 -17.41
CA CYS A 348 27.20 21.65 -18.45
C CYS A 348 28.06 22.87 -18.75
N PRO A 349 28.38 23.72 -17.76
CA PRO A 349 29.17 24.92 -18.10
C PRO A 349 30.53 24.59 -18.64
N PHE A 350 31.13 23.50 -18.19
CA PHE A 350 32.45 23.11 -18.67
C PHE A 350 32.38 22.52 -20.07
N VAL A 351 31.28 21.82 -20.35
CA VAL A 351 31.03 21.37 -21.71
C VAL A 351 30.88 22.57 -22.63
N LEU A 352 30.14 23.59 -22.19
CA LEU A 352 29.98 24.80 -22.98
C LEU A 352 31.32 25.48 -23.21
N ASP A 353 32.16 25.57 -22.17
CA ASP A 353 33.49 26.13 -22.37
C ASP A 353 34.24 25.37 -23.44
N PHE A 354 34.15 24.03 -23.41
CA PHE A 354 34.81 23.22 -24.41
C PHE A 354 34.23 23.50 -25.80
N ILE A 355 32.91 23.54 -25.91
CA ILE A 355 32.27 23.73 -27.22
C ILE A 355 32.59 25.11 -27.78
N ILE A 356 32.52 26.15 -26.94
CA ILE A 356 32.82 27.50 -27.40
C ILE A 356 34.25 27.57 -27.91
N ASP A 357 35.18 26.94 -27.19
CA ASP A 357 36.56 26.93 -27.64
C ASP A 357 36.71 26.13 -28.93
N LEU A 358 36.01 25.01 -29.06
CA LEU A 358 36.05 24.24 -30.30
C LEU A 358 35.51 25.07 -31.46
N ALA A 359 34.44 25.82 -31.21
CA ALA A 359 33.89 26.69 -32.25
C ALA A 359 34.91 27.75 -32.65
N ARG A 360 35.65 28.29 -31.67
CA ARG A 360 36.70 29.25 -31.98
C ARG A 360 37.81 28.61 -32.81
N ARG A 361 38.29 27.44 -32.38
CA ARG A 361 39.39 26.79 -33.07
C ARG A 361 39.01 26.39 -34.49
N SER A 362 37.83 25.82 -34.65
CA SER A 362 37.39 25.33 -35.94
C SER A 362 36.83 26.43 -36.82
N GLY A 363 36.43 27.55 -36.22
CA GLY A 363 35.74 28.57 -36.97
C GLY A 363 34.33 28.21 -37.38
N ARG A 364 33.77 27.14 -36.80
CA ARG A 364 32.39 26.72 -37.05
C ARG A 364 31.51 27.34 -35.98
N ARG A 365 30.44 28.00 -36.40
CA ARG A 365 29.53 28.62 -35.44
C ARG A 365 28.56 27.54 -34.97
N ILE A 366 29.01 26.78 -33.97
CA ILE A 366 28.26 25.62 -33.53
C ILE A 366 26.90 26.04 -33.01
N MET A 367 25.86 25.34 -33.45
CA MET A 367 24.51 25.59 -32.95
C MET A 367 24.37 24.82 -31.66
N VAL A 368 24.23 25.52 -30.55
CA VAL A 368 24.24 24.89 -29.24
C VAL A 368 22.83 24.96 -28.71
N ARG A 369 22.18 23.80 -28.58
CA ARG A 369 20.85 23.74 -27.99
C ARG A 369 21.02 23.48 -26.51
N LEU A 370 20.63 24.45 -25.70
CA LEU A 370 20.62 24.29 -24.26
C LEU A 370 19.27 23.75 -23.83
N VAL A 371 19.28 22.58 -23.19
CA VAL A 371 18.07 21.97 -22.69
C VAL A 371 18.30 21.71 -21.21
N LYS A 372 17.22 21.35 -20.50
CA LYS A 372 17.43 20.96 -19.12
C LYS A 372 17.89 19.51 -19.02
N GLY A 373 17.14 18.59 -19.60
CA GLY A 373 17.58 17.21 -19.71
C GLY A 373 16.43 16.24 -19.60
N ALA A 374 16.46 15.16 -20.35
CA ALA A 374 15.28 14.29 -20.46
C ALA A 374 15.38 12.99 -19.66
N TYR A 375 16.51 12.69 -19.03
CA TYR A 375 16.77 11.37 -18.48
C TYR A 375 16.94 11.38 -16.97
N TRP A 376 16.33 12.36 -16.30
CA TRP A 376 16.67 12.61 -14.91
C TRP A 376 16.48 11.38 -14.02
N ASP A 377 15.27 10.80 -14.02
CA ASP A 377 15.05 9.70 -13.10
C ASP A 377 15.93 8.50 -13.42
N ALA A 378 16.27 8.31 -14.70
CA ALA A 378 17.14 7.21 -15.07
C ALA A 378 18.56 7.46 -14.57
N GLU A 379 19.00 8.72 -14.57
CA GLU A 379 20.33 9.02 -14.06
C GLU A 379 20.41 8.77 -12.57
N ILE A 380 19.33 9.07 -11.84
CA ILE A 380 19.33 8.79 -10.40
C ILE A 380 19.46 7.30 -10.16
N LYS A 381 18.63 6.51 -10.86
CA LYS A 381 18.66 5.06 -10.68
C LYS A 381 20.03 4.48 -11.04
N ARG A 382 20.58 4.90 -12.17
CA ARG A 382 21.85 4.34 -12.63
C ARG A 382 22.97 4.61 -11.62
N ALA A 383 23.07 5.84 -11.12
CA ALA A 383 24.13 6.15 -10.16
C ALA A 383 23.98 5.33 -8.89
N GLN A 384 22.74 5.13 -8.45
CA GLN A 384 22.51 4.33 -7.25
C GLN A 384 22.89 2.88 -7.50
N LEU A 385 22.46 2.31 -8.64
CA LEU A 385 22.79 0.92 -8.94
C LEU A 385 24.30 0.73 -9.00
N ASP A 386 25.01 1.69 -9.59
CA ASP A 386 26.43 1.52 -9.79
C ASP A 386 27.25 1.91 -8.57
N GLY A 387 26.60 2.34 -7.50
CA GLY A 387 27.32 2.69 -6.28
C GLY A 387 28.34 3.79 -6.48
N LEU A 388 27.99 4.80 -7.26
CA LEU A 388 28.97 5.82 -7.60
C LEU A 388 28.95 6.96 -6.59
N ALA A 389 29.93 7.85 -6.69
CA ALA A 389 30.16 8.81 -5.63
C ALA A 389 29.00 9.78 -5.47
N ASP A 390 28.35 10.14 -6.57
CA ASP A 390 27.32 11.17 -6.58
C ASP A 390 26.60 11.05 -7.92
N PHE A 391 25.65 11.90 -8.11
CA PHE A 391 24.92 11.89 -9.37
C PHE A 391 25.59 12.80 -10.38
N PRO A 392 25.43 12.50 -11.67
CA PRO A 392 25.94 13.38 -12.72
C PRO A 392 24.96 14.47 -13.10
N VAL A 393 23.84 14.53 -12.39
CA VAL A 393 22.82 15.54 -12.58
C VAL A 393 22.47 16.12 -11.22
N PHE A 394 21.84 17.29 -11.25
CA PHE A 394 21.32 17.87 -10.04
C PHE A 394 20.14 17.04 -9.53
N THR A 395 19.82 17.23 -8.26
CA THR A 395 18.72 16.52 -7.65
C THR A 395 17.59 17.41 -7.20
N ARG A 396 17.76 18.73 -7.20
CA ARG A 396 16.65 19.64 -7.03
C ARG A 396 16.38 20.35 -8.34
N LYS A 397 15.10 20.38 -8.72
CA LYS A 397 14.75 20.96 -10.02
C LYS A 397 15.23 22.40 -10.12
N ILE A 398 15.19 23.15 -9.01
CA ILE A 398 15.56 24.54 -9.05
C ILE A 398 17.04 24.70 -9.38
N HIS A 399 17.86 23.70 -9.02
CA HIS A 399 19.27 23.75 -9.37
C HIS A 399 19.46 23.68 -10.87
N THR A 400 18.69 22.82 -11.53
CA THR A 400 18.74 22.76 -12.98
C THR A 400 18.34 24.09 -13.60
N ASP A 401 17.33 24.76 -13.02
CA ASP A 401 16.90 26.05 -13.54
C ASP A 401 18.00 27.08 -13.43
N VAL A 402 18.68 27.15 -12.27
CA VAL A 402 19.79 28.07 -12.11
C VAL A 402 20.91 27.72 -13.08
N SER A 403 21.23 26.44 -13.18
CA SER A 403 22.25 25.98 -14.13
C SER A 403 21.91 26.45 -15.54
N TYR A 404 20.64 26.27 -15.93
CA TYR A 404 20.23 26.68 -17.27
C TYR A 404 20.47 28.18 -17.49
N ILE A 405 20.07 29.01 -16.53
CA ILE A 405 20.23 30.45 -16.69
C ILE A 405 21.70 30.82 -16.69
N ALA A 406 22.50 30.20 -15.84
CA ALA A 406 23.94 30.47 -15.81
C ALA A 406 24.59 30.08 -17.13
N CYS A 407 24.18 28.95 -17.69
CA CYS A 407 24.73 28.54 -18.97
C CYS A 407 24.23 29.42 -20.11
N ALA A 408 23.01 29.94 -19.99
CA ALA A 408 22.54 30.90 -20.99
C ALA A 408 23.37 32.17 -20.96
N ALA A 409 23.79 32.60 -19.77
CA ALA A 409 24.65 33.77 -19.67
C ALA A 409 25.97 33.53 -20.38
N LYS A 410 26.54 32.34 -20.23
CA LYS A 410 27.79 32.00 -20.91
C LYS A 410 27.59 31.99 -22.42
N LEU A 411 26.50 31.39 -22.89
CA LEU A 411 26.22 31.32 -24.31
C LEU A 411 25.97 32.70 -24.90
N LEU A 412 25.24 33.55 -24.18
CA LEU A 412 24.93 34.87 -24.72
C LEU A 412 26.16 35.76 -24.79
N ALA A 413 27.21 35.43 -24.05
CA ALA A 413 28.48 36.14 -24.19
C ALA A 413 29.30 35.68 -25.39
N ALA A 414 28.84 34.64 -26.09
CA ALA A 414 29.64 34.02 -27.15
C ALA A 414 28.85 33.88 -28.46
N THR A 415 27.87 34.75 -28.68
CA THR A 415 27.06 34.66 -29.90
C THR A 415 27.87 34.93 -31.16
N ASP A 416 29.06 35.53 -31.05
CA ASP A 416 29.89 35.64 -32.23
C ASP A 416 30.47 34.30 -32.66
N VAL A 417 30.60 33.33 -31.76
CA VAL A 417 31.25 32.08 -32.10
C VAL A 417 30.32 30.87 -32.04
N VAL A 418 29.21 30.94 -31.31
CA VAL A 418 28.20 29.88 -31.30
C VAL A 418 26.83 30.49 -31.51
N PHE A 419 25.88 29.64 -31.86
CA PHE A 419 24.50 30.06 -32.04
C PHE A 419 23.69 29.43 -30.92
N PRO A 420 23.36 30.18 -29.86
CA PRO A 420 22.62 29.56 -28.74
C PRO A 420 21.18 29.32 -29.13
N GLN A 421 20.65 28.19 -28.66
CA GLN A 421 19.28 27.79 -28.94
C GLN A 421 18.70 27.38 -27.60
N PHE A 422 17.78 28.17 -27.09
CA PHE A 422 17.28 27.97 -25.73
C PHE A 422 15.98 27.19 -25.79
N ALA A 423 16.10 25.88 -25.59
CA ALA A 423 14.97 24.96 -25.64
C ALA A 423 14.36 24.91 -24.26
N THR A 424 13.15 25.46 -24.11
CA THR A 424 12.45 25.37 -22.83
C THR A 424 10.98 25.73 -23.03
N HIS A 425 10.13 25.10 -22.23
CA HIS A 425 8.73 25.46 -22.17
C HIS A 425 8.42 26.29 -20.94
N ASN A 426 9.43 26.64 -20.16
CA ASN A 426 9.23 27.34 -18.89
C ASN A 426 9.26 28.83 -19.16
N ALA A 427 8.13 29.51 -18.96
CA ALA A 427 8.03 30.93 -19.29
C ALA A 427 8.94 31.78 -18.40
N GLN A 428 9.23 31.32 -17.19
CA GLN A 428 10.15 32.05 -16.32
C GLN A 428 11.57 31.97 -16.87
N THR A 429 12.00 30.75 -17.21
CA THR A 429 13.31 30.58 -17.86
C THR A 429 13.39 31.42 -19.12
N LEU A 430 12.35 31.37 -19.95
CA LEU A 430 12.33 32.12 -21.20
C LEU A 430 12.48 33.61 -20.93
N ALA A 431 11.66 34.14 -20.04
CA ALA A 431 11.67 35.58 -19.76
C ALA A 431 13.03 36.02 -19.24
N ALA A 432 13.63 35.21 -18.36
CA ALA A 432 14.95 35.57 -17.83
C ALA A 432 15.96 35.70 -18.94
N ILE A 433 15.93 34.80 -19.92
CA ILE A 433 16.89 34.83 -21.00
C ILE A 433 16.56 35.92 -22.00
N TYR A 434 15.28 36.13 -22.27
CA TYR A 434 14.86 37.20 -23.16
C TYR A 434 15.41 38.54 -22.69
N HIS A 435 15.31 38.81 -21.40
CA HIS A 435 15.83 40.07 -20.89
C HIS A 435 17.35 40.04 -20.75
N MET A 436 17.91 38.88 -20.41
CA MET A 436 19.37 38.76 -20.36
C MET A 436 20.00 39.08 -21.70
N ALA A 437 19.36 38.67 -22.79
CA ALA A 437 19.92 38.87 -24.12
C ALA A 437 19.91 40.33 -24.54
N GLY A 438 19.05 41.14 -23.94
CA GLY A 438 19.10 42.56 -24.20
C GLY A 438 18.34 42.96 -25.45
N LYS A 439 18.49 44.25 -25.78
CA LYS A 439 17.66 44.88 -26.79
C LYS A 439 18.10 44.56 -28.22
N ASP A 440 19.39 44.33 -28.43
CA ASP A 440 19.89 44.13 -29.79
C ASP A 440 19.63 42.70 -30.22
N PHE A 441 18.90 42.54 -31.32
CA PHE A 441 18.64 41.21 -31.84
C PHE A 441 18.62 41.21 -33.35
N HIS A 442 19.11 40.11 -33.91
CA HIS A 442 18.93 39.82 -35.32
C HIS A 442 18.76 38.31 -35.44
N VAL A 443 18.02 37.89 -36.47
CA VAL A 443 17.90 36.46 -36.72
C VAL A 443 19.29 35.90 -36.99
N GLY A 444 19.64 34.83 -36.30
CA GLY A 444 20.98 34.29 -36.32
C GLY A 444 21.77 34.58 -35.06
N LYS A 445 21.31 35.51 -34.22
CA LYS A 445 22.05 35.76 -32.99
C LYS A 445 21.83 34.63 -31.99
N TYR A 446 20.56 34.32 -31.70
CA TYR A 446 20.18 33.16 -30.91
CA TYR A 446 20.17 33.19 -30.88
C TYR A 446 18.73 32.88 -31.22
N GLU A 447 18.22 31.76 -30.70
CA GLU A 447 16.81 31.49 -30.88
C GLU A 447 16.30 30.74 -29.65
N PHE A 448 14.99 30.67 -29.54
CA PHE A 448 14.37 29.73 -28.62
C PHE A 448 13.98 28.47 -29.36
N GLN A 449 13.66 27.43 -28.59
CA GLN A 449 13.17 26.20 -29.18
C GLN A 449 12.11 25.61 -28.28
N CYS A 450 11.23 24.83 -28.88
CA CYS A 450 10.17 24.18 -28.14
C CYS A 450 9.80 22.88 -28.85
N LEU A 451 8.99 22.09 -28.16
CA LEU A 451 8.52 20.83 -28.69
C LEU A 451 7.21 21.04 -29.41
N HIS A 452 7.09 20.41 -30.58
CA HIS A 452 5.83 20.40 -31.31
C HIS A 452 4.68 19.93 -30.42
N GLY A 453 3.52 20.57 -30.58
CA GLY A 453 2.34 20.13 -29.86
C GLY A 453 2.46 20.26 -28.36
N MET A 454 3.31 21.17 -27.90
CA MET A 454 3.53 21.37 -26.47
C MET A 454 3.91 22.82 -26.23
N GLY A 455 4.87 23.32 -26.99
CA GLY A 455 5.38 24.66 -26.77
C GLY A 455 4.73 25.76 -27.58
N GLU A 456 3.89 25.42 -28.55
CA GLU A 456 3.28 26.46 -29.38
C GLU A 456 2.46 27.48 -28.61
N PRO A 457 1.62 27.10 -27.63
CA PRO A 457 0.88 28.14 -26.91
C PRO A 457 1.78 29.19 -26.28
N LEU A 458 2.91 28.77 -25.69
CA LEU A 458 3.86 29.72 -25.13
C LEU A 458 4.52 30.54 -26.24
N TYR A 459 5.04 29.86 -27.27
CA TYR A 459 5.84 30.59 -28.24
C TYR A 459 5.02 31.40 -29.23
N GLU A 460 3.70 31.13 -29.35
CA GLU A 460 2.83 32.04 -30.07
C GLU A 460 2.74 33.40 -29.37
N GLU A 461 3.15 33.47 -28.12
CA GLU A 461 3.28 34.71 -27.37
C GLU A 461 4.69 35.29 -27.44
N VAL A 462 5.58 34.66 -28.19
CA VAL A 462 6.97 35.09 -28.30
C VAL A 462 7.32 35.48 -29.74
N VAL A 463 7.02 34.59 -30.69
CA VAL A 463 7.38 34.83 -32.08
C VAL A 463 6.50 35.92 -32.66
N GLY A 464 7.09 36.79 -33.46
CA GLY A 464 6.31 37.79 -34.15
C GLY A 464 6.58 39.18 -33.62
N ARG A 465 6.52 40.17 -34.52
CA ARG A 465 6.76 41.56 -34.14
C ARG A 465 5.74 42.04 -33.13
N GLY A 466 4.53 41.49 -33.14
CA GLY A 466 3.53 41.86 -32.14
C GLY A 466 3.71 41.22 -30.80
N LYS A 467 4.71 40.35 -30.66
CA LYS A 467 4.98 39.67 -29.40
C LYS A 467 6.36 40.11 -28.94
N LEU A 468 7.27 39.18 -28.64
CA LEU A 468 8.64 39.50 -28.26
C LEU A 468 9.58 39.57 -29.46
N ASP A 469 9.11 39.21 -30.65
CA ASP A 469 9.92 39.26 -31.87
C ASP A 469 11.21 38.46 -31.73
N ARG A 470 11.09 37.27 -31.16
CA ARG A 470 12.19 36.33 -31.08
C ARG A 470 11.77 35.02 -31.73
N PRO A 471 12.65 34.41 -32.53
CA PRO A 471 12.29 33.20 -33.25
C PRO A 471 12.29 31.99 -32.33
N CYS A 472 11.53 30.98 -32.76
CA CYS A 472 11.47 29.73 -32.03
C CYS A 472 11.53 28.62 -33.05
N ARG A 473 12.40 27.65 -32.80
CA ARG A 473 12.49 26.46 -33.62
C ARG A 473 11.73 25.33 -32.95
N ILE A 474 10.80 24.74 -33.69
CA ILE A 474 9.96 23.67 -33.20
C ILE A 474 10.67 22.34 -33.45
N TYR A 475 10.89 21.59 -32.36
CA TYR A 475 11.43 20.24 -32.46
C TYR A 475 10.26 19.34 -32.78
N ALA A 476 10.28 18.77 -33.98
CA ALA A 476 9.10 18.16 -34.58
C ALA A 476 9.32 16.67 -34.71
N PRO A 477 8.72 15.85 -33.86
CA PRO A 477 8.85 14.40 -34.02
C PRO A 477 8.14 13.96 -35.28
N VAL A 478 8.72 12.95 -35.93
CA VAL A 478 8.19 12.41 -37.16
C VAL A 478 8.25 10.90 -37.06
N GLY A 479 7.12 10.24 -37.28
CA GLY A 479 7.17 8.80 -37.18
C GLY A 479 5.80 8.19 -37.11
N THR A 480 5.79 6.88 -37.27
CA THR A 480 4.58 6.09 -37.20
C THR A 480 4.14 5.93 -35.76
N HIS A 481 2.96 5.35 -35.58
CA HIS A 481 2.46 5.07 -34.23
C HIS A 481 3.45 4.22 -33.44
N GLU A 482 3.96 3.15 -34.06
CA GLU A 482 4.90 2.27 -33.38
C GLU A 482 6.13 3.04 -32.92
N THR A 483 6.66 3.88 -33.80
CA THR A 483 7.87 4.62 -33.47
C THR A 483 7.62 5.63 -32.36
N LEU A 484 6.50 6.35 -32.42
CA LEU A 484 6.29 7.40 -31.43
C LEU A 484 5.97 6.82 -30.05
N LEU A 485 5.32 5.65 -30.01
CA LEU A 485 4.93 5.10 -28.73
C LEU A 485 6.11 4.55 -27.95
N ALA A 486 7.21 4.22 -28.64
CA ALA A 486 8.29 3.47 -28.00
C ALA A 486 8.85 4.19 -26.80
N TYR A 487 9.08 5.50 -26.91
CA TYR A 487 9.62 6.28 -25.80
C TYR A 487 8.76 7.50 -25.50
N LEU A 488 7.45 7.39 -25.74
CA LEU A 488 6.56 8.51 -25.46
C LEU A 488 6.47 8.80 -23.97
N VAL A 489 6.59 7.77 -23.13
CA VAL A 489 6.51 8.00 -21.68
C VAL A 489 7.58 8.99 -21.23
N ARG A 490 8.83 8.78 -21.67
CA ARG A 490 9.89 9.71 -21.31
C ARG A 490 9.57 11.12 -21.77
N ARG A 491 9.01 11.25 -22.98
CA ARG A 491 8.68 12.58 -23.49
C ARG A 491 7.57 13.22 -22.67
N LEU A 492 6.55 12.44 -22.29
CA LEU A 492 5.45 12.99 -21.51
C LEU A 492 5.93 13.48 -20.15
N LEU A 493 6.90 12.77 -19.55
CA LEU A 493 7.40 13.18 -18.23
CA LEU A 493 7.40 13.18 -18.23
C LEU A 493 8.19 14.48 -18.31
N GLU A 494 8.74 14.81 -19.48
CA GLU A 494 9.52 16.05 -19.59
C GLU A 494 8.70 17.24 -19.11
N ASN A 495 7.42 17.27 -19.50
CA ASN A 495 6.53 18.38 -19.17
C ASN A 495 5.37 17.97 -18.27
N GLY A 496 5.39 16.74 -17.72
CA GLY A 496 4.24 16.27 -16.97
C GLY A 496 4.46 15.87 -15.52
N ALA A 497 5.66 16.11 -14.99
CA ALA A 497 5.92 15.82 -13.59
C ALA A 497 5.50 16.99 -12.69
N ASN A 498 5.41 16.70 -11.38
CA ASN A 498 4.94 17.70 -10.42
C ASN A 498 5.75 18.98 -10.49
N SER A 499 7.06 18.87 -10.73
CA SER A 499 7.92 20.05 -10.81
C SER A 499 7.95 20.67 -12.20
N SER A 500 7.32 20.04 -13.18
CA SER A 500 7.36 20.56 -14.55
C SER A 500 6.51 21.81 -14.68
N PHE A 501 7.05 22.79 -15.42
CA PHE A 501 6.33 24.03 -15.65
C PHE A 501 4.97 23.77 -16.30
N VAL A 502 4.95 22.92 -17.33
CA VAL A 502 3.71 22.69 -18.05
C VAL A 502 2.67 22.07 -17.14
N HIS A 503 3.09 21.17 -16.26
CA HIS A 503 2.16 20.62 -15.28
C HIS A 503 1.69 21.69 -14.32
N ARG A 504 2.61 22.54 -13.86
CA ARG A 504 2.23 23.55 -12.88
C ARG A 504 1.34 24.63 -13.48
N ILE A 505 1.60 25.01 -14.73
CA ILE A 505 0.74 26.04 -15.34
C ILE A 505 -0.70 25.54 -15.43
N ASN A 506 -0.90 24.23 -15.58
CA ASN A 506 -2.22 23.63 -15.62
C ASN A 506 -2.77 23.29 -14.24
N ASP A 507 -2.02 23.56 -13.18
CA ASP A 507 -2.50 23.31 -11.82
C ASP A 507 -3.11 24.59 -11.30
N PRO A 508 -4.43 24.64 -11.05
CA PRO A 508 -5.03 25.88 -10.53
C PRO A 508 -4.55 26.24 -9.12
N LYS A 509 -4.00 25.29 -8.37
CA LYS A 509 -3.48 25.56 -7.04
C LYS A 509 -2.10 26.21 -7.06
N VAL A 510 -1.50 26.36 -8.23
CA VAL A 510 -0.21 27.04 -8.37
C VAL A 510 -0.47 28.45 -8.89
N SER A 511 -0.03 29.45 -8.14
CA SER A 511 -0.29 30.84 -8.52
C SER A 511 0.76 31.32 -9.53
N ILE A 512 0.43 32.40 -10.22
CA ILE A 512 1.38 33.00 -11.15
C ILE A 512 2.61 33.50 -10.41
N ASP A 513 2.42 34.03 -9.19
CA ASP A 513 3.57 34.46 -8.38
C ASP A 513 4.51 33.30 -8.12
N GLU A 514 3.97 32.10 -7.88
CA GLU A 514 4.82 30.93 -7.70
C GLU A 514 5.53 30.54 -8.99
N LEU A 515 4.86 30.71 -10.14
CA LEU A 515 5.45 30.32 -11.42
C LEU A 515 6.54 31.30 -11.85
N ILE A 516 6.44 32.56 -11.45
CA ILE A 516 7.42 33.55 -11.84
C ILE A 516 8.52 33.71 -10.79
N ALA A 517 8.49 32.90 -9.74
CA ALA A 517 9.56 32.92 -8.75
C ALA A 517 10.90 32.73 -9.43
N ASP A 518 11.87 33.53 -9.02
CA ASP A 518 13.20 33.51 -9.58
C ASP A 518 14.04 32.41 -8.94
N PRO A 519 14.36 31.34 -9.68
CA PRO A 519 15.13 30.26 -9.06
C PRO A 519 16.51 30.70 -8.61
N VAL A 520 17.09 31.71 -9.26
CA VAL A 520 18.41 32.18 -8.89
C VAL A 520 18.38 32.77 -7.48
N GLU A 521 17.43 33.66 -7.25
CA GLU A 521 17.32 34.28 -5.94
C GLU A 521 16.85 33.29 -4.88
N VAL A 522 15.99 32.34 -5.25
CA VAL A 522 15.54 31.34 -4.28
C VAL A 522 16.72 30.48 -3.84
N VAL A 523 17.52 30.00 -4.80
CA VAL A 523 18.69 29.22 -4.46
C VAL A 523 19.68 30.06 -3.64
N ARG A 524 19.85 31.32 -4.02
CA ARG A 524 20.81 32.18 -3.32
C ARG A 524 20.50 32.30 -1.84
N ALA A 525 19.21 32.26 -1.48
CA ALA A 525 18.77 32.50 -0.12
C ALA A 525 18.63 31.21 0.71
N MET A 526 18.86 30.05 0.11
CA MET A 526 18.76 28.80 0.85
C MET A 526 19.80 28.78 1.98
N PRO A 527 19.50 28.09 3.08
CA PRO A 527 20.51 28.01 4.16
C PRO A 527 21.82 27.40 3.69
N VAL A 528 21.75 26.27 3.02
CA VAL A 528 22.90 25.65 2.36
C VAL A 528 22.64 25.75 0.86
N VAL A 529 23.42 26.58 0.17
CA VAL A 529 23.27 26.69 -1.27
C VAL A 529 23.62 25.38 -1.93
N GLY A 530 22.71 24.86 -2.75
CA GLY A 530 23.02 23.69 -3.54
C GLY A 530 22.94 22.36 -2.82
N ALA A 531 22.26 22.29 -1.68
CA ALA A 531 22.14 21.02 -0.98
C ALA A 531 21.39 19.98 -1.83
N LYS A 532 21.83 18.73 -1.73
CA LYS A 532 21.15 17.61 -2.37
C LYS A 532 19.69 17.57 -1.94
N HIS A 533 18.84 17.03 -2.80
CA HIS A 533 17.46 16.80 -2.42
C HIS A 533 17.40 15.90 -1.20
N ASP A 534 16.58 16.27 -0.22
CA ASP A 534 16.45 15.49 0.99
C ASP A 534 15.95 14.07 0.74
N ARG A 535 15.15 13.88 -0.30
CA ARG A 535 14.47 12.61 -0.53
C ARG A 535 15.17 11.70 -1.53
N ILE A 536 16.38 12.06 -1.96
CA ILE A 536 17.15 11.23 -2.87
C ILE A 536 18.40 10.79 -2.15
N ALA A 537 18.58 9.48 -2.01
CA ALA A 537 19.74 8.96 -1.31
C ALA A 537 20.94 8.96 -2.24
N LEU A 538 22.07 9.45 -1.74
CA LEU A 538 23.32 9.18 -2.42
C LEU A 538 23.52 7.68 -2.50
N PRO A 539 24.21 7.17 -3.52
CA PRO A 539 24.38 5.72 -3.63
C PRO A 539 24.97 5.07 -2.39
N ALA A 540 25.92 5.73 -1.72
CA ALA A 540 26.50 5.17 -0.50
C ALA A 540 25.48 5.03 0.61
N GLU A 541 24.37 5.77 0.55
CA GLU A 541 23.42 5.82 1.66
C GLU A 541 22.13 5.06 1.36
N LEU A 542 22.15 4.17 0.35
CA LEU A 542 20.94 3.46 -0.04
C LEU A 542 20.32 2.68 1.11
N PHE A 543 21.15 2.22 2.05
CA PHE A 543 20.67 1.39 3.14
C PHE A 543 20.57 2.15 4.45
N GLY A 544 20.81 3.46 4.42
CA GLY A 544 20.59 4.25 5.62
C GLY A 544 21.51 3.83 6.74
N ASP A 545 20.94 3.78 7.94
CA ASP A 545 21.74 3.45 9.13
C ASP A 545 22.14 1.97 9.17
N ALA A 546 21.53 1.12 8.35
CA ALA A 546 21.78 -0.32 8.47
C ALA A 546 23.21 -0.66 8.11
N ARG A 547 23.71 -0.10 7.00
CA ARG A 547 25.08 -0.37 6.60
C ARG A 547 25.39 0.56 5.44
N THR A 548 26.69 0.67 5.17
CA THR A 548 27.19 1.51 4.11
C THR A 548 27.23 0.70 2.84
N ASN A 549 26.59 1.20 1.79
CA ASN A 549 26.64 0.54 0.49
C ASN A 549 28.08 0.49 0.01
N SER A 550 28.43 -0.59 -0.67
CA SER A 550 29.71 -0.64 -1.35
C SER A 550 29.71 0.40 -2.46
N ALA A 551 30.91 0.84 -2.82
CA ALA A 551 31.09 1.81 -3.89
C ALA A 551 31.67 1.14 -5.10
N GLY A 552 31.17 1.52 -6.28
CA GLY A 552 31.67 1.04 -7.54
C GLY A 552 32.66 2.01 -8.15
N LEU A 553 32.87 1.86 -9.45
CA LEU A 553 33.78 2.71 -10.19
C LEU A 553 33.11 3.07 -11.50
N ASP A 554 33.33 4.30 -11.95
CA ASP A 554 32.65 4.78 -13.16
C ASP A 554 33.57 4.52 -14.34
N LEU A 555 33.25 3.49 -15.13
CA LEU A 555 34.07 3.16 -16.29
C LEU A 555 33.81 4.07 -17.48
N SER A 556 32.98 5.10 -17.31
CA SER A 556 32.88 6.16 -18.31
C SER A 556 33.69 7.39 -17.95
N ASN A 557 34.34 7.39 -16.80
CA ASN A 557 35.08 8.54 -16.32
C ASN A 557 36.54 8.37 -16.72
N GLU A 558 37.08 9.30 -17.52
CA GLU A 558 38.45 9.15 -18.00
C GLU A 558 39.47 9.16 -16.88
N GLU A 559 39.22 9.93 -15.81
CA GLU A 559 40.13 9.89 -14.68
C GLU A 559 40.11 8.51 -14.03
N THR A 560 38.92 7.96 -13.85
CA THR A 560 38.81 6.61 -13.29
C THR A 560 39.51 5.60 -14.18
N LEU A 561 39.29 5.69 -15.50
CA LEU A 561 39.92 4.74 -16.41
C LEU A 561 41.43 4.87 -16.40
N ALA A 562 41.93 6.11 -16.32
CA ALA A 562 43.38 6.30 -16.29
C ALA A 562 43.97 5.77 -15.00
N SER A 563 43.30 6.04 -13.87
CA SER A 563 43.77 5.52 -12.60
C SER A 563 43.69 4.01 -12.57
N LEU A 564 42.58 3.44 -13.02
CA LEU A 564 42.42 1.99 -13.03
CA LEU A 564 42.42 1.99 -13.03
C LEU A 564 43.45 1.33 -13.93
N THR A 565 43.71 1.93 -15.10
CA THR A 565 44.73 1.36 -15.99
C THR A 565 46.04 1.14 -15.25
N GLU A 566 46.48 2.12 -14.46
CA GLU A 566 47.75 1.99 -13.77
C GLU A 566 47.66 0.96 -12.65
N ALA A 567 46.58 1.00 -11.87
CA ALA A 567 46.42 0.02 -10.81
C ALA A 567 46.32 -1.40 -11.37
N LEU A 568 45.62 -1.56 -12.48
CA LEU A 568 45.48 -2.88 -13.09
C LEU A 568 46.82 -3.40 -13.58
N ARG A 569 47.60 -2.55 -14.26
CA ARG A 569 48.93 -2.96 -14.70
C ARG A 569 49.80 -3.34 -13.52
N GLU A 570 49.73 -2.57 -12.43
CA GLU A 570 50.52 -2.89 -11.24
C GLU A 570 50.11 -4.23 -10.66
N SER A 571 48.80 -4.52 -10.67
CA SER A 571 48.34 -5.81 -10.14
C SER A 571 48.89 -6.96 -10.96
N ALA A 572 49.08 -6.76 -12.26
CA ALA A 572 49.60 -7.83 -13.11
C ALA A 572 51.08 -8.10 -12.87
N ALA A 573 51.80 -7.14 -12.29
CA ALA A 573 53.20 -7.35 -11.98
C ALA A 573 53.41 -8.07 -10.66
N MET A 574 52.36 -8.28 -9.88
CA MET A 574 52.53 -8.86 -8.55
C MET A 574 52.68 -10.37 -8.61
N LYS A 575 53.47 -10.90 -7.67
CA LYS A 575 53.69 -12.34 -7.56
C LYS A 575 52.64 -12.95 -6.63
N TRP A 576 51.42 -13.02 -7.15
CA TRP A 576 50.30 -13.58 -6.40
C TRP A 576 50.58 -15.04 -6.07
N THR A 577 50.31 -15.42 -4.82
CA THR A 577 50.43 -16.81 -4.41
C THR A 577 49.24 -17.19 -3.54
N ALA A 578 49.01 -18.50 -3.47
CA ALA A 578 48.02 -19.07 -2.57
C ALA A 578 48.68 -20.29 -1.96
N LEU A 579 48.67 -20.36 -0.64
CA LEU A 579 49.34 -21.41 0.11
C LEU A 579 48.35 -22.01 1.08
N PRO A 580 48.58 -23.26 1.51
CA PRO A 580 47.81 -23.81 2.62
C PRO A 580 48.17 -23.06 3.89
N GLN A 581 47.30 -22.15 4.31
CA GLN A 581 47.54 -21.30 5.47
C GLN A 581 46.85 -21.96 6.66
N LEU A 582 47.58 -22.86 7.30
CA LEU A 582 47.08 -23.48 8.52
C LEU A 582 47.22 -22.53 9.69
N ALA A 583 46.60 -22.90 10.82
CA ALA A 583 46.70 -22.07 12.01
C ALA A 583 48.15 -21.92 12.45
N THR A 584 48.96 -22.93 12.20
CA THR A 584 50.37 -22.94 12.59
C THR A 584 51.27 -22.19 11.62
N GLY A 585 50.74 -21.73 10.48
CA GLY A 585 51.54 -21.07 9.48
C GLY A 585 51.39 -21.72 8.12
N PRO A 586 52.07 -21.17 7.11
CA PRO A 586 52.00 -21.74 5.76
C PRO A 586 52.55 -23.15 5.76
N ALA A 587 51.91 -24.03 4.98
CA ALA A 587 52.34 -25.42 4.87
C ALA A 587 52.93 -25.66 3.48
N ALA A 588 53.81 -26.65 3.40
CA ALA A 588 54.37 -27.04 2.11
C ALA A 588 53.38 -27.94 1.37
N GLY A 589 53.54 -27.98 0.05
CA GLY A 589 52.70 -28.84 -0.76
C GLY A 589 53.09 -28.75 -2.21
N GLU A 590 52.26 -29.36 -3.06
CA GLU A 590 52.48 -29.32 -4.50
C GLU A 590 52.17 -27.93 -5.04
N THR A 591 53.15 -27.31 -5.69
CA THR A 591 53.02 -25.96 -6.22
C THR A 591 52.92 -25.99 -7.74
N ARG A 592 51.99 -25.21 -8.29
CA ARG A 592 51.86 -25.08 -9.73
C ARG A 592 51.43 -23.66 -10.04
N THR A 593 51.59 -23.28 -11.30
CA THR A 593 51.17 -21.95 -11.69
C THR A 593 49.66 -21.87 -11.86
N VAL A 594 49.15 -20.65 -11.76
CA VAL A 594 47.76 -20.34 -12.07
C VAL A 594 47.79 -19.50 -13.35
N LEU A 595 47.06 -19.96 -14.36
CA LEU A 595 47.10 -19.34 -15.67
C LEU A 595 45.83 -18.55 -15.94
N ASN A 596 45.97 -17.47 -16.70
CA ASN A 596 44.84 -16.67 -17.14
C ASN A 596 44.02 -17.50 -18.12
N PRO A 597 42.72 -17.72 -17.86
CA PRO A 597 41.92 -18.52 -18.80
C PRO A 597 41.81 -17.92 -20.19
N GLY A 598 42.01 -16.61 -20.32
CA GLY A 598 41.94 -15.98 -21.62
C GLY A 598 43.23 -15.99 -22.40
N ASP A 599 44.31 -16.46 -21.79
CA ASP A 599 45.61 -16.51 -22.43
C ASP A 599 46.54 -17.29 -21.51
N HIS A 600 46.71 -18.58 -21.81
CA HIS A 600 47.46 -19.46 -20.91
C HIS A 600 48.92 -19.05 -20.79
N ARG A 601 49.41 -18.17 -21.66
CA ARG A 601 50.77 -17.65 -21.54
C ARG A 601 50.91 -16.67 -20.39
N ASP A 602 49.80 -16.12 -19.90
CA ASP A 602 49.81 -15.11 -18.83
C ASP A 602 49.70 -15.85 -17.51
N VAL A 603 50.85 -16.04 -16.86
CA VAL A 603 50.89 -16.66 -15.54
C VAL A 603 50.46 -15.61 -14.52
N VAL A 604 49.40 -15.91 -13.78
CA VAL A 604 48.88 -14.95 -12.81
C VAL A 604 49.54 -15.14 -11.45
N GLY A 605 49.85 -16.37 -11.09
CA GLY A 605 50.48 -16.61 -9.82
C GLY A 605 50.79 -18.08 -9.64
N SER A 606 50.98 -18.46 -8.38
CA SER A 606 51.36 -19.82 -8.05
C SER A 606 50.53 -20.26 -6.86
N VAL A 607 50.05 -21.50 -6.91
CA VAL A 607 49.28 -22.06 -5.82
C VAL A 607 50.00 -23.27 -5.28
N THR A 608 50.12 -23.35 -3.96
CA THR A 608 50.56 -24.55 -3.29
C THR A 608 49.32 -25.23 -2.73
N GLU A 609 49.07 -26.45 -3.18
CA GLU A 609 47.83 -27.12 -2.81
C GLU A 609 48.00 -27.95 -1.54
N THR A 610 46.88 -28.19 -0.87
CA THR A 610 46.88 -28.78 0.45
C THR A 610 46.87 -30.30 0.34
N SER A 611 47.76 -30.95 1.08
CA SER A 611 47.69 -32.39 1.18
C SER A 611 46.45 -32.78 2.00
N GLU A 612 45.95 -33.99 1.74
CA GLU A 612 44.81 -34.45 2.51
C GLU A 612 45.15 -34.58 3.98
N GLU A 613 46.40 -34.92 4.29
CA GLU A 613 46.85 -34.94 5.68
C GLU A 613 46.75 -33.56 6.32
N ASP A 614 47.17 -32.51 5.59
CA ASP A 614 47.13 -31.17 6.16
C ASP A 614 45.71 -30.64 6.24
N ALA A 615 44.83 -31.06 5.34
CA ALA A 615 43.43 -30.67 5.46
C ALA A 615 42.83 -31.23 6.75
N ARG A 616 43.10 -32.50 7.05
CA ARG A 616 42.63 -33.07 8.30
C ARG A 616 43.24 -32.37 9.51
N ARG A 617 44.53 -32.05 9.43
CA ARG A 617 45.17 -31.32 10.51
C ARG A 617 44.53 -29.96 10.72
N ALA A 618 44.21 -29.26 9.62
CA ALA A 618 43.58 -27.95 9.74
C ALA A 618 42.26 -28.04 10.48
N VAL A 619 41.47 -29.09 10.23
CA VAL A 619 40.20 -29.23 10.94
C VAL A 619 40.44 -29.41 12.44
N ARG A 620 41.44 -30.22 12.81
CA ARG A 620 41.73 -30.39 14.23
C ARG A 620 42.18 -29.08 14.85
N LEU A 621 42.99 -28.30 14.13
CA LEU A 621 43.42 -27.00 14.63
C LEU A 621 42.23 -26.06 14.79
N ALA A 622 41.33 -26.06 13.81
CA ALA A 622 40.10 -25.28 13.93
C ALA A 622 39.29 -25.72 15.14
N ALA A 623 39.20 -27.03 15.38
CA ALA A 623 38.45 -27.52 16.52
C ALA A 623 39.08 -27.08 17.83
N ASP A 624 40.40 -27.13 17.92
CA ASP A 624 41.08 -26.66 19.13
C ASP A 624 40.88 -25.17 19.31
N ALA A 625 40.82 -24.41 18.22
CA ALA A 625 40.68 -22.96 18.24
C ALA A 625 39.24 -22.50 18.40
N ALA A 626 38.27 -23.41 18.26
CA ALA A 626 36.86 -23.00 18.24
C ALA A 626 36.44 -22.21 19.47
N PRO A 627 36.72 -22.64 20.71
CA PRO A 627 36.28 -21.83 21.87
C PRO A 627 36.82 -20.42 21.88
N ASP A 628 38.08 -20.23 21.47
CA ASP A 628 38.68 -18.91 21.52
C ASP A 628 38.00 -17.96 20.55
N TRP A 629 37.64 -18.45 19.38
CA TRP A 629 36.95 -17.59 18.42
C TRP A 629 35.51 -17.37 18.82
N ALA A 630 34.85 -18.41 19.34
CA ALA A 630 33.47 -18.23 19.81
C ALA A 630 33.39 -17.21 20.93
N ALA A 631 34.47 -17.06 21.71
CA ALA A 631 34.48 -16.14 22.83
C ALA A 631 34.68 -14.69 22.40
N VAL A 632 35.05 -14.43 21.16
CA VAL A 632 35.11 -13.06 20.65
C VAL A 632 33.66 -12.61 20.53
N PRO A 633 33.26 -11.53 21.20
CA PRO A 633 31.85 -11.16 21.20
C PRO A 633 31.36 -10.91 19.79
N PRO A 634 30.08 -11.17 19.51
CA PRO A 634 29.59 -10.98 18.14
C PRO A 634 29.84 -9.59 17.58
N SER A 635 29.72 -8.55 18.41
CA SER A 635 29.98 -7.20 17.92
C SER A 635 31.40 -7.05 17.42
N GLU A 636 32.36 -7.69 18.09
CA GLU A 636 33.75 -7.61 17.67
C GLU A 636 34.00 -8.45 16.43
N ARG A 637 33.38 -9.64 16.33
CA ARG A 637 33.50 -10.40 15.09
C ARG A 637 32.95 -9.61 13.92
N ALA A 638 31.80 -8.94 14.14
CA ALA A 638 31.23 -8.10 13.09
C ALA A 638 32.15 -6.94 12.76
N ALA A 639 32.84 -6.40 13.77
CA ALA A 639 33.79 -5.32 13.50
C ALA A 639 34.91 -5.79 12.59
N CYS A 640 35.36 -7.05 12.75
CA CYS A 640 36.35 -7.60 11.83
C CYS A 640 35.79 -7.61 10.42
N LEU A 641 34.55 -8.04 10.24
CA LEU A 641 33.97 -8.07 8.91
C LEU A 641 33.92 -6.67 8.33
N ASP A 642 33.51 -5.68 9.13
CA ASP A 642 33.43 -4.32 8.64
C ASP A 642 34.81 -3.78 8.27
N ARG A 643 35.83 -4.10 9.07
CA ARG A 643 37.19 -3.70 8.72
C ARG A 643 37.64 -4.35 7.43
N ALA A 644 37.30 -5.63 7.24
CA ALA A 644 37.64 -6.31 5.99
C ALA A 644 36.95 -5.65 4.80
N ALA A 645 35.71 -5.19 5.00
CA ALA A 645 35.00 -4.52 3.91
C ALA A 645 35.71 -3.23 3.53
N GLU A 646 36.16 -2.46 4.53
CA GLU A 646 36.92 -1.26 4.22
C GLU A 646 38.18 -1.59 3.46
N LEU A 647 38.86 -2.66 3.86
CA LEU A 647 40.10 -3.04 3.19
C LEU A 647 39.84 -3.45 1.74
N MET A 648 38.77 -4.22 1.52
CA MET A 648 38.46 -4.60 0.14
C MET A 648 38.04 -3.41 -0.68
N GLN A 649 37.32 -2.47 -0.08
CA GLN A 649 36.92 -1.27 -0.83
C GLN A 649 38.14 -0.47 -1.26
N ALA A 650 39.11 -0.31 -0.35
CA ALA A 650 40.31 0.44 -0.68
C ALA A 650 41.16 -0.31 -1.70
N ARG A 651 41.16 -1.63 -1.63
CA ARG A 651 41.98 -2.45 -2.51
C ARG A 651 41.25 -2.84 -3.78
N MET A 652 40.04 -2.36 -4.00
CA MET A 652 39.26 -2.77 -5.16
C MET A 652 40.03 -2.76 -6.48
N PRO A 653 40.76 -1.69 -6.85
CA PRO A 653 41.44 -1.71 -8.15
C PRO A 653 42.39 -2.89 -8.31
N THR A 654 43.19 -3.18 -7.29
CA THR A 654 44.09 -4.33 -7.35
C THR A 654 43.31 -5.63 -7.38
N LEU A 655 42.26 -5.73 -6.56
CA LEU A 655 41.42 -6.92 -6.59
C LEU A 655 40.80 -7.14 -7.97
N LEU A 656 40.37 -6.06 -8.62
CA LEU A 656 39.80 -6.18 -9.96
C LEU A 656 40.79 -6.84 -10.90
N GLY A 657 42.04 -6.37 -10.87
CA GLY A 657 43.04 -6.89 -11.78
C GLY A 657 43.25 -8.36 -11.59
N LEU A 658 43.25 -8.81 -10.33
CA LEU A 658 43.44 -10.23 -10.07
C LEU A 658 42.24 -11.04 -10.55
N ILE A 659 41.02 -10.57 -10.26
CA ILE A 659 39.83 -11.28 -10.72
C ILE A 659 39.78 -11.34 -12.23
N ILE A 660 40.12 -10.23 -12.90
CA ILE A 660 40.10 -10.20 -14.36
C ILE A 660 41.01 -11.28 -14.92
N ARG A 661 42.22 -11.38 -14.39
CA ARG A 661 43.21 -12.28 -14.98
C ARG A 661 43.05 -13.71 -14.51
N GLU A 662 42.68 -13.91 -13.24
CA GLU A 662 42.59 -15.28 -12.73
C GLU A 662 41.28 -15.95 -13.14
N ALA A 663 40.18 -15.21 -13.13
CA ALA A 663 38.87 -15.80 -13.36
C ALA A 663 38.30 -15.47 -14.72
N GLY A 664 39.02 -14.71 -15.54
CA GLY A 664 38.54 -14.36 -16.87
C GLY A 664 37.35 -13.42 -16.88
N LYS A 665 37.22 -12.57 -15.87
CA LYS A 665 36.08 -11.66 -15.78
C LYS A 665 36.40 -10.32 -16.42
N SER A 666 35.34 -9.68 -16.93
CA SER A 666 35.48 -8.31 -17.38
C SER A 666 35.62 -7.38 -16.19
N ALA A 667 36.12 -6.16 -16.45
CA ALA A 667 36.28 -5.20 -15.37
C ALA A 667 34.94 -4.87 -14.71
N LEU A 668 33.89 -4.68 -15.52
CA LEU A 668 32.57 -4.42 -14.99
C LEU A 668 32.13 -5.52 -14.03
N ASN A 669 32.32 -6.78 -14.43
CA ASN A 669 31.91 -7.88 -13.57
C ASN A 669 32.82 -8.03 -12.37
N ALA A 670 34.11 -7.71 -12.54
CA ALA A 670 35.04 -7.70 -11.41
C ALA A 670 34.64 -6.65 -10.38
N ILE A 671 34.26 -5.45 -10.82
CA ILE A 671 33.79 -4.43 -9.89
C ILE A 671 32.61 -4.95 -9.08
N ALA A 672 31.61 -5.52 -9.78
CA ALA A 672 30.44 -6.04 -9.11
C ALA A 672 30.82 -7.15 -8.14
N GLU A 673 31.82 -7.96 -8.49
CA GLU A 673 32.26 -9.05 -7.63
CA GLU A 673 32.23 -9.05 -7.61
C GLU A 673 32.84 -8.53 -6.32
N VAL A 674 33.71 -7.52 -6.42
CA VAL A 674 34.29 -6.95 -5.21
C VAL A 674 33.23 -6.22 -4.39
N ARG A 675 32.31 -5.52 -5.06
CA ARG A 675 31.21 -4.88 -4.35
C ARG A 675 30.40 -5.91 -3.59
N GLU A 676 30.11 -7.05 -4.21
CA GLU A 676 29.33 -8.08 -3.54
C GLU A 676 30.07 -8.61 -2.31
N ALA A 677 31.38 -8.79 -2.41
CA ALA A 677 32.12 -9.24 -1.25
C ALA A 677 32.04 -8.21 -0.13
N ILE A 678 32.20 -6.94 -0.47
CA ILE A 678 32.07 -5.88 0.52
C ILE A 678 30.68 -5.91 1.13
N ASP A 679 29.66 -6.08 0.28
CA ASP A 679 28.28 -6.10 0.75
C ASP A 679 28.01 -7.29 1.66
N PHE A 680 28.52 -8.47 1.30
CA PHE A 680 28.40 -9.62 2.20
C PHE A 680 28.99 -9.31 3.56
N LEU A 681 30.23 -8.80 3.58
CA LEU A 681 30.89 -8.49 4.85
C LEU A 681 30.04 -7.54 5.67
N ARG A 682 29.57 -6.45 5.08
CA ARG A 682 28.81 -5.46 5.83
C ARG A 682 27.43 -5.98 6.19
N TYR A 683 26.81 -6.75 5.29
CA TYR A 683 25.48 -7.26 5.57
C TYR A 683 25.51 -8.28 6.71
N TYR A 684 26.43 -9.25 6.63
CA TYR A 684 26.48 -10.22 7.73
C TYR A 684 26.93 -9.57 9.03
N ALA A 685 27.79 -8.55 8.96
CA ALA A 685 28.12 -7.80 10.17
C ALA A 685 26.90 -7.15 10.77
N GLU A 686 26.08 -6.50 9.95
CA GLU A 686 24.90 -5.84 10.50
C GLU A 686 23.89 -6.86 11.00
N GLN A 687 23.68 -7.95 10.25
CA GLN A 687 22.77 -8.98 10.71
C GLN A 687 23.22 -9.56 12.04
N THR A 688 24.53 -9.70 12.21
CA THR A 688 25.07 -10.15 13.49
C THR A 688 24.72 -9.19 14.61
N ARG A 689 24.97 -7.89 14.39
CA ARG A 689 24.66 -6.89 15.40
C ARG A 689 23.18 -6.86 15.73
N ARG A 690 22.33 -7.27 14.78
CA ARG A 690 20.89 -7.30 15.03
C ARG A 690 20.45 -8.54 15.81
N THR A 691 21.24 -9.62 15.82
CA THR A 691 20.68 -10.89 16.26
C THR A 691 21.48 -11.65 17.30
N LEU A 692 22.79 -11.80 17.14
CA LEU A 692 23.50 -12.85 17.84
C LEU A 692 23.78 -12.51 19.30
N GLY A 693 23.39 -13.42 20.19
CA GLY A 693 23.62 -13.26 21.60
C GLY A 693 24.24 -14.51 22.17
N PRO A 694 24.39 -14.56 23.50
CA PRO A 694 25.11 -15.67 24.13
C PRO A 694 24.50 -17.04 23.85
N GLY A 695 23.18 -17.11 23.66
CA GLY A 695 22.50 -18.38 23.46
C GLY A 695 22.55 -18.93 22.06
N HIS A 696 23.14 -18.20 21.11
CA HIS A 696 23.24 -18.68 19.74
C HIS A 696 24.68 -19.16 19.55
N GLY A 697 24.94 -20.35 20.08
CA GLY A 697 26.28 -20.89 20.07
C GLY A 697 26.69 -21.34 18.69
N PRO A 698 27.98 -21.23 18.38
CA PRO A 698 28.45 -21.66 17.07
C PRO A 698 28.34 -23.16 16.91
N LEU A 699 28.28 -23.60 15.64
CA LEU A 699 28.31 -25.02 15.36
C LEU A 699 29.68 -25.61 15.69
N GLY A 700 30.75 -24.89 15.36
CA GLY A 700 32.08 -25.42 15.42
C GLY A 700 32.74 -25.20 14.09
N PRO A 701 33.78 -25.96 13.78
CA PRO A 701 34.52 -25.74 12.52
C PRO A 701 33.59 -25.94 11.33
N ILE A 702 33.57 -24.95 10.45
CA ILE A 702 32.74 -24.99 9.26
CA ILE A 702 32.74 -24.96 9.25
C ILE A 702 33.65 -25.07 8.04
N VAL A 703 33.36 -26.00 7.15
CA VAL A 703 34.08 -26.14 5.90
C VAL A 703 33.34 -25.32 4.86
N CYS A 704 34.01 -24.35 4.26
CA CYS A 704 33.43 -23.47 3.25
C CYS A 704 34.08 -23.83 1.93
N ILE A 705 33.28 -24.38 1.03
CA ILE A 705 33.73 -24.82 -0.28
C ILE A 705 33.02 -23.93 -1.29
N SER A 706 33.80 -23.26 -2.13
CA SER A 706 33.27 -22.23 -3.01
C SER A 706 33.59 -22.54 -4.46
N PRO A 707 32.84 -21.95 -5.39
CA PRO A 707 33.05 -22.22 -6.81
C PRO A 707 34.01 -21.22 -7.43
N TRP A 708 34.42 -21.51 -8.66
CA TRP A 708 35.40 -20.63 -9.29
C TRP A 708 34.77 -19.35 -9.83
N ASN A 709 33.46 -19.36 -10.07
CA ASN A 709 32.85 -18.33 -10.91
C ASN A 709 32.52 -17.06 -10.16
N PHE A 710 32.47 -17.10 -8.84
CA PHE A 710 32.43 -15.91 -8.01
C PHE A 710 33.52 -16.08 -6.97
N PRO A 711 34.77 -16.00 -7.41
CA PRO A 711 35.88 -16.50 -6.60
C PRO A 711 36.25 -15.60 -5.45
N LEU A 712 35.77 -14.36 -5.44
CA LEU A 712 35.89 -13.54 -4.25
C LEU A 712 34.56 -13.38 -3.51
N ALA A 713 33.47 -13.16 -4.24
CA ALA A 713 32.22 -12.80 -3.57
C ALA A 713 31.62 -13.97 -2.81
N ILE A 714 31.36 -15.09 -3.48
CA ILE A 714 30.77 -16.22 -2.79
C ILE A 714 31.76 -16.78 -1.77
N PHE A 715 33.04 -16.82 -2.15
CA PHE A 715 34.08 -17.21 -1.21
C PHE A 715 34.00 -16.38 0.06
N THR A 716 33.97 -15.06 -0.07
CA THR A 716 33.94 -14.19 1.10
C THR A 716 32.64 -14.33 1.85
N GLY A 717 31.53 -14.42 1.12
CA GLY A 717 30.23 -14.48 1.78
C GLY A 717 30.10 -15.66 2.71
N GLN A 718 30.45 -16.86 2.24
CA GLN A 718 30.30 -18.03 3.09
C GLN A 718 31.21 -17.94 4.31
N ILE A 719 32.47 -17.58 4.09
CA ILE A 719 33.43 -17.50 5.18
C ILE A 719 33.03 -16.43 6.18
N ALA A 720 32.63 -15.26 5.69
CA ALA A 720 32.27 -14.17 6.60
C ALA A 720 31.09 -14.54 7.47
N ALA A 721 30.08 -15.18 6.88
CA ALA A 721 28.92 -15.59 7.64
C ALA A 721 29.31 -16.59 8.71
N ALA A 722 30.09 -17.61 8.33
CA ALA A 722 30.48 -18.63 9.30
C ALA A 722 31.31 -18.02 10.42
N LEU A 723 32.29 -17.18 10.06
CA LEU A 723 33.14 -16.55 11.06
C LEU A 723 32.32 -15.66 12.00
N VAL A 724 31.44 -14.84 11.44
CA VAL A 724 30.77 -13.87 12.29
C VAL A 724 29.78 -14.57 13.20
N ALA A 725 29.28 -15.73 12.79
CA ALA A 725 28.46 -16.56 13.67
C ALA A 725 29.27 -17.28 14.74
N GLY A 726 30.59 -17.05 14.80
CA GLY A 726 31.41 -17.60 15.85
C GLY A 726 32.09 -18.92 15.55
N ASN A 727 32.09 -19.36 14.29
CA ASN A 727 32.69 -20.61 13.86
C ASN A 727 34.05 -20.36 13.23
N PRO A 728 35.03 -21.19 13.55
CA PRO A 728 36.26 -21.18 12.77
C PRO A 728 36.02 -21.83 11.43
N VAL A 729 36.77 -21.39 10.43
CA VAL A 729 36.49 -21.72 9.04
C VAL A 729 37.69 -22.41 8.41
N LEU A 730 37.42 -23.47 7.69
CA LEU A 730 38.35 -24.07 6.75
C LEU A 730 37.84 -23.66 5.37
N ALA A 731 38.60 -22.81 4.70
CA ALA A 731 38.20 -22.22 3.43
C ALA A 731 38.86 -22.99 2.30
N LYS A 732 38.06 -23.67 1.48
CA LYS A 732 38.57 -24.48 0.37
C LYS A 732 38.07 -23.82 -0.91
N PRO A 733 38.85 -22.93 -1.52
CA PRO A 733 38.43 -22.30 -2.76
C PRO A 733 38.54 -23.25 -3.92
N ALA A 734 37.79 -22.93 -4.98
CA ALA A 734 37.85 -23.71 -6.20
C ALA A 734 39.30 -23.79 -6.69
N GLU A 735 39.66 -24.95 -7.24
CA GLU A 735 41.02 -25.13 -7.71
C GLU A 735 41.39 -24.15 -8.82
N GLU A 736 40.42 -23.63 -9.56
CA GLU A 736 40.74 -22.74 -10.67
C GLU A 736 41.14 -21.35 -10.21
N THR A 737 40.65 -20.91 -9.04
CA THR A 737 40.77 -19.52 -8.61
C THR A 737 41.27 -19.40 -7.16
N PRO A 738 42.43 -19.97 -6.84
CA PRO A 738 42.94 -19.86 -5.47
C PRO A 738 43.54 -18.51 -5.12
N LEU A 739 43.99 -17.72 -6.10
CA LEU A 739 44.78 -16.53 -5.76
C LEU A 739 43.91 -15.45 -5.14
N ILE A 740 42.76 -15.16 -5.74
CA ILE A 740 41.87 -14.16 -5.17
C ILE A 740 41.35 -14.62 -3.81
N ALA A 741 41.17 -15.93 -3.65
CA ALA A 741 40.77 -16.47 -2.36
C ALA A 741 41.85 -16.22 -1.32
N ALA A 742 43.11 -16.46 -1.69
CA ALA A 742 44.20 -16.22 -0.75
C ALA A 742 44.25 -14.75 -0.37
N GLU A 743 43.99 -13.87 -1.33
CA GLU A 743 43.99 -12.44 -1.03
C GLU A 743 42.83 -12.07 -0.11
N GLY A 744 41.65 -12.66 -0.35
CA GLY A 744 40.54 -12.43 0.56
C GLY A 744 40.85 -12.87 1.99
N VAL A 745 41.49 -14.03 2.12
CA VAL A 745 41.89 -14.50 3.45
C VAL A 745 42.92 -13.56 4.07
N ARG A 746 43.88 -13.11 3.27
CA ARG A 746 44.86 -12.16 3.80
C ARG A 746 44.17 -10.91 4.33
N ILE A 747 43.16 -10.43 3.60
CA ILE A 747 42.44 -9.23 4.02
C ILE A 747 41.65 -9.49 5.30
N LEU A 748 40.94 -10.61 5.36
CA LEU A 748 40.19 -10.95 6.58
C LEU A 748 41.13 -11.08 7.77
N ARG A 749 42.28 -11.73 7.56
CA ARG A 749 43.25 -11.82 8.65
C ARG A 749 43.78 -10.45 9.03
N GLU A 750 44.06 -9.59 8.04
CA GLU A 750 44.49 -8.23 8.37
C GLU A 750 43.42 -7.50 9.17
N ALA A 751 42.15 -7.75 8.85
CA ALA A 751 41.05 -7.11 9.54
C ALA A 751 40.84 -7.62 10.95
N GLY A 752 41.57 -8.66 11.35
CA GLY A 752 41.52 -9.13 12.72
C GLY A 752 41.05 -10.55 12.90
N ILE A 753 40.67 -11.28 11.85
CA ILE A 753 40.32 -12.69 12.01
C ILE A 753 41.60 -13.45 12.35
N PRO A 754 41.65 -14.13 13.49
CA PRO A 754 42.86 -14.87 13.85
C PRO A 754 43.13 -15.99 12.85
N ALA A 755 44.43 -16.30 12.68
CA ALA A 755 44.82 -17.37 11.77
C ALA A 755 44.17 -18.69 12.15
N SER A 756 43.95 -18.92 13.44
CA SER A 756 43.33 -20.16 13.85
C SER A 756 41.84 -20.20 13.51
N ALA A 757 41.21 -19.03 13.32
CA ALA A 757 39.80 -18.99 12.97
C ALA A 757 39.56 -19.06 11.47
N LEU A 758 40.57 -18.81 10.65
CA LEU A 758 40.39 -18.79 9.20
C LEU A 758 41.63 -19.39 8.57
N GLN A 759 41.49 -20.63 8.10
CA GLN A 759 42.56 -21.35 7.44
C GLN A 759 42.20 -21.54 5.98
N LEU A 760 43.12 -21.18 5.11
CA LEU A 760 42.94 -21.33 3.67
C LEU A 760 43.58 -22.65 3.24
N LEU A 761 42.80 -23.50 2.57
CA LEU A 761 43.27 -24.79 2.11
C LEU A 761 43.05 -24.89 0.61
N PRO A 762 43.98 -24.41 -0.20
CA PRO A 762 43.81 -24.54 -1.65
C PRO A 762 43.92 -25.98 -2.09
N GLY A 763 43.29 -26.28 -3.21
CA GLY A 763 43.35 -27.61 -3.77
C GLY A 763 42.05 -27.93 -4.49
N ASP A 764 41.99 -29.17 -4.97
CA ASP A 764 40.86 -29.60 -5.79
C ASP A 764 39.78 -30.22 -4.91
N GLY A 765 38.85 -30.97 -5.51
CA GLY A 765 37.77 -31.57 -4.75
C GLY A 765 38.24 -32.53 -3.68
N ARG A 766 39.43 -33.11 -3.85
CA ARG A 766 39.98 -34.00 -2.83
C ARG A 766 40.16 -33.27 -1.51
N VAL A 767 40.62 -32.03 -1.56
CA VAL A 767 40.79 -31.25 -0.33
C VAL A 767 39.42 -30.94 0.26
N GLY A 768 38.45 -30.59 -0.58
CA GLY A 768 37.11 -30.37 -0.09
C GLY A 768 36.52 -31.60 0.56
N ALA A 769 36.71 -32.76 -0.08
CA ALA A 769 36.15 -34.00 0.45
C ALA A 769 36.82 -34.38 1.77
N ALA A 770 38.14 -34.21 1.84
CA ALA A 770 38.85 -34.51 3.07
C ALA A 770 38.35 -33.63 4.21
N LEU A 771 38.06 -32.36 3.91
CA LEU A 771 37.56 -31.46 4.93
C LEU A 771 36.15 -31.86 5.34
N VAL A 772 35.30 -32.19 4.37
CA VAL A 772 33.94 -32.60 4.67
C VAL A 772 33.94 -33.82 5.57
N ALA A 773 34.79 -34.79 5.29
CA ALA A 773 34.79 -36.06 6.02
C ALA A 773 35.48 -35.98 7.37
N ALA A 774 36.09 -34.85 7.70
CA ALA A 774 36.85 -34.75 8.95
C ALA A 774 35.91 -34.78 10.14
N ALA A 775 36.30 -35.54 11.17
CA ALA A 775 35.40 -35.82 12.28
C ALA A 775 34.94 -34.55 12.98
N GLU A 776 35.78 -33.53 13.05
CA GLU A 776 35.44 -32.31 13.79
C GLU A 776 34.68 -31.30 12.95
N THR A 777 34.49 -31.55 11.67
CA THR A 777 33.72 -30.64 10.84
C THR A 777 32.29 -30.60 11.33
N ALA A 778 31.83 -29.40 11.70
CA ALA A 778 30.54 -29.24 12.34
C ALA A 778 29.48 -28.67 11.41
N GLY A 779 29.87 -28.24 10.22
CA GLY A 779 28.95 -27.70 9.25
C GLY A 779 29.68 -27.51 7.95
N VAL A 780 28.92 -27.53 6.85
CA VAL A 780 29.48 -27.38 5.53
C VAL A 780 28.66 -26.34 4.79
N MET A 781 29.34 -25.35 4.22
CA MET A 781 28.73 -24.38 3.33
C MET A 781 29.32 -24.65 1.97
N PHE A 782 28.48 -25.07 1.04
CA PHE A 782 28.91 -25.43 -0.30
C PHE A 782 28.15 -24.59 -1.31
N THR A 783 28.88 -24.02 -2.25
CA THR A 783 28.30 -23.44 -3.44
C THR A 783 29.03 -24.03 -4.62
N GLY A 784 28.27 -24.62 -5.55
CA GLY A 784 28.87 -25.36 -6.64
C GLY A 784 27.83 -26.16 -7.36
N SER A 785 28.28 -27.18 -8.07
CA SER A 785 27.36 -27.98 -8.88
C SER A 785 26.50 -28.87 -8.00
N THR A 786 25.29 -29.15 -8.49
CA THR A 786 24.39 -30.06 -7.79
C THR A 786 25.01 -31.44 -7.62
N GLU A 787 25.72 -31.92 -8.65
CA GLU A 787 26.32 -33.25 -8.59
C GLU A 787 27.34 -33.35 -7.46
N VAL A 788 28.16 -32.32 -7.28
CA VAL A 788 29.13 -32.34 -6.19
C VAL A 788 28.43 -32.20 -4.84
N ALA A 789 27.44 -31.32 -4.75
CA ALA A 789 26.66 -31.22 -3.52
C ALA A 789 26.09 -32.57 -3.12
N ARG A 790 25.67 -33.36 -4.11
CA ARG A 790 25.09 -34.67 -3.82
C ARG A 790 26.13 -35.61 -3.22
N LEU A 791 27.37 -35.53 -3.70
CA LEU A 791 28.44 -36.32 -3.11
C LEU A 791 28.72 -35.87 -1.69
N ILE A 792 28.73 -34.54 -1.46
CA ILE A 792 28.91 -34.05 -0.10
C ILE A 792 27.77 -34.50 0.80
N GLN A 793 26.54 -34.43 0.29
CA GLN A 793 25.38 -34.89 1.06
C GLN A 793 25.54 -36.34 1.48
N ALA A 794 26.03 -37.19 0.57
CA ALA A 794 26.20 -38.59 0.90
C ALA A 794 27.26 -38.77 1.97
N GLN A 795 28.36 -38.00 1.90
CA GLN A 795 29.41 -38.13 2.88
C GLN A 795 28.95 -37.67 4.26
N LEU A 796 28.20 -36.57 4.31
CA LEU A 796 27.70 -36.08 5.58
C LEU A 796 26.64 -37.00 6.19
N ALA A 797 25.93 -37.77 5.38
CA ALA A 797 24.92 -38.66 5.92
C ALA A 797 25.55 -39.74 6.79
N ASP A 798 26.85 -39.98 6.63
CA ASP A 798 27.55 -40.92 7.49
C ASP A 798 27.75 -40.38 8.89
N ARG A 799 27.66 -39.07 9.08
CA ARG A 799 28.14 -38.43 10.29
C ARG A 799 26.99 -37.83 11.10
N LEU A 800 27.23 -37.76 12.41
CA LEU A 800 26.40 -36.99 13.32
C LEU A 800 27.33 -36.12 14.16
N SER A 801 26.81 -35.01 14.64
CA SER A 801 27.55 -34.15 15.56
C SER A 801 27.78 -34.90 16.86
N PRO A 802 28.66 -34.39 17.73
CA PRO A 802 28.79 -35.00 19.06
C PRO A 802 27.48 -35.12 19.81
N ALA A 803 26.55 -34.20 19.58
CA ALA A 803 25.21 -34.28 20.15
C ALA A 803 24.31 -35.28 19.43
N GLY A 804 24.82 -35.94 18.38
CA GLY A 804 24.02 -36.92 17.66
C GLY A 804 22.99 -36.35 16.69
N ARG A 805 23.29 -35.23 16.05
CA ARG A 805 22.38 -34.60 15.12
C ARG A 805 23.08 -34.40 13.78
N PRO A 806 22.33 -34.26 12.69
CA PRO A 806 22.97 -34.13 11.37
C PRO A 806 23.84 -32.88 11.30
N ILE A 807 24.93 -33.00 10.54
CA ILE A 807 25.84 -31.88 10.27
C ILE A 807 25.14 -30.96 9.28
N PRO A 808 24.90 -29.70 9.64
CA PRO A 808 24.19 -28.79 8.72
C PRO A 808 24.96 -28.60 7.43
N LEU A 809 24.22 -28.64 6.32
CA LEU A 809 24.78 -28.40 4.99
C LEU A 809 23.95 -27.32 4.33
N ILE A 810 24.62 -26.26 3.90
CA ILE A 810 24.02 -25.30 2.98
C ILE A 810 24.64 -25.63 1.64
N ALA A 811 23.80 -25.99 0.68
CA ALA A 811 24.27 -26.41 -0.64
C ALA A 811 23.52 -25.59 -1.66
N GLU A 812 24.21 -24.60 -2.21
CA GLU A 812 23.64 -23.67 -3.18
C GLU A 812 24.20 -24.07 -4.53
N THR A 813 23.31 -24.52 -5.41
CA THR A 813 23.72 -25.28 -6.58
C THR A 813 23.22 -24.67 -7.87
N GLY A 814 23.08 -25.49 -8.91
CA GLY A 814 22.91 -24.97 -10.26
C GLY A 814 21.51 -24.47 -10.55
N GLY A 815 21.36 -23.94 -11.77
CA GLY A 815 20.07 -23.44 -12.21
C GLY A 815 19.83 -23.83 -13.65
N GLN A 816 18.57 -23.78 -14.05
CA GLN A 816 18.18 -23.93 -15.45
C GLN A 816 17.22 -22.79 -15.73
N ASN A 817 17.77 -21.59 -15.72
CA ASN A 817 16.98 -20.40 -15.50
C ASN A 817 16.31 -19.95 -16.78
N ALA A 818 15.02 -19.68 -16.68
CA ALA A 818 14.20 -19.28 -17.81
C ALA A 818 13.80 -17.81 -17.69
N MET A 819 13.52 -17.24 -18.85
CA MET A 819 12.87 -15.94 -18.93
C MET A 819 11.71 -16.09 -19.90
N ILE A 820 10.54 -15.64 -19.47
CA ILE A 820 9.34 -15.67 -20.30
C ILE A 820 9.06 -14.26 -20.77
N VAL A 821 8.83 -14.11 -22.08
CA VAL A 821 8.59 -12.82 -22.70
C VAL A 821 7.29 -12.91 -23.46
N ASP A 822 6.37 -11.99 -23.19
CA ASP A 822 5.13 -11.99 -23.95
C ASP A 822 5.13 -10.86 -24.98
N SER A 823 4.02 -10.75 -25.72
CA SER A 823 3.95 -9.78 -26.80
C SER A 823 3.80 -8.34 -26.32
N SER A 824 3.63 -8.10 -25.02
CA SER A 824 3.57 -6.74 -24.51
C SER A 824 4.94 -6.17 -24.16
N ALA A 825 5.97 -7.00 -24.11
CA ALA A 825 7.29 -6.54 -23.73
C ALA A 825 7.90 -5.72 -24.87
N LEU A 826 8.78 -4.79 -24.53
CA LEU A 826 9.48 -3.97 -25.51
C LEU A 826 10.71 -4.73 -25.97
N ALA A 827 10.77 -5.06 -27.27
CA ALA A 827 11.79 -5.98 -27.76
C ALA A 827 13.20 -5.49 -27.46
N GLU A 828 13.46 -4.20 -27.62
CA GLU A 828 14.78 -3.65 -27.36
C GLU A 828 15.19 -3.89 -25.90
N GLN A 829 14.26 -3.69 -24.97
CA GLN A 829 14.53 -3.93 -23.56
C GLN A 829 14.81 -5.41 -23.31
N VAL A 830 13.96 -6.27 -23.88
CA VAL A 830 14.14 -7.71 -23.73
C VAL A 830 15.50 -8.13 -24.21
N VAL A 831 15.86 -7.69 -25.42
CA VAL A 831 17.11 -8.18 -26.02
C VAL A 831 18.29 -7.76 -25.17
N GLY A 832 18.29 -6.51 -24.70
CA GLY A 832 19.38 -6.08 -23.84
C GLY A 832 19.48 -6.94 -22.59
N ASP A 833 18.33 -7.21 -21.96
CA ASP A 833 18.37 -8.00 -20.75
C ASP A 833 18.72 -9.45 -21.01
N VAL A 834 18.34 -9.98 -22.17
CA VAL A 834 18.68 -11.35 -22.55
C VAL A 834 20.17 -11.46 -22.83
N ILE A 835 20.71 -10.54 -23.65
CA ILE A 835 22.14 -10.58 -23.97
C ILE A 835 22.96 -10.50 -22.69
N THR A 836 22.57 -9.62 -21.79
CA THR A 836 23.28 -9.51 -20.52
C THR A 836 23.11 -10.78 -19.70
N SER A 837 21.88 -11.25 -19.54
CA SER A 837 21.63 -12.38 -18.64
C SER A 837 22.27 -13.66 -19.16
N ALA A 838 22.29 -13.85 -20.47
CA ALA A 838 22.78 -15.12 -21.00
C ALA A 838 24.29 -15.14 -21.18
N PHE A 839 24.88 -14.01 -21.54
CA PHE A 839 26.25 -14.02 -22.01
C PHE A 839 27.23 -13.26 -21.15
N ASP A 840 26.75 -12.42 -20.23
CA ASP A 840 27.64 -11.81 -19.24
C ASP A 840 28.42 -12.93 -18.56
N SER A 841 29.71 -12.68 -18.35
CA SER A 841 30.58 -13.65 -17.71
C SER A 841 30.65 -14.95 -18.51
N ALA A 842 30.40 -14.87 -19.81
CA ALA A 842 30.35 -16.04 -20.68
C ALA A 842 29.34 -17.07 -20.18
N GLY A 843 28.23 -16.59 -19.62
CA GLY A 843 27.20 -17.46 -19.11
C GLY A 843 27.62 -18.24 -17.89
N GLN A 844 28.74 -17.87 -17.27
CA GLN A 844 29.25 -18.60 -16.11
C GLN A 844 28.80 -17.98 -14.80
N ARG A 845 27.55 -17.58 -14.76
CA ARG A 845 26.89 -17.22 -13.52
C ARG A 845 25.87 -18.32 -13.27
N CYS A 846 25.73 -18.71 -12.00
CA CYS A 846 24.67 -19.66 -11.69
C CYS A 846 23.31 -19.09 -12.04
N SER A 847 23.17 -17.77 -12.03
CA SER A 847 21.94 -17.04 -12.31
C SER A 847 21.69 -16.84 -13.80
N ALA A 848 22.61 -17.29 -14.65
CA ALA A 848 22.57 -16.90 -16.05
C ALA A 848 21.31 -17.41 -16.73
N LEU A 849 20.83 -16.66 -17.70
CA LEU A 849 19.66 -17.07 -18.45
C LEU A 849 20.04 -18.22 -19.37
N ARG A 850 19.33 -19.33 -19.24
CA ARG A 850 19.59 -20.53 -20.04
C ARG A 850 18.51 -20.79 -21.07
N VAL A 851 17.26 -20.43 -20.78
CA VAL A 851 16.15 -20.73 -21.68
C VAL A 851 15.30 -19.48 -21.80
N LEU A 852 15.26 -18.91 -22.99
CA LEU A 852 14.40 -17.78 -23.29
C LEU A 852 13.14 -18.31 -23.94
N CYS A 853 11.98 -17.90 -23.43
CA CYS A 853 10.69 -18.40 -23.89
C CYS A 853 9.94 -17.22 -24.49
N LEU A 854 9.70 -17.27 -25.78
CA LEU A 854 9.16 -16.13 -26.53
C LEU A 854 7.76 -16.46 -26.98
N GLN A 855 6.82 -15.57 -26.70
CA GLN A 855 5.47 -15.76 -27.20
C GLN A 855 5.51 -15.78 -28.73
N GLU A 856 4.77 -16.73 -29.31
CA GLU A 856 4.94 -17.05 -30.74
C GLU A 856 4.80 -15.82 -31.63
N ASP A 857 3.85 -14.93 -31.32
CA ASP A 857 3.55 -13.78 -32.18
C ASP A 857 4.71 -12.80 -32.30
N VAL A 858 5.60 -12.75 -31.31
CA VAL A 858 6.75 -11.85 -31.34
C VAL A 858 8.07 -12.58 -31.46
N ALA A 859 8.04 -13.92 -31.52
CA ALA A 859 9.28 -14.69 -31.42
C ALA A 859 10.24 -14.39 -32.55
N ASP A 860 9.74 -14.32 -33.79
CA ASP A 860 10.65 -14.11 -34.91
C ASP A 860 11.30 -12.74 -34.86
N ARG A 861 10.52 -11.70 -34.53
CA ARG A 861 11.08 -10.36 -34.44
C ARG A 861 12.13 -10.28 -33.34
N ILE A 862 11.83 -10.83 -32.17
CA ILE A 862 12.79 -10.75 -31.07
C ILE A 862 14.01 -11.60 -31.38
N LEU A 863 13.81 -12.80 -31.94
CA LEU A 863 14.94 -13.64 -32.29
CA LEU A 863 14.94 -13.65 -32.30
C LEU A 863 15.86 -12.96 -33.30
N THR A 864 15.29 -12.30 -34.31
CA THR A 864 16.13 -11.57 -35.26
C THR A 864 16.94 -10.50 -34.54
N MET A 865 16.29 -9.75 -33.65
CA MET A 865 17.01 -8.72 -32.91
C MET A 865 18.06 -9.32 -32.00
N LEU A 866 17.74 -10.45 -31.37
CA LEU A 866 18.70 -11.09 -30.48
C LEU A 866 19.94 -11.56 -31.23
N LYS A 867 19.74 -12.20 -32.39
CA LYS A 867 20.88 -12.63 -33.19
C LYS A 867 21.71 -11.44 -33.63
N GLY A 868 21.05 -10.34 -34.01
CA GLY A 868 21.80 -9.15 -34.40
C GLY A 868 22.63 -8.60 -33.25
N ALA A 869 22.06 -8.62 -32.05
CA ALA A 869 22.78 -8.10 -30.90
C ALA A 869 23.90 -9.04 -30.51
N LEU A 870 23.68 -10.35 -30.68
CA LEU A 870 24.71 -11.33 -30.40
C LEU A 870 25.98 -10.99 -31.16
N HIS A 871 25.83 -10.62 -32.43
CA HIS A 871 27.00 -10.40 -33.28
C HIS A 871 27.73 -9.10 -32.97
N GLU A 872 27.20 -8.28 -32.08
CA GLU A 872 27.88 -7.07 -31.67
C GLU A 872 28.74 -7.27 -30.44
N LEU A 873 28.82 -8.49 -29.92
CA LEU A 873 29.61 -8.74 -28.72
C LEU A 873 31.07 -8.95 -29.09
N HIS A 874 31.94 -8.43 -28.25
CA HIS A 874 33.38 -8.58 -28.42
C HIS A 874 33.85 -9.61 -27.40
N ILE A 875 34.39 -10.72 -27.92
CA ILE A 875 34.89 -11.80 -27.09
C ILE A 875 36.41 -11.75 -27.11
N GLY A 876 37.02 -11.82 -25.93
CA GLY A 876 38.46 -11.87 -25.88
C GLY A 876 38.99 -11.81 -24.47
N ARG A 877 40.32 -11.68 -24.39
CA ARG A 877 40.97 -11.54 -23.10
C ARG A 877 40.47 -10.28 -22.42
N THR A 878 40.14 -10.39 -21.14
CA THR A 878 39.32 -9.40 -20.47
C THR A 878 40.10 -8.22 -19.91
N ASP A 879 41.37 -8.10 -20.24
CA ASP A 879 42.12 -6.93 -19.81
C ASP A 879 41.96 -5.76 -20.77
N ARG A 880 40.87 -5.74 -21.54
CA ARG A 880 40.49 -4.60 -22.36
C ARG A 880 39.06 -4.24 -22.03
N LEU A 881 38.80 -2.95 -21.80
CA LEU A 881 37.46 -2.51 -21.46
C LEU A 881 36.46 -2.87 -22.55
N SER A 882 36.94 -2.96 -23.80
CA SER A 882 36.04 -3.22 -24.92
C SER A 882 35.55 -4.66 -24.97
N VAL A 883 36.09 -5.54 -24.14
CA VAL A 883 35.67 -6.94 -24.18
C VAL A 883 34.38 -7.11 -23.40
N ASP A 884 33.38 -7.71 -24.04
CA ASP A 884 32.10 -7.97 -23.42
C ASP A 884 32.01 -9.34 -22.79
N VAL A 885 32.64 -10.31 -23.43
CA VAL A 885 32.55 -11.72 -23.03
C VAL A 885 33.96 -12.26 -22.96
N GLY A 886 34.34 -12.78 -21.80
CA GLY A 886 35.65 -13.37 -21.63
C GLY A 886 35.66 -14.87 -21.87
N PRO A 887 36.72 -15.52 -21.41
CA PRO A 887 36.88 -16.95 -21.67
C PRO A 887 36.04 -17.77 -20.70
N VAL A 888 35.88 -19.04 -21.06
CA VAL A 888 35.42 -19.99 -20.07
C VAL A 888 36.62 -20.46 -19.24
N ILE A 889 36.34 -20.99 -18.05
CA ILE A 889 37.37 -21.09 -17.03
C ILE A 889 38.46 -22.11 -17.39
N THR A 890 38.11 -23.20 -18.08
CA THR A 890 39.08 -24.26 -18.36
C THR A 890 38.79 -24.89 -19.71
N SER A 891 39.79 -25.61 -20.22
CA SER A 891 39.60 -26.42 -21.44
CA SER A 891 39.57 -26.39 -21.44
C SER A 891 38.51 -27.46 -21.22
N GLU A 892 38.41 -28.01 -20.02
CA GLU A 892 37.39 -29.01 -19.76
C GLU A 892 36.00 -28.40 -19.81
N ALA A 893 35.83 -27.22 -19.22
CA ALA A 893 34.57 -26.49 -19.34
C ALA A 893 34.26 -26.22 -20.81
N LYS A 894 35.26 -25.73 -21.55
CA LYS A 894 35.08 -25.48 -22.97
CA LYS A 894 35.09 -25.47 -22.98
C LYS A 894 34.63 -26.74 -23.71
N ASP A 895 35.30 -27.87 -23.46
CA ASP A 895 34.93 -29.11 -24.13
C ASP A 895 33.53 -29.55 -23.76
N ASN A 896 33.15 -29.39 -22.49
CA ASN A 896 31.83 -29.79 -22.05
C ASN A 896 30.77 -28.95 -22.75
N ILE A 897 30.97 -27.63 -22.77
CA ILE A 897 30.01 -26.74 -23.44
C ILE A 897 29.93 -27.06 -24.92
N GLU A 898 31.08 -27.21 -25.57
CA GLU A 898 31.07 -27.46 -27.00
C GLU A 898 30.41 -28.79 -27.34
N LYS A 899 30.60 -29.81 -26.50
CA LYS A 899 29.94 -31.08 -26.76
C LYS A 899 28.43 -30.90 -26.78
N HIS A 900 27.91 -30.07 -25.87
CA HIS A 900 26.48 -29.80 -25.85
C HIS A 900 26.04 -29.10 -27.13
N ILE A 901 26.76 -28.06 -27.53
CA ILE A 901 26.39 -27.31 -28.73
C ILE A 901 26.37 -28.23 -29.94
N GLU A 902 27.40 -29.07 -30.09
CA GLU A 902 27.46 -29.95 -31.24
C GLU A 902 26.38 -31.02 -31.20
N ARG A 903 26.03 -31.51 -30.01
CA ARG A 903 24.88 -32.41 -29.89
C ARG A 903 23.62 -31.75 -30.42
N MET A 904 23.35 -30.51 -29.98
CA MET A 904 22.18 -29.78 -30.47
C MET A 904 22.25 -29.60 -31.98
N ARG A 905 23.40 -29.19 -32.48
CA ARG A 905 23.55 -29.01 -33.93
C ARG A 905 23.29 -30.32 -34.67
N GLY A 906 23.78 -31.43 -34.12
CA GLY A 906 23.57 -32.71 -34.76
C GLY A 906 22.12 -33.14 -34.77
N LEU A 907 21.33 -32.66 -33.81
CA LEU A 907 19.89 -32.94 -33.79
C LEU A 907 19.11 -32.06 -34.75
N GLY A 908 19.77 -31.19 -35.49
CA GLY A 908 19.10 -30.32 -36.44
C GLY A 908 18.63 -29.00 -35.86
N ARG A 909 18.96 -28.70 -34.61
CA ARG A 909 18.53 -27.45 -34.01
C ARG A 909 19.34 -26.30 -34.59
N LYS A 910 18.66 -25.17 -34.84
CA LYS A 910 19.33 -24.00 -35.38
C LYS A 910 20.27 -23.40 -34.34
N VAL A 911 21.52 -23.20 -34.72
CA VAL A 911 22.56 -22.71 -33.83
C VAL A 911 23.17 -21.46 -34.44
N GLU A 912 23.12 -20.36 -33.69
CA GLU A 912 23.74 -19.10 -34.06
C GLU A 912 24.94 -18.90 -33.17
N GLN A 913 26.10 -18.62 -33.77
CA GLN A 913 27.31 -18.40 -33.00
C GLN A 913 28.11 -17.22 -33.55
N ILE A 914 28.66 -16.43 -32.63
CA ILE A 914 29.63 -15.41 -32.97
C ILE A 914 30.90 -16.07 -33.50
N GLY A 915 31.56 -15.40 -34.45
CA GLY A 915 32.88 -15.82 -34.86
C GLY A 915 33.92 -15.34 -33.86
N LEU A 916 34.84 -16.22 -33.48
CA LEU A 916 35.88 -15.90 -32.51
C LEU A 916 37.10 -15.34 -33.22
N ALA A 917 37.73 -14.36 -32.60
CA ALA A 917 38.97 -13.81 -33.13
C ALA A 917 40.11 -14.78 -32.91
N SER A 918 41.12 -14.70 -33.79
CA SER A 918 42.28 -15.59 -33.69
C SER A 918 42.98 -15.46 -32.35
N GLU A 919 42.92 -14.26 -31.74
CA GLU A 919 43.54 -14.04 -30.44
C GLU A 919 42.98 -14.96 -29.35
N THR A 920 41.78 -15.48 -29.53
CA THR A 920 41.22 -16.37 -28.51
C THR A 920 41.90 -17.72 -28.47
N GLY A 921 42.72 -18.06 -29.47
CA GLY A 921 43.32 -19.38 -29.50
C GLY A 921 44.25 -19.67 -28.34
N VAL A 922 44.84 -18.63 -27.75
CA VAL A 922 45.75 -18.83 -26.62
C VAL A 922 45.03 -19.06 -25.32
N GLY A 923 43.70 -18.88 -25.28
CA GLY A 923 42.93 -19.17 -24.09
C GLY A 923 41.82 -20.17 -24.37
N THR A 924 40.85 -20.29 -23.47
CA THR A 924 39.76 -21.24 -23.63
C THR A 924 38.46 -20.45 -23.75
N PHE A 925 37.99 -20.28 -24.99
CA PHE A 925 36.82 -19.47 -25.26
C PHE A 925 35.74 -20.30 -25.94
N VAL A 926 34.49 -19.97 -25.63
CA VAL A 926 33.33 -20.50 -26.32
C VAL A 926 32.54 -19.29 -26.82
N PRO A 927 32.22 -19.21 -28.09
CA PRO A 927 31.48 -18.05 -28.57
C PRO A 927 30.06 -18.08 -28.01
N PRO A 928 29.54 -16.92 -27.64
CA PRO A 928 28.11 -16.82 -27.35
C PRO A 928 27.29 -17.47 -28.44
N THR A 929 26.31 -18.27 -28.02
CA THR A 929 25.61 -19.21 -28.86
C THR A 929 24.14 -19.14 -28.54
N ILE A 930 23.31 -19.14 -29.58
CA ILE A 930 21.86 -19.23 -29.43
C ILE A 930 21.43 -20.51 -30.10
N ILE A 931 20.67 -21.33 -29.37
CA ILE A 931 20.19 -22.62 -29.86
C ILE A 931 18.69 -22.61 -29.76
N GLU A 932 18.01 -22.83 -30.88
CA GLU A 932 16.55 -22.83 -30.88
C GLU A 932 16.07 -24.25 -30.62
N LEU A 933 15.30 -24.42 -29.56
CA LEU A 933 14.78 -25.74 -29.22
C LEU A 933 13.30 -25.82 -29.58
N GLU A 934 12.83 -27.06 -29.74
CA GLU A 934 11.40 -27.28 -29.90
C GLU A 934 10.69 -27.22 -28.56
N LYS A 935 11.20 -27.93 -27.56
CA LYS A 935 10.57 -28.00 -26.24
C LYS A 935 11.63 -27.81 -25.18
N LEU A 936 11.21 -27.26 -24.03
CA LEU A 936 12.13 -27.09 -22.91
C LEU A 936 12.76 -28.42 -22.50
N SER A 937 12.02 -29.52 -22.62
CA SER A 937 12.55 -30.83 -22.27
C SER A 937 13.71 -31.26 -23.16
N ASP A 938 13.94 -30.61 -24.29
CA ASP A 938 15.13 -30.88 -25.09
C ASP A 938 16.42 -30.54 -24.34
N LEU A 939 16.32 -29.72 -23.29
CA LEU A 939 17.48 -29.30 -22.52
C LEU A 939 17.47 -30.06 -21.21
N GLN A 940 18.46 -30.92 -20.99
CA GLN A 940 18.43 -31.91 -19.93
C GLN A 940 19.37 -31.62 -18.75
N ARG A 941 20.30 -30.68 -18.89
CA ARG A 941 21.30 -30.45 -17.85
C ARG A 941 21.73 -28.99 -17.92
N GLU A 942 22.18 -28.47 -16.78
CA GLU A 942 22.73 -27.12 -16.76
C GLU A 942 23.99 -27.11 -17.61
N VAL A 943 24.02 -26.23 -18.61
CA VAL A 943 25.18 -26.08 -19.49
C VAL A 943 25.83 -24.76 -19.10
N PHE A 944 26.95 -24.84 -18.41
CA PHE A 944 27.47 -23.68 -17.68
C PHE A 944 28.42 -22.91 -18.60
N GLY A 945 27.81 -22.24 -19.57
CA GLY A 945 28.57 -21.53 -20.57
C GLY A 945 27.67 -20.56 -21.29
N PRO A 946 28.20 -19.93 -22.33
CA PRO A 946 27.47 -18.84 -23.00
C PRO A 946 26.53 -19.39 -24.06
N VAL A 947 25.52 -20.13 -23.62
CA VAL A 947 24.63 -20.85 -24.50
C VAL A 947 23.20 -20.56 -24.09
N LEU A 948 22.50 -19.81 -24.92
CA LEU A 948 21.12 -19.46 -24.68
C LEU A 948 20.25 -20.38 -25.54
N HIS A 949 19.25 -20.98 -24.92
CA HIS A 949 18.29 -21.78 -25.66
C HIS A 949 17.01 -20.98 -25.78
N VAL A 950 16.38 -21.07 -26.94
CA VAL A 950 15.19 -20.29 -27.21
C VAL A 950 14.06 -21.23 -27.56
N ILE A 951 12.94 -21.09 -26.85
CA ILE A 951 11.74 -21.82 -27.20
C ILE A 951 10.62 -20.81 -27.43
N ARG A 952 9.61 -21.25 -28.16
CA ARG A 952 8.46 -20.42 -28.48
C ARG A 952 7.24 -21.04 -27.83
N TYR A 953 6.26 -20.19 -27.49
CA TYR A 953 5.05 -20.70 -26.87
C TYR A 953 3.86 -19.87 -27.35
N ARG A 954 2.72 -20.56 -27.47
CA ARG A 954 1.45 -19.89 -27.72
C ARG A 954 0.92 -19.33 -26.41
N ARG A 955 0.32 -18.13 -26.48
CA ARG A 955 -0.08 -17.44 -25.26
C ARG A 955 -1.01 -18.30 -24.38
N ASP A 956 -1.91 -19.04 -25.00
CA ASP A 956 -2.80 -19.89 -24.21
C ASP A 956 -2.06 -20.99 -23.47
N ASP A 957 -0.85 -21.33 -23.91
CA ASP A 957 -0.04 -22.36 -23.28
C ASP A 957 0.91 -21.79 -22.24
N LEU A 958 0.72 -20.54 -21.83
CA LEU A 958 1.62 -19.96 -20.83
C LEU A 958 1.66 -20.77 -19.55
N ASP A 959 0.50 -21.23 -19.06
CA ASP A 959 0.52 -21.97 -17.80
C ASP A 959 1.25 -23.29 -17.96
N ARG A 960 1.04 -23.97 -19.08
CA ARG A 960 1.80 -25.19 -19.35
C ARG A 960 3.29 -24.89 -19.43
N LEU A 961 3.66 -23.76 -20.03
CA LEU A 961 5.06 -23.36 -20.10
C LEU A 961 5.67 -23.20 -18.71
N VAL A 962 4.95 -22.53 -17.81
CA VAL A 962 5.46 -22.40 -16.45
C VAL A 962 5.66 -23.77 -15.81
N ASP A 963 4.72 -24.69 -16.05
CA ASP A 963 4.91 -26.07 -15.61
C ASP A 963 6.21 -26.65 -16.18
N ASP A 964 6.43 -26.44 -17.48
CA ASP A 964 7.66 -26.93 -18.13
C ASP A 964 8.90 -26.36 -17.46
N VAL A 965 8.89 -25.07 -17.14
CA VAL A 965 10.03 -24.48 -16.46
C VAL A 965 10.24 -25.15 -15.11
N ASN A 966 9.16 -25.31 -14.35
CA ASN A 966 9.25 -25.94 -13.04
C ASN A 966 9.69 -27.40 -13.16
N ALA A 967 9.37 -28.04 -14.30
CA ALA A 967 9.58 -29.47 -14.45
C ALA A 967 11.05 -29.86 -14.51
N THR A 968 11.96 -28.92 -14.73
CA THR A 968 13.37 -29.27 -14.73
C THR A 968 13.85 -29.70 -13.35
N GLY A 969 13.14 -29.30 -12.29
CA GLY A 969 13.59 -29.54 -10.94
C GLY A 969 14.44 -28.43 -10.37
N TYR A 970 14.95 -27.54 -11.21
CA TYR A 970 15.71 -26.40 -10.73
C TYR A 970 14.77 -25.28 -10.32
N GLY A 971 15.33 -24.25 -9.72
CA GLY A 971 14.49 -23.19 -9.22
C GLY A 971 15.35 -22.05 -8.69
N LEU A 972 16.24 -21.54 -9.52
CA LEU A 972 17.18 -20.53 -9.06
C LEU A 972 16.69 -19.14 -9.47
N THR A 973 17.03 -18.68 -10.66
CA THR A 973 16.52 -17.39 -11.10
C THR A 973 15.49 -17.58 -12.19
N PHE A 974 14.67 -16.54 -12.38
CA PHE A 974 13.59 -16.60 -13.35
C PHE A 974 13.25 -15.16 -13.71
N GLY A 975 13.05 -14.91 -14.99
CA GLY A 975 12.69 -13.60 -15.48
C GLY A 975 11.36 -13.61 -16.20
N LEU A 976 10.66 -12.50 -16.11
CA LEU A 976 9.43 -12.31 -16.86
C LEU A 976 9.42 -10.90 -17.41
N HIS A 977 9.21 -10.78 -18.71
CA HIS A 977 9.05 -9.50 -19.38
C HIS A 977 7.63 -9.41 -19.88
N THR A 978 6.86 -8.53 -19.24
CA THR A 978 5.49 -8.28 -19.60
C THR A 978 5.10 -6.96 -18.97
N ARG A 979 4.14 -6.30 -19.58
CA ARG A 979 3.54 -5.13 -18.97
C ARG A 979 2.24 -5.43 -18.26
N LEU A 980 1.78 -6.67 -18.31
CA LEU A 980 0.39 -6.97 -17.99
C LEU A 980 0.29 -7.58 -16.60
N ASP A 981 -0.45 -6.91 -15.72
CA ASP A 981 -0.57 -7.38 -14.34
C ASP A 981 -1.14 -8.78 -14.26
N GLU A 982 -2.10 -9.13 -15.12
CA GLU A 982 -2.67 -10.48 -15.03
C GLU A 982 -1.59 -11.52 -15.30
N THR A 983 -0.71 -11.24 -16.27
CA THR A 983 0.36 -12.17 -16.57
C THR A 983 1.38 -12.22 -15.44
N ILE A 984 1.72 -11.06 -14.86
CA ILE A 984 2.65 -11.04 -13.74
C ILE A 984 2.09 -11.88 -12.60
N ALA A 985 0.82 -11.66 -12.26
CA ALA A 985 0.21 -12.37 -11.14
C ALA A 985 0.20 -13.86 -11.40
N HIS A 986 -0.19 -14.26 -12.61
CA HIS A 986 -0.25 -15.67 -12.96
C HIS A 986 1.14 -16.31 -12.89
N VAL A 987 2.09 -15.73 -13.62
CA VAL A 987 3.38 -16.36 -13.73
C VAL A 987 4.09 -16.39 -12.39
N THR A 988 4.08 -15.28 -11.65
CA THR A 988 4.82 -15.27 -10.40
C THR A 988 4.17 -16.16 -9.34
N SER A 989 2.86 -16.38 -9.43
CA SER A 989 2.23 -17.27 -8.47
C SER A 989 2.52 -18.74 -8.79
N ARG A 990 2.80 -19.06 -10.06
CA ARG A 990 2.96 -20.45 -10.48
C ARG A 990 4.41 -20.88 -10.59
N ILE A 991 5.32 -19.95 -10.88
CA ILE A 991 6.72 -20.30 -10.98
C ILE A 991 7.25 -20.65 -9.60
N LYS A 992 8.17 -21.61 -9.57
CA LYS A 992 8.80 -22.03 -8.32
C LYS A 992 10.29 -21.78 -8.45
N ALA A 993 10.70 -20.55 -8.17
CA ALA A 993 12.11 -20.20 -8.21
C ALA A 993 12.41 -19.21 -7.10
N GLY A 994 13.67 -19.18 -6.68
CA GLY A 994 14.03 -18.37 -5.52
C GLY A 994 14.23 -16.91 -5.81
N ASN A 995 14.63 -16.56 -7.04
CA ASN A 995 14.91 -15.17 -7.39
C ASN A 995 14.17 -14.85 -8.66
N LEU A 996 13.14 -14.01 -8.55
CA LEU A 996 12.33 -13.63 -9.68
C LEU A 996 12.67 -12.21 -10.07
N TYR A 997 12.60 -11.94 -11.38
CA TYR A 997 12.95 -10.64 -11.89
C TYR A 997 11.93 -10.26 -12.95
N ILE A 998 11.34 -9.09 -12.80
CA ILE A 998 10.29 -8.64 -13.70
CA ILE A 998 10.28 -8.63 -13.70
C ILE A 998 10.79 -7.41 -14.45
N ASN A 999 10.82 -7.53 -15.79
CA ASN A 999 11.18 -6.41 -16.68
C ASN A 999 12.59 -5.91 -16.50
N ARG A 1000 13.49 -6.83 -16.19
CA ARG A 1000 14.90 -6.51 -16.02
C ARG A 1000 15.68 -7.79 -16.27
N ASN A 1001 17.00 -7.69 -16.18
CA ASN A 1001 17.79 -8.91 -16.34
C ASN A 1001 17.66 -9.78 -15.09
N ILE A 1002 18.19 -10.99 -15.17
CA ILE A 1002 18.02 -11.95 -14.09
C ILE A 1002 19.33 -12.19 -13.34
N ILE A 1003 20.31 -11.31 -13.49
CA ILE A 1003 21.63 -11.55 -12.93
C ILE A 1003 22.01 -10.43 -11.98
N GLY A 1004 23.11 -10.63 -11.28
CA GLY A 1004 23.61 -9.59 -10.41
C GLY A 1004 22.77 -9.33 -9.17
N ALA A 1005 22.23 -10.37 -8.54
CA ALA A 1005 21.48 -10.19 -7.31
C ALA A 1005 22.34 -9.44 -6.30
N VAL A 1006 21.71 -8.51 -5.60
CA VAL A 1006 22.39 -7.61 -4.68
C VAL A 1006 22.14 -8.07 -3.25
N VAL A 1007 23.23 -8.22 -2.49
CA VAL A 1007 23.14 -8.66 -1.11
C VAL A 1007 22.14 -7.81 -0.35
N GLY A 1008 21.24 -8.45 0.39
CA GLY A 1008 20.30 -7.73 1.22
C GLY A 1008 19.22 -7.00 0.46
N VAL A 1009 19.23 -7.06 -0.87
CA VAL A 1009 18.24 -6.43 -1.72
C VAL A 1009 17.49 -7.47 -2.54
N GLN A 1010 18.24 -8.34 -3.23
CA GLN A 1010 17.72 -9.60 -3.74
C GLN A 1010 18.50 -10.72 -3.06
N PRO A 1011 18.17 -11.05 -1.82
CA PRO A 1011 18.76 -12.24 -1.18
C PRO A 1011 18.69 -13.40 -2.15
N PHE A 1012 19.79 -14.11 -2.30
CA PHE A 1012 19.97 -14.95 -3.46
C PHE A 1012 19.99 -16.42 -3.07
N GLY A 1013 19.22 -17.22 -3.79
CA GLY A 1013 19.29 -18.65 -3.58
C GLY A 1013 18.00 -19.30 -4.02
N GLY A 1014 18.11 -20.52 -4.50
CA GLY A 1014 16.96 -21.19 -5.05
C GLY A 1014 16.54 -22.44 -4.31
N ARG A 1015 15.67 -23.21 -4.95
CA ARG A 1015 15.04 -24.37 -4.36
C ARG A 1015 15.21 -25.55 -5.29
N GLY A 1016 14.68 -26.69 -4.88
CA GLY A 1016 14.80 -27.87 -5.72
C GLY A 1016 16.26 -28.22 -5.92
N LEU A 1017 16.63 -28.52 -7.16
CA LEU A 1017 18.00 -28.85 -7.50
C LEU A 1017 18.93 -27.65 -7.40
N SER A 1018 18.40 -26.47 -7.12
CA SER A 1018 19.19 -25.25 -7.06
C SER A 1018 19.63 -24.89 -5.65
N GLY A 1019 19.12 -25.54 -4.63
CA GLY A 1019 19.56 -25.11 -3.33
C GLY A 1019 18.80 -25.72 -2.18
N THR A 1020 19.46 -25.79 -1.03
CA THR A 1020 18.79 -26.10 0.22
C THR A 1020 18.31 -24.85 0.92
N GLY A 1021 18.91 -23.71 0.61
CA GLY A 1021 18.77 -22.53 1.42
C GLY A 1021 19.45 -22.76 2.75
N PRO A 1022 19.39 -21.75 3.63
CA PRO A 1022 18.74 -20.45 3.42
C PRO A 1022 19.56 -19.61 2.43
N LYS A 1023 18.95 -18.54 1.96
CA LYS A 1023 19.58 -17.69 0.95
C LYS A 1023 20.79 -16.96 1.51
N ALA A 1024 21.89 -17.00 0.75
CA ALA A 1024 23.00 -16.09 1.01
C ALA A 1024 22.54 -14.66 0.80
N GLY A 1025 23.08 -13.75 1.61
CA GLY A 1025 22.69 -12.37 1.47
C GLY A 1025 21.30 -12.09 1.96
N GLY A 1026 20.75 -13.00 2.75
CA GLY A 1026 19.42 -12.86 3.32
C GLY A 1026 19.45 -13.09 4.82
N PRO A 1027 18.32 -12.82 5.46
CA PRO A 1027 18.28 -12.73 6.92
C PRO A 1027 18.21 -14.07 7.63
N LEU A 1028 17.96 -15.17 6.94
CA LEU A 1028 17.95 -16.49 7.58
C LEU A 1028 19.31 -17.16 7.59
N TYR A 1029 20.29 -16.58 6.90
CA TYR A 1029 21.55 -17.27 6.65
C TYR A 1029 22.33 -17.52 7.92
N LEU A 1030 22.58 -16.46 8.70
CA LEU A 1030 23.42 -16.65 9.88
C LEU A 1030 22.82 -17.66 10.83
N GLY A 1031 21.49 -17.72 10.90
CA GLY A 1031 20.86 -18.62 11.86
C GLY A 1031 21.11 -20.09 11.58
N ARG A 1032 21.51 -20.43 10.35
CA ARG A 1032 21.86 -21.80 10.02
C ARG A 1032 23.23 -22.18 10.57
N LEU A 1033 24.03 -21.20 10.97
CA LEU A 1033 25.42 -21.39 11.33
C LEU A 1033 25.63 -21.36 12.84
N VAL A 1034 24.54 -21.41 13.61
CA VAL A 1034 24.58 -21.50 15.06
C VAL A 1034 23.66 -22.64 15.46
N THR A 1035 23.86 -23.13 16.69
CA THR A 1035 23.08 -24.29 17.13
C THR A 1035 21.64 -23.94 17.47
N THR A 1036 21.37 -22.70 17.87
CA THR A 1036 20.02 -22.23 18.14
C THR A 1036 19.83 -20.96 17.31
N ALA A 1037 18.89 -21.00 16.37
CA ALA A 1037 18.77 -19.88 15.45
C ALA A 1037 18.15 -18.69 16.16
N PRO A 1038 18.66 -17.49 15.93
CA PRO A 1038 18.01 -16.29 16.46
C PRO A 1038 16.80 -15.94 15.62
N VAL A 1039 16.06 -14.94 16.08
CA VAL A 1039 14.94 -14.38 15.34
C VAL A 1039 15.50 -13.30 14.42
N PRO A 1040 15.46 -13.48 13.10
CA PRO A 1040 16.02 -12.48 12.21
C PRO A 1040 15.26 -11.17 12.32
N PRO A 1041 15.88 -10.05 11.93
CA PRO A 1041 15.14 -8.80 11.85
C PRO A 1041 13.95 -8.97 10.93
N GLN A 1042 12.82 -8.38 11.33
CA GLN A 1042 11.59 -8.31 10.55
C GLN A 1042 10.96 -9.67 10.30
N HIS A 1043 11.43 -10.71 10.98
CA HIS A 1043 11.00 -12.08 10.69
C HIS A 1043 9.82 -12.43 11.57
N SER A 1044 8.61 -12.25 11.03
CA SER A 1044 7.38 -12.63 11.70
C SER A 1044 6.27 -12.57 10.64
N SER A 1045 5.12 -13.12 11.01
CA SER A 1045 3.97 -13.02 10.13
C SER A 1045 2.73 -13.04 11.01
N VAL A 1046 1.76 -12.19 10.66
CA VAL A 1046 0.49 -12.22 11.39
C VAL A 1046 -0.46 -13.27 10.85
N HIS A 1047 -0.08 -13.99 9.80
CA HIS A 1047 -0.96 -14.95 9.20
CA HIS A 1047 -0.93 -14.97 9.15
C HIS A 1047 -0.75 -16.31 9.83
N THR A 1048 -1.85 -17.03 10.01
CA THR A 1048 -1.81 -18.36 10.58
C THR A 1048 -2.31 -19.33 9.52
N ASP A 1049 -1.54 -20.36 9.27
CA ASP A 1049 -1.94 -21.33 8.27
C ASP A 1049 -3.26 -21.98 8.68
N PRO A 1050 -4.26 -22.02 7.80
CA PRO A 1050 -5.57 -22.51 8.22
C PRO A 1050 -5.60 -24.00 8.42
N VAL A 1051 -4.75 -24.74 7.70
CA VAL A 1051 -4.70 -26.17 7.90
C VAL A 1051 -4.04 -26.48 9.24
N LEU A 1052 -3.02 -25.72 9.60
CA LEU A 1052 -2.48 -25.80 10.95
C LEU A 1052 -3.59 -25.61 11.97
N LEU A 1053 -4.42 -24.58 11.81
CA LEU A 1053 -5.50 -24.34 12.76
C LEU A 1053 -6.47 -25.52 12.80
N ASP A 1054 -6.82 -26.08 11.63
CA ASP A 1054 -7.70 -27.23 11.62
C ASP A 1054 -7.06 -28.41 12.33
N PHE A 1055 -5.76 -28.58 12.14
CA PHE A 1055 -5.05 -29.66 12.82
C PHE A 1055 -5.04 -29.45 14.33
N ALA A 1056 -4.79 -28.23 14.78
CA ALA A 1056 -4.82 -27.96 16.22
C ALA A 1056 -6.18 -28.28 16.81
N LYS A 1057 -7.26 -27.97 16.09
CA LYS A 1057 -8.59 -28.29 16.60
C LYS A 1057 -8.81 -29.79 16.63
N TRP A 1058 -8.31 -30.50 15.63
CA TRP A 1058 -8.40 -31.94 15.61
C TRP A 1058 -7.64 -32.56 16.78
N LEU A 1059 -6.44 -32.05 17.05
CA LEU A 1059 -5.67 -32.53 18.19
C LEU A 1059 -6.44 -32.33 19.48
N ASP A 1060 -7.03 -31.16 19.66
CA ASP A 1060 -7.85 -30.93 20.84
C ASP A 1060 -9.00 -31.92 20.92
N GLY A 1061 -9.64 -32.20 19.79
CA GLY A 1061 -10.73 -33.16 19.76
C GLY A 1061 -10.28 -34.57 20.11
N LYS A 1062 -9.05 -34.93 19.77
CA LYS A 1062 -8.49 -36.22 20.15
C LYS A 1062 -8.02 -36.25 21.58
N GLY A 1063 -8.06 -35.12 22.29
CA GLY A 1063 -7.54 -35.03 23.63
C GLY A 1063 -6.06 -34.79 23.73
N ALA A 1064 -5.38 -34.53 22.61
CA ALA A 1064 -3.94 -34.27 22.61
C ALA A 1064 -3.69 -32.78 22.88
N ARG A 1065 -3.99 -32.40 24.12
CA ARG A 1065 -4.03 -30.99 24.48
C ARG A 1065 -2.65 -30.35 24.41
N ALA A 1066 -1.62 -31.04 24.90
CA ALA A 1066 -0.29 -30.46 24.83
C ALA A 1066 0.13 -30.24 23.38
N GLU A 1067 -0.09 -31.23 22.53
CA GLU A 1067 0.27 -31.09 21.12
C GLU A 1067 -0.57 -30.02 20.44
N ALA A 1068 -1.84 -29.88 20.83
CA ALA A 1068 -2.66 -28.84 20.22
C ALA A 1068 -2.11 -27.46 20.57
N GLU A 1069 -1.66 -27.30 21.80
CA GLU A 1069 -1.03 -26.04 22.20
C GLU A 1069 0.25 -25.80 21.42
N ALA A 1070 1.09 -26.83 21.30
CA ALA A 1070 2.30 -26.73 20.49
C ALA A 1070 1.96 -26.39 19.05
N ALA A 1071 0.87 -26.96 18.54
CA ALA A 1071 0.46 -26.65 17.17
C ALA A 1071 0.08 -25.20 17.03
N ARG A 1072 -0.73 -24.69 17.98
CA ARG A 1072 -1.07 -23.27 17.93
C ARG A 1072 0.16 -22.38 18.07
N ASN A 1073 1.11 -22.78 18.93
CA ASN A 1073 2.34 -22.00 19.05
C ASN A 1073 3.12 -22.01 17.75
N ALA A 1074 3.16 -23.16 17.07
CA ALA A 1074 3.85 -23.20 15.78
C ALA A 1074 3.14 -22.32 14.78
N GLY A 1075 1.81 -22.32 14.78
CA GLY A 1075 1.07 -21.45 13.89
C GLY A 1075 1.44 -19.99 14.05
N SER A 1076 1.61 -19.56 15.31
CA SER A 1076 1.97 -18.17 15.60
C SER A 1076 3.44 -17.90 15.30
N SER A 1077 4.32 -18.84 15.66
CA SER A 1077 5.75 -18.63 15.47
CA SER A 1077 5.75 -18.66 15.47
CA SER A 1077 5.75 -18.61 15.47
C SER A 1077 6.16 -18.70 14.00
N SER A 1078 5.38 -19.39 13.19
CA SER A 1078 5.72 -19.48 11.78
C SER A 1078 5.75 -18.09 11.15
N ALA A 1079 6.74 -17.86 10.29
CA ALA A 1079 6.80 -16.64 9.53
C ALA A 1079 6.27 -16.81 8.11
N LEU A 1080 5.62 -17.92 7.83
CA LEU A 1080 4.92 -18.08 6.56
C LEU A 1080 4.01 -16.87 6.32
N GLY A 1081 4.13 -16.28 5.15
CA GLY A 1081 3.32 -15.13 4.82
C GLY A 1081 4.05 -13.82 4.98
N LEU A 1082 5.25 -13.85 5.55
CA LEU A 1082 6.08 -12.64 5.59
CA LEU A 1082 6.08 -12.64 5.59
C LEU A 1082 6.19 -12.08 4.19
N ASP A 1083 6.05 -10.76 4.08
CA ASP A 1083 6.03 -10.11 2.76
C ASP A 1083 6.59 -8.70 2.98
N LEU A 1084 7.85 -8.51 2.60
CA LEU A 1084 8.57 -7.30 2.92
C LEU A 1084 9.06 -6.66 1.63
N GLU A 1085 9.17 -5.34 1.64
CA GLU A 1085 9.91 -4.64 0.61
C GLU A 1085 11.24 -4.23 1.20
N LEU A 1086 12.31 -4.58 0.51
CA LEU A 1086 13.65 -4.31 1.00
C LEU A 1086 14.17 -2.99 0.40
N PRO A 1087 14.88 -2.20 1.18
CA PRO A 1087 15.43 -0.94 0.65
C PRO A 1087 16.41 -1.20 -0.46
N GLY A 1088 16.34 -0.36 -1.49
CA GLY A 1088 17.21 -0.49 -2.62
C GLY A 1088 17.18 0.76 -3.46
N PRO A 1089 17.57 0.63 -4.71
CA PRO A 1089 17.60 1.80 -5.60
C PRO A 1089 16.21 2.24 -5.98
N VAL A 1090 16.12 3.51 -6.37
CA VAL A 1090 14.88 3.99 -6.97
C VAL A 1090 14.60 3.22 -8.25
N GLY A 1091 13.34 3.25 -8.67
CA GLY A 1091 12.97 2.62 -9.92
C GLY A 1091 12.93 1.12 -9.88
N GLU A 1092 12.98 0.55 -8.68
CA GLU A 1092 12.91 -0.89 -8.53
C GLU A 1092 12.16 -1.16 -7.24
N ARG A 1093 11.38 -2.22 -7.24
CA ARG A 1093 10.73 -2.72 -6.04
CA ARG A 1093 10.73 -2.72 -6.03
C ARG A 1093 11.29 -4.10 -5.75
N ASN A 1094 11.90 -4.25 -4.59
CA ASN A 1094 12.54 -5.50 -4.23
C ASN A 1094 11.81 -6.12 -3.07
N LEU A 1095 11.24 -7.28 -3.31
CA LEU A 1095 10.32 -7.92 -2.39
C LEU A 1095 10.93 -9.21 -1.90
N TYR A 1096 10.59 -9.54 -0.65
CA TYR A 1096 11.13 -10.72 -0.02
C TYR A 1096 9.96 -11.35 0.73
N THR A 1097 9.68 -12.61 0.41
CA THR A 1097 8.48 -13.26 0.93
C THR A 1097 8.84 -14.67 1.38
N LEU A 1098 8.09 -15.16 2.36
CA LEU A 1098 8.27 -16.51 2.88
C LEU A 1098 7.06 -17.34 2.51
N HIS A 1099 7.31 -18.46 1.84
CA HIS A 1099 6.30 -19.37 1.34
C HIS A 1099 6.54 -20.75 1.93
N ALA A 1100 5.57 -21.64 1.71
CA ALA A 1100 5.82 -23.03 2.04
C ALA A 1100 6.96 -23.56 1.18
N ARG A 1101 7.67 -24.55 1.72
CA ARG A 1101 8.71 -25.21 0.94
CA ARG A 1101 8.72 -25.21 0.94
C ARG A 1101 8.12 -26.18 -0.08
N GLY A 1102 7.06 -26.88 0.30
CA GLY A 1102 6.46 -27.87 -0.58
C GLY A 1102 5.98 -29.05 0.22
N ARG A 1103 6.44 -30.25 -0.13
CA ARG A 1103 6.05 -31.45 0.60
C ARG A 1103 7.23 -31.85 1.46
N ILE A 1104 7.00 -31.94 2.76
CA ILE A 1104 8.04 -32.28 3.73
C ILE A 1104 7.90 -33.76 4.05
N LEU A 1105 9.02 -34.48 4.00
CA LEU A 1105 9.04 -35.87 4.42
C LEU A 1105 9.10 -35.91 5.94
N LEU A 1106 8.13 -36.57 6.55
CA LEU A 1106 8.09 -36.77 7.99
CA LEU A 1106 8.09 -36.76 8.00
C LEU A 1106 8.48 -38.20 8.32
N VAL A 1107 9.49 -38.35 9.16
CA VAL A 1107 9.91 -39.67 9.60
C VAL A 1107 9.75 -39.69 11.11
N PRO A 1108 8.56 -39.96 11.61
CA PRO A 1108 8.34 -39.94 13.05
C PRO A 1108 8.69 -41.29 13.67
N ALA A 1109 8.84 -41.28 14.98
CA ALA A 1109 8.97 -42.49 15.76
C ALA A 1109 7.83 -42.70 16.74
N THR A 1110 7.26 -41.62 17.27
CA THR A 1110 6.21 -41.70 18.28
C THR A 1110 5.02 -40.89 17.81
N GLU A 1111 3.86 -41.19 18.41
CA GLU A 1111 2.66 -40.43 18.07
C GLU A 1111 2.85 -38.95 18.38
N SER A 1112 3.36 -38.64 19.57
CA SER A 1112 3.58 -37.24 19.91
C SER A 1112 4.58 -36.61 18.96
N GLY A 1113 5.65 -37.34 18.62
CA GLY A 1113 6.61 -36.81 17.66
C GLY A 1113 5.95 -36.50 16.32
N LEU A 1114 5.10 -37.41 15.85
CA LEU A 1114 4.39 -37.17 14.61
C LEU A 1114 3.54 -35.92 14.69
N TYR A 1115 2.81 -35.74 15.79
CA TYR A 1115 1.96 -34.56 15.91
C TYR A 1115 2.79 -33.29 15.92
N HIS A 1116 3.94 -33.31 16.61
CA HIS A 1116 4.82 -32.16 16.60
C HIS A 1116 5.39 -31.89 15.21
N GLN A 1117 5.79 -32.95 14.50
CA GLN A 1117 6.29 -32.77 13.15
C GLN A 1117 5.22 -32.20 12.23
N LEU A 1118 4.01 -32.74 12.33
CA LEU A 1118 2.93 -32.26 11.49
CA LEU A 1118 2.90 -32.25 11.50
C LEU A 1118 2.61 -30.80 11.79
N ALA A 1119 2.60 -30.43 13.07
CA ALA A 1119 2.34 -29.04 13.45
C ALA A 1119 3.38 -28.12 12.83
N ALA A 1120 4.65 -28.50 12.92
CA ALA A 1120 5.72 -27.67 12.35
C ALA A 1120 5.55 -27.52 10.85
N ALA A 1121 5.29 -28.63 10.17
CA ALA A 1121 5.17 -28.59 8.71
C ALA A 1121 3.94 -27.84 8.26
N LEU A 1122 2.81 -28.08 8.92
CA LEU A 1122 1.57 -27.42 8.52
C LEU A 1122 1.60 -25.94 8.83
N ALA A 1123 2.20 -25.57 9.96
CA ALA A 1123 2.30 -24.16 10.34
C ALA A 1123 3.08 -23.35 9.33
N THR A 1124 3.95 -24.02 8.58
CA THR A 1124 4.75 -23.36 7.56
C THR A 1124 4.20 -23.59 6.17
N GLY A 1125 2.95 -24.06 6.06
CA GLY A 1125 2.22 -24.11 4.82
C GLY A 1125 2.47 -25.35 3.99
N ASN A 1126 3.22 -26.31 4.51
CA ASN A 1126 3.64 -27.44 3.70
C ASN A 1126 2.63 -28.56 3.72
N SER A 1127 2.71 -29.40 2.70
CA SER A 1127 2.12 -30.71 2.77
C SER A 1127 3.18 -31.66 3.30
N VAL A 1128 2.78 -32.89 3.60
CA VAL A 1128 3.71 -33.85 4.18
C VAL A 1128 3.51 -35.21 3.54
N ALA A 1129 4.60 -35.96 3.51
CA ALA A 1129 4.55 -37.40 3.27
C ALA A 1129 5.11 -38.05 4.52
N ILE A 1130 4.30 -38.88 5.18
CA ILE A 1130 4.69 -39.51 6.43
C ILE A 1130 5.18 -40.91 6.14
N ASP A 1131 6.31 -41.26 6.71
CA ASP A 1131 6.86 -42.60 6.55
C ASP A 1131 5.86 -43.63 7.03
N ALA A 1132 5.39 -44.48 6.12
CA ALA A 1132 4.46 -45.54 6.49
C ALA A 1132 5.12 -46.59 7.37
N ALA A 1133 6.44 -46.73 7.30
CA ALA A 1133 7.13 -47.69 8.14
C ALA A 1133 7.14 -47.30 9.60
N SER A 1134 6.70 -46.08 9.94
CA SER A 1134 6.60 -45.68 11.34
C SER A 1134 5.55 -46.48 12.08
N GLY A 1135 4.59 -47.08 11.37
CA GLY A 1135 3.51 -47.77 12.01
C GLY A 1135 2.52 -46.87 12.73
N LEU A 1136 2.52 -45.57 12.43
CA LEU A 1136 1.70 -44.64 13.17
C LEU A 1136 0.41 -44.25 12.45
N GLN A 1137 0.01 -45.04 11.43
CA GLN A 1137 -1.20 -44.69 10.68
C GLN A 1137 -2.41 -44.49 11.58
N ALA A 1138 -2.56 -45.32 12.61
CA ALA A 1138 -3.70 -45.20 13.51
C ALA A 1138 -3.70 -43.93 14.35
N SER A 1139 -2.60 -43.19 14.35
CA SER A 1139 -2.55 -41.94 15.11
C SER A 1139 -3.22 -40.78 14.39
N LEU A 1140 -3.59 -40.95 13.13
CA LEU A 1140 -4.18 -39.87 12.34
C LEU A 1140 -5.59 -40.22 11.85
N LYS A 1141 -6.38 -40.85 12.70
CA LYS A 1141 -7.73 -41.24 12.31
C LYS A 1141 -8.65 -40.02 12.31
N ASN A 1142 -9.52 -39.96 11.31
CA ASN A 1142 -10.58 -38.95 11.24
C ASN A 1142 -10.03 -37.54 11.11
N LEU A 1143 -8.97 -37.38 10.31
CA LEU A 1143 -8.45 -36.04 10.07
C LEU A 1143 -9.49 -35.20 9.35
N PRO A 1144 -9.57 -33.90 9.64
CA PRO A 1144 -10.36 -33.01 8.80
C PRO A 1144 -9.89 -33.12 7.36
N GLN A 1145 -10.83 -32.97 6.42
CA GLN A 1145 -10.48 -33.05 5.01
C GLN A 1145 -9.38 -32.05 4.63
N THR A 1146 -9.43 -30.85 5.21
CA THR A 1146 -8.41 -29.86 4.88
C THR A 1146 -7.02 -30.36 5.23
N VAL A 1147 -6.90 -31.04 6.38
CA VAL A 1147 -5.60 -31.58 6.77
C VAL A 1147 -5.27 -32.80 5.94
N GLY A 1148 -6.26 -33.70 5.74
CA GLY A 1148 -6.03 -34.86 4.90
C GLY A 1148 -5.52 -34.53 3.51
N LEU A 1149 -5.98 -33.41 2.94
CA LEU A 1149 -5.50 -33.00 1.63
C LEU A 1149 -4.00 -32.76 1.63
N ARG A 1150 -3.45 -32.40 2.79
CA ARG A 1150 -2.02 -32.13 2.90
C ARG A 1150 -1.22 -33.34 3.34
N VAL A 1151 -1.87 -34.45 3.66
CA VAL A 1151 -1.19 -35.60 4.27
C VAL A 1151 -1.20 -36.75 3.28
N SER A 1152 -0.02 -37.31 3.02
CA SER A 1152 0.11 -38.57 2.33
C SER A 1152 1.00 -39.46 3.17
N TRP A 1153 0.88 -40.75 2.94
CA TRP A 1153 1.76 -41.72 3.57
C TRP A 1153 2.64 -42.33 2.50
N SER A 1154 3.92 -42.55 2.83
CA SER A 1154 4.89 -42.98 1.84
C SER A 1154 5.60 -44.21 2.37
N LYS A 1155 5.46 -45.33 1.65
CA LYS A 1155 6.30 -46.49 1.91
C LYS A 1155 7.63 -46.36 1.17
N ASP A 1156 7.56 -45.97 -0.10
CA ASP A 1156 8.74 -45.84 -0.95
C ASP A 1156 8.99 -44.35 -1.13
N TRP A 1157 9.87 -43.81 -0.29
CA TRP A 1157 10.11 -42.36 -0.29
C TRP A 1157 10.58 -41.87 -1.65
N ALA A 1158 11.46 -42.64 -2.31
CA ALA A 1158 12.00 -42.19 -3.59
C ALA A 1158 10.92 -42.04 -4.64
N ALA A 1159 9.84 -42.81 -4.54
CA ALA A 1159 8.77 -42.73 -5.53
C ALA A 1159 7.83 -41.56 -5.28
N ASP A 1160 7.79 -41.03 -4.06
CA ASP A 1160 6.80 -40.04 -3.67
C ASP A 1160 7.37 -38.62 -3.59
N GLY A 1161 8.61 -38.42 -4.00
CA GLY A 1161 9.20 -37.11 -4.03
C GLY A 1161 8.85 -36.35 -5.29
N PRO A 1162 9.51 -35.22 -5.54
CA PRO A 1162 10.58 -34.63 -4.72
C PRO A 1162 10.02 -34.00 -3.46
N PHE A 1163 10.75 -34.16 -2.37
CA PHE A 1163 10.43 -33.45 -1.15
C PHE A 1163 11.21 -32.14 -1.10
N ALA A 1164 10.82 -31.28 -0.17
CA ALA A 1164 11.45 -29.99 0.00
C ALA A 1164 12.09 -29.85 1.36
N GLY A 1165 12.10 -30.92 2.14
CA GLY A 1165 12.76 -30.94 3.43
C GLY A 1165 12.31 -32.19 4.14
N ALA A 1166 12.86 -32.38 5.33
CA ALA A 1166 12.48 -33.56 6.11
C ALA A 1166 12.55 -33.23 7.58
N LEU A 1167 11.69 -33.89 8.33
CA LEU A 1167 11.70 -33.87 9.79
C LEU A 1167 11.82 -35.30 10.27
N VAL A 1168 12.79 -35.56 11.13
CA VAL A 1168 13.10 -36.91 11.58
C VAL A 1168 13.08 -36.95 13.09
N GLU A 1169 12.50 -38.02 13.64
CA GLU A 1169 12.48 -38.27 15.08
C GLU A 1169 13.14 -39.62 15.32
N GLY A 1170 14.08 -39.65 16.25
CA GLY A 1170 14.65 -40.93 16.61
C GLY A 1170 15.88 -40.74 17.45
N ASP A 1171 16.41 -41.88 17.91
CA ASP A 1171 17.70 -41.83 18.58
C ASP A 1171 18.81 -41.62 17.54
N ALA A 1172 20.05 -41.51 18.04
CA ALA A 1172 21.14 -41.11 17.17
C ALA A 1172 21.31 -42.07 16.00
N GLU A 1173 21.23 -43.37 16.26
CA GLU A 1173 21.45 -44.30 15.17
C GLU A 1173 20.26 -44.36 14.21
N ARG A 1174 19.04 -44.16 14.72
CA ARG A 1174 17.89 -44.02 13.84
C ARG A 1174 18.04 -42.79 12.95
N ILE A 1175 18.50 -41.68 13.52
CA ILE A 1175 18.70 -40.47 12.73
C ILE A 1175 19.73 -40.71 11.64
N ARG A 1176 20.85 -41.35 11.99
CA ARG A 1176 21.89 -41.61 11.01
C ARG A 1176 21.35 -42.47 9.88
N ALA A 1177 20.59 -43.52 10.22
CA ALA A 1177 20.04 -44.41 9.21
C ALA A 1177 19.10 -43.66 8.29
N VAL A 1178 18.18 -42.90 8.88
CA VAL A 1178 17.23 -42.12 8.09
C VAL A 1178 17.96 -41.11 7.22
N ASN A 1179 18.99 -40.47 7.77
CA ASN A 1179 19.74 -39.47 7.01
C ASN A 1179 20.39 -40.10 5.79
N LYS A 1180 20.88 -41.34 5.91
CA LYS A 1180 21.42 -42.05 4.75
C LYS A 1180 20.34 -42.39 3.75
N ALA A 1181 19.18 -42.85 4.21
CA ALA A 1181 18.09 -43.13 3.28
C ALA A 1181 17.62 -41.85 2.59
N ILE A 1182 17.59 -40.75 3.32
CA ILE A 1182 17.18 -39.48 2.69
C ILE A 1182 18.21 -39.03 1.67
N ALA A 1183 19.50 -39.15 1.99
CA ALA A 1183 20.52 -38.75 1.05
C ALA A 1183 20.44 -39.54 -0.24
N ALA A 1184 19.92 -40.78 -0.17
CA ALA A 1184 19.83 -41.63 -1.34
C ALA A 1184 18.65 -41.28 -2.23
N LEU A 1185 17.76 -40.41 -1.79
CA LEU A 1185 16.60 -40.10 -2.62
C LEU A 1185 17.05 -39.33 -3.85
N PRO A 1186 16.49 -39.61 -5.02
CA PRO A 1186 16.88 -38.88 -6.22
C PRO A 1186 16.46 -37.43 -6.13
N GLY A 1187 17.18 -36.58 -6.85
CA GLY A 1187 16.75 -35.20 -7.00
C GLY A 1187 17.39 -34.26 -6.00
N PRO A 1188 16.58 -33.40 -5.39
CA PRO A 1188 17.13 -32.27 -4.63
C PRO A 1188 17.72 -32.74 -3.31
N LEU A 1189 18.72 -32.00 -2.86
CA LEU A 1189 19.22 -32.20 -1.51
C LEU A 1189 18.15 -31.72 -0.55
N LEU A 1190 17.87 -32.50 0.48
CA LEU A 1190 16.81 -32.14 1.41
C LEU A 1190 17.43 -31.52 2.66
N LEU A 1191 16.87 -30.41 3.10
CA LEU A 1191 17.24 -29.85 4.39
C LEU A 1191 16.53 -30.66 5.45
N VAL A 1192 17.30 -31.47 6.17
CA VAL A 1192 16.79 -32.42 7.14
C VAL A 1192 16.99 -31.84 8.54
N GLN A 1193 15.94 -31.89 9.35
CA GLN A 1193 16.05 -31.58 10.77
C GLN A 1193 15.69 -32.84 11.54
N ALA A 1194 16.50 -33.16 12.54
CA ALA A 1194 16.24 -34.34 13.35
C ALA A 1194 16.17 -33.96 14.82
N ALA A 1195 15.45 -34.77 15.58
CA ALA A 1195 15.37 -34.60 17.02
C ALA A 1195 15.03 -35.95 17.63
N SER A 1196 15.48 -36.15 18.87
CA SER A 1196 15.02 -37.30 19.62
C SER A 1196 13.64 -37.05 20.18
N SER A 1197 12.98 -38.12 20.61
CA SER A 1197 11.68 -37.95 21.25
C SER A 1197 11.80 -37.06 22.48
N GLY A 1198 12.86 -37.24 23.26
CA GLY A 1198 13.02 -36.41 24.46
C GLY A 1198 13.23 -34.95 24.12
N GLU A 1199 13.96 -34.69 23.03
CA GLU A 1199 14.16 -33.32 22.58
C GLU A 1199 12.84 -32.67 22.18
N ILE A 1200 11.99 -33.41 21.46
CA ILE A 1200 10.67 -32.90 21.11
C ILE A 1200 9.87 -32.58 22.37
N ALA A 1201 10.00 -33.41 23.39
CA ALA A 1201 9.27 -33.16 24.63
C ALA A 1201 9.85 -31.97 25.37
N ARG A 1202 11.16 -31.78 25.31
CA ARG A 1202 11.80 -30.74 26.11
C ARG A 1202 11.85 -29.40 25.41
N ASN A 1203 12.01 -29.40 24.10
CA ASN A 1203 12.35 -28.17 23.38
C ASN A 1203 11.26 -27.80 22.39
N PRO A 1204 10.51 -26.72 22.64
CA PRO A 1204 9.49 -26.28 21.67
C PRO A 1204 10.07 -26.00 20.30
N ASP A 1205 11.35 -25.67 20.20
CA ASP A 1205 11.99 -25.39 18.92
C ASP A 1205 12.86 -26.54 18.45
N ALA A 1206 12.55 -27.77 18.87
CA ALA A 1206 13.31 -28.93 18.42
C ALA A 1206 13.42 -28.94 16.90
N TYR A 1207 12.34 -28.62 16.21
CA TYR A 1207 12.35 -28.40 14.78
C TYR A 1207 12.21 -26.90 14.57
N CYS A 1208 13.14 -26.33 13.84
CA CYS A 1208 13.15 -24.88 13.65
C CYS A 1208 12.30 -24.53 12.44
N LEU A 1209 11.36 -23.61 12.61
CA LEU A 1209 10.48 -23.26 11.52
C LEU A 1209 11.16 -22.44 10.44
N ASN A 1210 12.32 -21.82 10.72
CA ASN A 1210 13.07 -21.10 9.71
C ASN A 1210 13.33 -21.96 8.49
N TRP A 1211 13.56 -23.26 8.69
CA TRP A 1211 14.01 -24.12 7.61
C TRP A 1211 12.87 -24.84 6.92
N LEU A 1212 11.63 -24.55 7.32
CA LEU A 1212 10.44 -25.15 6.76
C LEU A 1212 9.67 -24.19 5.87
N VAL A 1213 10.17 -22.97 5.70
CA VAL A 1213 9.64 -22.03 4.72
C VAL A 1213 10.70 -21.86 3.65
N GLU A 1214 10.24 -21.35 2.52
CA GLU A 1214 11.06 -21.07 1.35
C GLU A 1214 11.07 -19.57 1.16
N GLU A 1215 12.25 -19.00 1.04
CA GLU A 1215 12.37 -17.59 0.73
C GLU A 1215 12.25 -17.35 -0.76
N VAL A 1216 11.52 -16.32 -1.13
CA VAL A 1216 11.45 -15.89 -2.52
C VAL A 1216 11.78 -14.42 -2.58
N SER A 1217 12.72 -14.06 -3.45
CA SER A 1217 13.04 -12.67 -3.72
C SER A 1217 12.46 -12.31 -5.08
N ALA A 1218 11.85 -11.14 -5.17
CA ALA A 1218 11.34 -10.67 -6.45
C ALA A 1218 11.78 -9.23 -6.64
N SER A 1219 12.37 -8.96 -7.79
CA SER A 1219 12.86 -7.63 -8.13
C SER A 1219 12.11 -7.17 -9.36
N ILE A 1220 11.35 -6.10 -9.21
CA ILE A 1220 10.53 -5.55 -10.29
C ILE A 1220 11.11 -4.23 -10.72
N ASN A 1221 11.42 -4.11 -12.01
CA ASN A 1221 11.89 -2.85 -12.57
C ASN A 1221 10.68 -1.96 -12.81
N THR A 1222 10.44 -1.02 -11.89
CA THR A 1222 9.28 -0.15 -11.96
C THR A 1222 9.52 1.03 -12.88
N ALA A 1223 10.71 1.17 -13.43
CA ALA A 1223 10.98 2.18 -14.44
C ALA A 1223 10.83 1.65 -15.85
N ALA A 1224 10.42 0.39 -16.02
CA ALA A 1224 10.50 -0.23 -17.33
C ALA A 1224 9.60 0.45 -18.37
N ALA A 1225 8.52 1.09 -17.92
CA ALA A 1225 7.64 1.75 -18.88
C ALA A 1225 8.26 3.00 -19.48
N GLY A 1226 9.34 3.50 -18.89
CA GLY A 1226 10.05 4.61 -19.49
C GLY A 1226 10.32 5.73 -18.52
N GLY A 1227 9.79 5.61 -17.31
CA GLY A 1227 9.99 6.62 -16.30
C GLY A 1227 9.67 6.08 -14.93
N ASN A 1228 9.92 6.92 -13.93
CA ASN A 1228 9.77 6.56 -12.53
C ASN A 1228 8.64 7.41 -11.93
N ALA A 1229 7.51 6.76 -11.63
CA ALA A 1229 6.35 7.49 -11.11
C ALA A 1229 6.65 8.16 -9.78
N SER A 1230 7.34 7.45 -8.88
CA SER A 1230 7.67 8.03 -7.57
C SER A 1230 8.54 9.27 -7.70
N LEU A 1231 9.53 9.24 -8.61
CA LEU A 1231 10.39 10.39 -8.80
C LEU A 1231 9.70 11.55 -9.51
N MET A 1232 8.53 11.33 -10.11
CA MET A 1232 7.78 12.46 -10.66
C MET A 1232 7.35 13.44 -9.58
N ALA A 1233 7.30 12.98 -8.33
CA ALA A 1233 6.95 13.82 -7.20
C ALA A 1233 8.17 14.43 -6.51
N ILE A 1234 9.38 14.14 -6.97
CA ILE A 1234 10.60 14.62 -6.33
C ILE A 1234 11.18 15.75 -7.18
N GLY A 1235 11.07 16.97 -6.67
CA GLY A 1235 11.64 18.12 -7.34
C GLY A 1235 12.32 19.03 -6.34
N PRO B 17 -50.24 12.51 25.98
CA PRO B 17 -49.07 13.36 25.71
C PRO B 17 -48.95 13.70 24.23
N ALA B 18 -49.10 14.98 23.89
CA ALA B 18 -49.03 15.40 22.50
C ALA B 18 -47.68 14.99 21.91
N PRO B 19 -47.66 14.52 20.66
CA PRO B 19 -46.39 14.10 20.05
C PRO B 19 -45.42 15.27 19.98
N PHE B 20 -44.18 15.01 20.41
CA PHE B 20 -43.07 15.95 20.31
C PHE B 20 -43.23 17.20 21.15
N ALA B 21 -44.19 17.23 22.07
CA ALA B 21 -44.40 18.41 22.91
C ALA B 21 -43.15 18.75 23.71
N ASP B 22 -42.45 17.73 24.22
CA ASP B 22 -41.24 17.98 24.99
C ASP B 22 -40.04 17.31 24.34
N PHE B 23 -39.87 17.52 23.04
CA PHE B 23 -38.84 16.78 22.30
C PHE B 23 -37.44 17.13 22.79
N ALA B 24 -37.08 18.41 22.74
CA ALA B 24 -35.75 18.79 23.21
C ALA B 24 -35.73 20.24 23.69
N PRO B 25 -36.48 20.57 24.72
CA PRO B 25 -36.50 21.96 25.20
C PRO B 25 -35.11 22.35 25.69
N PRO B 26 -34.65 23.55 25.37
CA PRO B 26 -33.32 23.96 25.84
C PRO B 26 -33.33 24.17 27.35
N VAL B 27 -32.13 24.09 27.93
CA VAL B 27 -31.98 24.32 29.36
C VAL B 27 -32.50 25.68 29.75
N ARG B 28 -32.23 26.69 28.93
CA ARG B 28 -32.66 28.05 29.20
C ARG B 28 -32.93 28.74 27.86
N PRO B 29 -33.74 29.80 27.86
CA PRO B 29 -33.88 30.58 26.63
C PRO B 29 -32.53 31.10 26.17
N GLN B 30 -32.28 30.99 24.87
CA GLN B 30 -30.98 31.34 24.32
C GLN B 30 -30.88 32.86 24.16
N SER B 31 -29.92 33.46 24.87
CA SER B 31 -29.66 34.88 24.76
C SER B 31 -29.08 35.21 23.39
N THR B 32 -29.02 36.51 23.09
CA THR B 32 -28.38 36.97 21.87
C THR B 32 -26.95 36.44 21.77
N LEU B 33 -26.20 36.51 22.86
CA LEU B 33 -24.83 35.99 22.84
C LEU B 33 -24.80 34.49 22.64
N ARG B 34 -25.71 33.76 23.26
CA ARG B 34 -25.72 32.32 23.07
C ARG B 34 -26.10 31.97 21.63
N ARG B 35 -27.06 32.70 21.06
CA ARG B 35 -27.47 32.42 19.69
C ARG B 35 -26.35 32.70 18.72
N ALA B 36 -25.51 33.70 18.99
CA ALA B 36 -24.38 33.99 18.12
C ALA B 36 -23.36 32.87 18.16
N ILE B 37 -23.23 32.20 19.31
CA ILE B 37 -22.38 31.02 19.39
C ILE B 37 -22.92 29.93 18.47
N THR B 38 -24.20 29.59 18.65
CA THR B 38 -24.79 28.51 17.88
C THR B 38 -24.72 28.80 16.39
N ALA B 39 -24.93 30.06 16.00
CA ALA B 39 -24.91 30.44 14.59
C ALA B 39 -23.57 30.14 13.94
N ALA B 40 -22.50 30.12 14.73
CA ALA B 40 -21.17 29.91 14.18
C ALA B 40 -20.75 28.45 14.15
N TYR B 41 -21.55 27.55 14.72
CA TYR B 41 -21.16 26.17 14.96
C TYR B 41 -20.42 25.55 13.77
N ARG B 42 -21.02 25.63 12.58
CA ARG B 42 -20.41 25.03 11.40
C ARG B 42 -20.27 26.04 10.27
N ARG B 43 -19.98 27.28 10.64
CA ARG B 43 -19.83 28.34 9.67
C ARG B 43 -18.74 27.98 8.68
N PRO B 44 -18.92 28.25 7.40
CA PRO B 44 -17.87 27.96 6.43
C PRO B 44 -16.54 28.57 6.85
N GLU B 45 -15.47 27.83 6.57
CA GLU B 45 -14.14 28.25 6.96
C GLU B 45 -13.77 29.58 6.31
N THR B 46 -14.21 29.79 5.06
CA THR B 46 -13.93 31.06 4.39
C THR B 46 -14.66 32.23 5.01
N GLU B 47 -15.75 31.99 5.72
CA GLU B 47 -16.41 33.07 6.44
C GLU B 47 -15.81 33.31 7.80
N CYS B 48 -15.24 32.27 8.42
CA CYS B 48 -14.69 32.42 9.77
C CYS B 48 -13.38 33.20 9.76
N LEU B 49 -12.56 32.98 8.75
CA LEU B 49 -11.18 33.48 8.80
C LEU B 49 -11.02 34.98 8.66
N PRO B 50 -11.74 35.68 7.78
CA PRO B 50 -11.46 37.12 7.60
C PRO B 50 -11.60 37.91 8.90
N PRO B 51 -12.66 37.74 9.69
CA PRO B 51 -12.69 38.50 10.95
C PRO B 51 -11.62 38.10 11.94
N LEU B 52 -11.19 36.84 11.92
CA LEU B 52 -10.08 36.43 12.78
C LEU B 52 -8.76 37.06 12.33
N VAL B 53 -8.53 37.10 11.01
CA VAL B 53 -7.33 37.77 10.49
C VAL B 53 -7.31 39.22 10.96
N GLU B 54 -8.45 39.91 10.86
CA GLU B 54 -8.51 41.30 11.29
C GLU B 54 -8.18 41.43 12.77
N ALA B 55 -8.79 40.59 13.61
CA ALA B 55 -8.56 40.68 15.05
C ALA B 55 -7.13 40.30 15.42
N ALA B 56 -6.51 39.42 14.66
CA ALA B 56 -5.17 38.93 14.95
C ALA B 56 -4.07 39.82 14.39
N THR B 57 -4.42 40.87 13.65
CA THR B 57 -3.42 41.73 13.05
C THR B 57 -2.69 42.55 14.11
N GLN B 58 -1.36 42.61 14.00
CA GLN B 58 -0.53 43.44 14.84
C GLN B 58 0.40 44.29 13.99
N SER B 59 0.83 45.42 14.55
CA SER B 59 1.73 46.33 13.86
C SER B 59 3.02 45.62 13.48
N LYS B 60 3.70 46.14 12.45
CA LYS B 60 4.98 45.57 12.05
C LYS B 60 5.99 45.63 13.20
N GLU B 61 5.91 46.66 14.04
CA GLU B 61 6.81 46.76 15.18
C GLU B 61 6.62 45.59 16.12
N ILE B 62 5.37 45.31 16.50
CA ILE B 62 5.10 44.18 17.38
C ILE B 62 5.44 42.86 16.71
N ARG B 63 5.11 42.73 15.42
CA ARG B 63 5.39 41.48 14.71
C ARG B 63 6.89 41.23 14.60
N ASP B 64 7.66 42.30 14.35
CA ASP B 64 9.12 42.15 14.33
C ASP B 64 9.63 41.76 15.72
N ALA B 65 9.15 42.44 16.75
CA ALA B 65 9.58 42.11 18.10
C ALA B 65 9.18 40.70 18.49
N ALA B 66 7.95 40.28 18.14
CA ALA B 66 7.52 38.92 18.44
C ALA B 66 8.38 37.91 17.70
N ALA B 67 8.75 38.20 16.45
CA ALA B 67 9.58 37.28 15.70
C ALA B 67 10.96 37.14 16.33
N SER B 68 11.49 38.24 16.88
CA SER B 68 12.76 38.18 17.58
C SER B 68 12.63 37.38 18.88
N THR B 69 11.60 37.67 19.66
CA THR B 69 11.36 36.90 20.88
C THR B 69 11.16 35.43 20.57
N ALA B 70 10.41 35.12 19.51
CA ALA B 70 10.20 33.73 19.12
C ALA B 70 11.51 33.07 18.72
N ARG B 71 12.35 33.78 17.95
CA ARG B 71 13.64 33.21 17.56
C ARG B 71 14.49 32.89 18.77
N LYS B 72 14.52 33.79 19.75
CA LYS B 72 15.33 33.56 20.95
C LYS B 72 14.81 32.36 21.74
N LEU B 73 13.49 32.22 21.84
CA LEU B 73 12.93 31.06 22.51
C LEU B 73 13.29 29.77 21.77
N ILE B 74 13.17 29.78 20.45
CA ILE B 74 13.39 28.57 19.66
C ILE B 74 14.86 28.18 19.66
N GLU B 75 15.74 29.17 19.52
CA GLU B 75 17.17 28.92 19.66
C GLU B 75 17.48 28.34 21.04
N ALA B 76 16.88 28.91 22.09
CA ALA B 76 17.04 28.34 23.42
C ALA B 76 16.53 26.91 23.48
N LEU B 77 15.37 26.65 22.88
CA LEU B 77 14.81 25.31 22.88
C LEU B 77 15.71 24.32 22.17
N ARG B 78 16.15 24.67 20.95
CA ARG B 78 16.99 23.76 20.19
C ARG B 78 18.41 23.68 20.72
N GLY B 79 18.88 24.72 21.41
CA GLY B 79 20.24 24.68 21.92
C GLY B 79 20.40 23.70 23.07
N LYS B 80 19.38 23.58 23.92
CA LYS B 80 19.44 22.69 25.07
C LYS B 80 18.82 21.32 24.80
N HIS B 81 18.32 21.08 23.59
CA HIS B 81 17.85 19.75 23.23
C HIS B 81 19.02 18.78 23.27
N SER B 82 18.88 17.72 24.08
CA SER B 82 19.94 16.74 24.25
C SER B 82 19.62 15.38 23.67
N GLY B 83 18.35 14.98 23.67
CA GLY B 83 17.99 13.64 23.22
C GLY B 83 17.28 12.91 24.36
N SER B 84 16.13 12.32 24.03
CA SER B 84 15.30 11.70 25.04
C SER B 84 15.99 10.50 25.67
N GLY B 85 15.45 10.06 26.81
CA GLY B 85 15.92 8.82 27.39
C GLY B 85 15.67 7.64 26.49
N VAL B 86 14.53 7.63 25.81
CA VAL B 86 14.19 6.54 24.88
C VAL B 86 15.21 6.47 23.75
N GLU B 87 15.53 7.63 23.16
CA GLU B 87 16.55 7.66 22.11
C GLU B 87 17.87 7.08 22.61
N GLY B 88 18.29 7.49 23.81
CA GLY B 88 19.54 6.99 24.36
C GLY B 88 19.50 5.50 24.63
N LEU B 89 18.35 4.98 25.06
CA LEU B 89 18.21 3.55 25.24
C LEU B 89 18.26 2.82 23.91
N VAL B 90 17.56 3.35 22.90
CA VAL B 90 17.58 2.75 21.57
C VAL B 90 18.99 2.75 21.00
N GLN B 91 19.71 3.86 21.18
CA GLN B 91 21.08 3.93 20.69
C GLN B 91 22.02 3.00 21.44
N GLU B 92 21.89 2.94 22.77
CA GLU B 92 22.82 2.15 23.57
C GLU B 92 22.72 0.67 23.26
N TYR B 93 21.50 0.17 23.04
CA TYR B 93 21.31 -1.25 22.77
C TYR B 93 21.03 -1.54 21.32
N SER B 94 21.19 -0.55 20.44
CA SER B 94 21.03 -0.72 19.00
C SER B 94 19.67 -1.33 18.69
N LEU B 95 18.64 -0.78 19.33
CA LEU B 95 17.30 -1.30 19.16
C LEU B 95 16.68 -0.82 17.86
N SER B 96 15.97 -1.72 17.18
CA SER B 96 15.06 -1.29 16.15
C SER B 96 13.85 -0.63 16.81
N SER B 97 13.04 0.04 16.00
CA SER B 97 11.83 0.67 16.54
C SER B 97 10.93 -0.36 17.20
N GLN B 98 10.67 -1.47 16.51
CA GLN B 98 9.82 -2.51 17.08
C GLN B 98 10.43 -3.07 18.37
N GLU B 99 11.75 -3.20 18.42
CA GLU B 99 12.38 -3.64 19.65
C GLU B 99 12.19 -2.62 20.76
N GLY B 100 12.32 -1.34 20.43
CA GLY B 100 12.06 -0.32 21.44
C GLY B 100 10.63 -0.35 21.94
N VAL B 101 9.67 -0.54 21.04
CA VAL B 101 8.26 -0.63 21.44
C VAL B 101 8.05 -1.88 22.30
N ALA B 102 8.57 -3.01 21.85
CA ALA B 102 8.39 -4.26 22.58
C ALA B 102 9.00 -4.16 23.96
N LEU B 103 10.17 -3.53 24.07
CA LEU B 103 10.82 -3.39 25.36
C LEU B 103 9.98 -2.55 26.30
N MET B 104 9.42 -1.45 25.81
CA MET B 104 8.60 -0.63 26.68
C MET B 104 7.32 -1.34 27.10
N CYS B 105 6.75 -2.15 26.20
CA CYS B 105 5.60 -2.96 26.60
C CYS B 105 5.98 -3.93 27.70
N LEU B 106 7.12 -4.60 27.54
CA LEU B 106 7.62 -5.50 28.59
C LEU B 106 7.82 -4.73 29.89
N ALA B 107 8.44 -3.55 29.81
CA ALA B 107 8.67 -2.74 31.00
C ALA B 107 7.35 -2.37 31.66
N GLU B 108 6.37 -1.92 30.87
CA GLU B 108 5.05 -1.61 31.39
C GLU B 108 4.47 -2.79 32.17
N ALA B 109 4.56 -3.99 31.60
CA ALA B 109 4.02 -5.17 32.27
C ALA B 109 4.78 -5.45 33.56
N LEU B 110 6.11 -5.33 33.54
CA LEU B 110 6.89 -5.59 34.74
C LEU B 110 6.55 -4.57 35.84
N LEU B 111 6.21 -3.34 35.46
CA LEU B 111 5.84 -2.34 36.44
C LEU B 111 4.47 -2.57 37.04
N ARG B 112 3.66 -3.46 36.46
CA ARG B 112 2.41 -3.84 37.10
C ARG B 112 2.67 -4.74 38.31
N ILE B 113 3.88 -5.28 38.43
CA ILE B 113 4.29 -5.99 39.63
C ILE B 113 4.72 -4.95 40.65
N PRO B 114 3.95 -4.75 41.73
CA PRO B 114 4.27 -3.64 42.64
C PRO B 114 5.52 -3.86 43.47
N ASP B 115 5.84 -5.10 43.82
CA ASP B 115 6.97 -5.36 44.71
C ASP B 115 8.26 -5.41 43.90
N THR B 116 9.19 -4.49 44.23
CA THR B 116 10.47 -4.43 43.51
C THR B 116 11.20 -5.77 43.56
N ALA B 117 11.18 -6.44 44.71
CA ALA B 117 11.91 -7.70 44.84
C ALA B 117 11.33 -8.78 43.96
N THR B 118 9.99 -8.87 43.88
CA THR B 118 9.38 -9.89 43.03
C THR B 118 9.61 -9.59 41.56
N ARG B 119 9.54 -8.31 41.19
CA ARG B 119 9.77 -7.93 39.79
C ARG B 119 11.22 -8.18 39.38
N ASP B 120 12.17 -7.70 40.19
CA ASP B 120 13.58 -7.93 39.89
C ASP B 120 13.92 -9.41 39.88
N ALA B 121 13.29 -10.21 40.73
CA ALA B 121 13.51 -11.65 40.70
C ALA B 121 12.96 -12.26 39.41
N LEU B 122 11.76 -11.83 39.00
CA LEU B 122 11.19 -12.34 37.76
C LEU B 122 12.08 -12.00 36.56
N ILE B 123 12.65 -10.79 36.57
CA ILE B 123 13.51 -10.36 35.46
C ILE B 123 14.72 -11.26 35.35
N ARG B 124 15.43 -11.46 36.47
CA ARG B 124 16.69 -12.19 36.43
C ARG B 124 16.47 -13.68 36.19
N ASP B 125 15.43 -14.25 36.79
CA ASP B 125 15.25 -15.71 36.76
C ASP B 125 14.35 -16.20 35.65
N LYS B 126 13.49 -15.36 35.08
CA LYS B 126 12.55 -15.87 34.07
C LYS B 126 12.56 -15.07 32.79
N ILE B 127 12.63 -13.74 32.86
CA ILE B 127 12.52 -12.92 31.65
C ILE B 127 13.85 -12.89 30.91
N ALA B 128 14.95 -12.67 31.62
CA ALA B 128 16.26 -12.54 30.98
C ALA B 128 16.66 -13.84 30.28
N ASP B 129 16.14 -14.97 30.75
CA ASP B 129 16.36 -16.27 30.12
C ASP B 129 15.42 -16.53 28.95
N GLY B 130 14.76 -15.49 28.44
CA GLY B 130 13.91 -15.58 27.28
C GLY B 130 12.49 -16.06 27.54
N ASN B 131 12.27 -16.83 28.62
CA ASN B 131 10.94 -17.37 28.88
C ASN B 131 9.98 -16.27 29.34
N TRP B 132 9.78 -15.25 28.51
CA TRP B 132 8.89 -14.16 28.85
C TRP B 132 7.45 -14.43 28.45
N LYS B 133 7.23 -15.22 27.40
CA LYS B 133 5.90 -15.55 26.89
C LYS B 133 5.04 -16.32 27.89
N SER B 134 5.52 -16.57 29.11
CA SER B 134 4.81 -17.38 30.10
C SER B 134 4.47 -16.62 31.36
N HIS B 135 5.36 -15.77 31.85
CA HIS B 135 5.22 -15.17 33.17
C HIS B 135 4.51 -13.81 33.16
N LEU B 136 4.15 -13.28 32.00
CA LEU B 136 3.56 -11.94 31.94
C LEU B 136 2.33 -11.86 31.05
N ARG B 140 -3.45 -11.89 28.92
CA ARG B 140 -3.38 -10.56 28.35
C ARG B 140 -2.04 -10.34 27.64
N SER B 141 -2.11 -9.92 26.39
CA SER B 141 -0.91 -9.69 25.61
C SER B 141 -0.04 -8.64 26.29
N LEU B 142 1.26 -8.89 26.28
CA LEU B 142 2.21 -7.86 26.70
C LEU B 142 2.04 -6.58 25.90
N PHE B 143 1.50 -6.66 24.69
CA PHE B 143 1.55 -5.57 23.74
C PHE B 143 0.23 -4.81 23.61
N VAL B 144 -0.66 -4.94 24.60
CA VAL B 144 -1.96 -4.26 24.56
C VAL B 144 -1.81 -2.77 24.29
N ASN B 145 -0.81 -2.13 24.91
CA ASN B 145 -0.63 -0.69 24.76
C ASN B 145 0.49 -0.34 23.80
N ALA B 146 0.82 -1.23 22.88
CA ALA B 146 1.95 -0.98 21.99
C ALA B 146 1.72 0.21 21.08
N ALA B 147 0.46 0.54 20.76
CA ALA B 147 0.24 1.73 19.94
C ALA B 147 0.70 2.97 20.67
N THR B 148 0.46 3.03 21.98
CA THR B 148 0.94 4.14 22.77
C THR B 148 2.46 4.18 22.80
N TRP B 149 3.09 3.03 23.08
CA TRP B 149 4.54 2.99 23.09
C TRP B 149 5.11 3.23 21.70
N GLY B 150 4.41 2.82 20.65
CA GLY B 150 4.83 3.16 19.30
C GLY B 150 4.93 4.66 19.09
N LEU B 151 3.96 5.40 19.62
CA LEU B 151 4.04 6.86 19.56
C LEU B 151 5.26 7.36 20.34
N VAL B 152 5.47 6.83 21.53
CA VAL B 152 6.59 7.26 22.37
C VAL B 152 7.91 7.01 21.66
N VAL B 153 8.04 5.85 21.01
CA VAL B 153 9.32 5.42 20.46
C VAL B 153 9.55 6.03 19.08
N THR B 154 8.53 6.07 18.24
CA THR B 154 8.68 6.42 16.84
C THR B 154 8.02 7.73 16.46
N GLY B 155 7.13 8.25 17.31
CA GLY B 155 6.34 9.40 16.94
C GLY B 155 5.22 9.11 15.97
N LYS B 156 5.03 7.86 15.57
CA LYS B 156 3.97 7.48 14.64
C LYS B 156 2.94 6.65 15.39
N LEU B 157 1.68 6.82 15.02
CA LEU B 157 0.58 6.05 15.57
C LEU B 157 0.19 4.96 14.60
N THR B 158 0.02 3.75 15.11
CA THR B 158 -0.60 2.66 14.37
C THR B 158 -1.80 2.21 15.18
N SER B 159 -2.96 2.06 14.52
CA SER B 159 -4.20 1.85 15.25
C SER B 159 -4.22 0.49 15.94
N THR B 160 -3.65 -0.52 15.32
CA THR B 160 -3.54 -1.83 15.93
C THR B 160 -2.08 -2.25 15.94
N VAL B 161 -1.84 -3.37 16.62
CA VAL B 161 -0.52 -3.78 17.07
C VAL B 161 -0.12 -5.01 16.27
N ASN B 162 1.07 -4.98 15.67
CA ASN B 162 1.58 -6.20 15.06
C ASN B 162 2.26 -7.00 16.17
N ASP B 163 1.43 -7.82 16.84
CA ASP B 163 1.91 -8.55 18.00
C ASP B 163 2.91 -9.64 17.64
N ARG B 164 2.86 -10.17 16.42
CA ARG B 164 3.88 -11.13 16.03
CA ARG B 164 3.88 -11.13 16.03
C ARG B 164 5.22 -10.46 15.80
N SER B 165 5.21 -9.28 15.19
CA SER B 165 6.44 -8.51 15.01
C SER B 165 7.02 -8.09 16.36
N LEU B 166 6.15 -7.67 17.29
CA LEU B 166 6.64 -7.28 18.60
C LEU B 166 7.16 -8.48 19.39
N ALA B 167 6.46 -9.62 19.30
CA ALA B 167 6.95 -10.81 19.99
C ALA B 167 8.32 -11.22 19.46
N ALA B 168 8.50 -11.18 18.13
CA ALA B 168 9.79 -11.49 17.54
C ALA B 168 10.84 -10.50 18.01
N ALA B 169 10.47 -9.21 18.04
CA ALA B 169 11.43 -8.18 18.44
C ALA B 169 11.82 -8.33 19.91
N LEU B 170 10.85 -8.67 20.76
CA LEU B 170 11.19 -8.84 22.18
C LEU B 170 12.10 -10.05 22.39
N THR B 171 11.78 -11.17 21.74
CA THR B 171 12.66 -12.32 21.81
C THR B 171 14.05 -11.97 21.31
N ARG B 172 14.12 -11.25 20.18
CA ARG B 172 15.41 -10.91 19.62
C ARG B 172 16.21 -10.03 20.57
N LEU B 173 15.57 -9.00 21.12
CA LEU B 173 16.32 -8.08 21.96
C LEU B 173 16.77 -8.74 23.27
N ILE B 174 15.92 -9.58 23.86
CA ILE B 174 16.33 -10.25 25.09
C ILE B 174 17.43 -11.26 24.83
N SER B 175 17.30 -12.06 23.77
CA SER B 175 18.35 -13.01 23.45
C SER B 175 19.66 -12.31 23.10
N ARG B 176 19.58 -11.08 22.59
CA ARG B 176 20.80 -10.36 22.20
C ARG B 176 21.43 -9.62 23.38
N CYS B 177 20.60 -8.96 24.20
CA CYS B 177 21.13 -8.06 25.21
C CYS B 177 20.84 -8.49 26.63
N GLY B 178 19.87 -9.38 26.86
CA GLY B 178 19.73 -9.96 28.17
C GLY B 178 19.18 -9.01 29.22
N GLU B 179 19.48 -9.34 30.48
CA GLU B 179 18.96 -8.56 31.59
C GLU B 179 19.29 -7.08 31.54
N PRO B 180 20.49 -6.65 31.14
CA PRO B 180 20.77 -5.20 31.17
C PRO B 180 19.80 -4.37 30.37
N VAL B 181 19.35 -4.84 29.22
CA VAL B 181 18.41 -4.04 28.46
C VAL B 181 17.04 -4.03 29.13
N ILE B 182 16.65 -5.13 29.77
CA ILE B 182 15.36 -5.17 30.46
C ILE B 182 15.37 -4.18 31.61
N ARG B 183 16.44 -4.21 32.40
CA ARG B 183 16.60 -3.28 33.51
C ARG B 183 16.51 -1.83 33.04
N ARG B 184 17.21 -1.51 31.96
CA ARG B 184 17.16 -0.15 31.42
C ARG B 184 15.76 0.22 30.96
N GLY B 185 15.07 -0.72 30.30
CA GLY B 185 13.72 -0.44 29.88
C GLY B 185 12.79 -0.20 31.06
N VAL B 186 12.92 -1.02 32.10
CA VAL B 186 12.07 -0.88 33.28
C VAL B 186 12.30 0.48 33.93
N ASP B 187 13.56 0.85 34.14
CA ASP B 187 13.88 2.14 34.75
C ASP B 187 13.37 3.28 33.90
N MET B 188 13.48 3.15 32.57
CA MET B 188 13.01 4.19 31.68
CA MET B 188 13.00 4.18 31.67
C MET B 188 11.49 4.34 31.77
N ALA B 189 10.76 3.23 31.68
CA ALA B 189 9.31 3.29 31.74
C ALA B 189 8.85 3.81 33.09
N MET B 190 9.52 3.39 34.16
CA MET B 190 9.18 3.87 35.50
C MET B 190 9.32 5.39 35.58
N ARG B 191 10.41 5.92 35.02
CA ARG B 191 10.59 7.37 35.04
C ARG B 191 9.55 8.06 34.17
N MET B 192 9.35 7.57 32.95
CA MET B 192 8.38 8.21 32.06
C MET B 192 6.99 8.19 32.65
N MET B 193 6.58 7.03 33.17
CA MET B 193 5.21 6.90 33.66
C MET B 193 5.03 7.46 35.06
N GLY B 194 6.11 7.69 35.79
CA GLY B 194 5.97 8.15 37.16
C GLY B 194 6.28 9.63 37.31
N GLU B 195 7.03 10.19 36.36
CA GLU B 195 7.56 11.54 36.51
C GLU B 195 7.39 12.42 35.28
N GLN B 196 7.25 11.85 34.08
CA GLN B 196 7.13 12.65 32.87
CA GLN B 196 7.13 12.65 32.87
C GLN B 196 5.69 12.73 32.38
N PHE B 197 5.04 11.59 32.19
CA PHE B 197 3.65 11.59 31.77
C PHE B 197 2.71 12.07 32.87
N VAL B 198 3.14 11.97 34.13
CA VAL B 198 2.40 12.52 35.25
C VAL B 198 3.37 13.30 36.11
N THR B 199 2.86 14.32 36.80
CA THR B 199 3.69 14.98 37.79
C THR B 199 3.93 14.06 38.98
N GLY B 200 2.93 13.26 39.33
CA GLY B 200 3.07 12.27 40.36
C GLY B 200 1.97 11.25 40.24
N GLU B 201 2.17 10.11 40.91
CA GLU B 201 1.16 9.07 40.88
C GLU B 201 -0.04 9.45 41.73
N THR B 202 0.18 10.19 42.81
CA THR B 202 -0.85 10.64 43.72
C THR B 202 -0.73 12.15 43.87
N ILE B 203 -1.80 12.75 44.41
CA ILE B 203 -1.77 14.20 44.61
C ILE B 203 -0.69 14.58 45.62
N ARG B 204 -0.46 13.72 46.63
CA ARG B 204 0.59 13.99 47.61
C ARG B 204 1.94 14.06 46.92
N GLU B 205 2.22 13.12 46.03
CA GLU B 205 3.50 13.12 45.33
C GLU B 205 3.60 14.31 44.38
N ALA B 206 2.53 14.56 43.62
CA ALA B 206 2.53 15.68 42.69
C ALA B 206 2.75 17.00 43.41
N LEU B 207 2.07 17.20 44.55
CA LEU B 207 2.24 18.43 45.30
C LEU B 207 3.67 18.59 45.78
N LYS B 208 4.28 17.49 46.25
CA LYS B 208 5.66 17.56 46.73
C LYS B 208 6.61 17.92 45.61
N ARG B 209 6.39 17.37 44.42
CA ARG B 209 7.26 17.63 43.28
C ARG B 209 7.01 18.98 42.64
N SER B 210 5.94 19.67 43.03
CA SER B 210 5.60 20.98 42.46
C SER B 210 6.35 22.12 43.11
N LYS B 211 6.90 21.93 44.32
CA LYS B 211 7.53 23.03 45.02
C LYS B 211 8.69 23.61 44.23
N GLU B 212 9.46 22.75 43.55
CA GLU B 212 10.67 23.20 42.88
C GLU B 212 10.38 24.29 41.85
N LEU B 213 9.45 24.02 40.94
CA LEU B 213 9.13 25.02 39.92
C LEU B 213 8.27 26.15 40.47
N GLU B 214 7.46 25.89 41.50
CA GLU B 214 6.75 26.99 42.15
C GLU B 214 7.72 28.02 42.72
N GLU B 215 8.84 27.56 43.30
CA GLU B 215 9.85 28.47 43.80
C GLU B 215 10.46 29.32 42.69
N LYS B 216 10.43 28.83 41.45
CA LYS B 216 10.92 29.60 40.32
C LYS B 216 9.87 30.53 39.73
N GLY B 217 8.61 30.43 40.17
CA GLY B 217 7.56 31.29 39.67
C GLY B 217 6.51 30.59 38.85
N PHE B 218 6.59 29.27 38.70
CA PHE B 218 5.51 28.54 38.07
C PHE B 218 4.38 28.33 39.06
N SER B 219 3.19 28.09 38.53
CA SER B 219 2.04 27.63 39.31
C SER B 219 1.57 26.33 38.70
N TYR B 220 0.55 25.74 39.31
CA TYR B 220 0.09 24.42 38.90
C TYR B 220 -1.42 24.37 38.81
N SER B 221 -1.90 23.52 37.92
CA SER B 221 -3.29 23.10 37.87
C SER B 221 -3.28 21.60 37.72
N TYR B 222 -3.81 20.88 38.71
CA TYR B 222 -3.73 19.43 38.72
C TYR B 222 -4.86 18.79 37.94
N ASP B 223 -4.50 17.81 37.11
CA ASP B 223 -5.41 17.09 36.23
C ASP B 223 -5.47 15.68 36.79
N MET B 224 -6.56 15.37 37.49
CA MET B 224 -6.65 14.06 38.12
C MET B 224 -6.95 12.91 37.13
N LEU B 225 -6.90 13.19 35.82
CA LEU B 225 -6.93 12.16 34.78
C LEU B 225 -8.23 11.35 34.77
N GLY B 226 -9.32 11.96 35.22
CA GLY B 226 -10.64 11.34 35.11
C GLY B 226 -11.37 11.91 33.92
N GLU B 227 -12.07 11.03 33.20
CA GLU B 227 -12.93 11.51 32.12
C GLU B 227 -13.81 10.37 31.64
N ALA B 228 -14.88 10.77 30.95
CA ALA B 228 -15.76 9.84 30.25
C ALA B 228 -16.22 8.72 31.18
N ALA B 229 -16.89 9.11 32.26
CA ALA B 229 -17.52 8.12 33.13
C ALA B 229 -18.46 7.26 32.31
N THR B 230 -18.37 5.94 32.48
CA THR B 230 -19.26 5.01 31.80
C THR B 230 -20.44 4.60 32.67
N THR B 231 -20.25 4.55 33.98
CA THR B 231 -21.30 4.12 34.89
C THR B 231 -21.47 5.17 35.98
N ALA B 232 -22.58 5.04 36.70
CA ALA B 232 -22.80 5.88 37.88
C ALA B 232 -21.65 5.74 38.86
N ALA B 233 -21.15 4.53 39.07
CA ALA B 233 -20.08 4.32 40.03
C ALA B 233 -18.80 5.03 39.58
N ASP B 234 -18.53 5.06 38.27
CA ASP B 234 -17.37 5.79 37.79
C ASP B 234 -17.49 7.27 38.13
N ALA B 235 -18.65 7.84 37.82
CA ALA B 235 -18.85 9.27 38.04
C ALA B 235 -18.77 9.61 39.52
N GLU B 236 -19.35 8.76 40.36
CA GLU B 236 -19.28 9.01 41.79
C GLU B 236 -17.83 8.94 42.29
N ARG B 237 -17.08 7.97 41.80
CA ARG B 237 -15.67 7.88 42.17
C ARG B 237 -14.89 9.10 41.71
N TYR B 238 -15.07 9.50 40.45
CA TYR B 238 -14.37 10.68 39.96
C TYR B 238 -14.71 11.90 40.79
N TYR B 239 -15.98 12.04 41.15
CA TYR B 239 -16.40 13.15 42.01
C TYR B 239 -15.65 13.11 43.32
N ARG B 240 -15.65 11.96 43.99
CA ARG B 240 -14.97 11.85 45.27
C ARG B 240 -13.47 12.07 45.12
N ASP B 241 -12.90 11.63 44.00
CA ASP B 241 -11.47 11.84 43.77
C ASP B 241 -11.16 13.32 43.60
N TYR B 242 -12.00 14.05 42.86
CA TYR B 242 -11.82 15.49 42.76
C TYR B 242 -11.97 16.15 44.12
N GLU B 243 -12.97 15.73 44.89
CA GLU B 243 -13.20 16.33 46.20
C GLU B 243 -11.96 16.17 47.07
N SER B 244 -11.43 14.95 47.12
CA SER B 244 -10.24 14.69 47.90
C SER B 244 -9.06 15.49 47.40
N ALA B 245 -8.90 15.57 46.07
CA ALA B 245 -7.80 16.36 45.53
C ALA B 245 -7.94 17.83 45.88
N ILE B 246 -9.17 18.36 45.84
CA ILE B 246 -9.35 19.77 46.19
C ILE B 246 -8.91 20.05 47.62
N HIS B 247 -9.26 19.16 48.55
CA HIS B 247 -8.79 19.31 49.92
C HIS B 247 -7.27 19.32 49.99
N ALA B 248 -6.62 18.42 49.25
CA ALA B 248 -5.18 18.35 49.28
C ALA B 248 -4.56 19.59 48.64
N ILE B 249 -5.07 19.97 47.46
CA ILE B 249 -4.55 21.14 46.77
C ILE B 249 -4.84 22.40 47.57
N GLY B 250 -6.05 22.49 48.13
CA GLY B 250 -6.41 23.67 48.90
C GLY B 250 -5.56 23.86 50.14
N LYS B 251 -5.30 22.77 50.86
CA LYS B 251 -4.43 22.88 52.03
C LYS B 251 -3.01 23.25 51.61
N ALA B 252 -2.54 22.66 50.51
CA ALA B 252 -1.20 23.00 50.01
C ALA B 252 -1.12 24.44 49.55
N SER B 253 -2.18 24.94 48.93
CA SER B 253 -2.20 26.34 48.53
C SER B 253 -1.94 27.26 49.71
N ALA B 254 -2.55 26.98 50.85
CA ALA B 254 -2.27 27.67 52.10
C ALA B 254 -2.46 29.18 51.96
N GLY B 255 -3.56 29.57 51.31
CA GLY B 255 -3.88 30.97 51.17
C GLY B 255 -3.11 31.73 50.11
N ARG B 256 -2.37 31.04 49.24
CA ARG B 256 -1.65 31.74 48.19
C ARG B 256 -2.58 32.37 47.16
N GLY B 257 -3.84 31.97 47.11
CA GLY B 257 -4.78 32.54 46.18
C GLY B 257 -4.73 31.87 44.83
N ILE B 258 -5.58 32.35 43.94
CA ILE B 258 -5.83 31.65 42.68
C ILE B 258 -4.73 31.85 41.64
N TYR B 259 -3.86 32.86 41.78
CA TYR B 259 -2.83 33.13 40.77
C TYR B 259 -1.50 32.48 41.12
N GLU B 260 -0.97 32.78 42.29
CA GLU B 260 0.27 32.12 42.71
C GLU B 260 -0.01 30.67 43.10
N GLY B 261 -1.13 30.42 43.75
CA GLY B 261 -1.42 29.13 44.31
C GLY B 261 -1.93 28.16 43.27
N PRO B 262 -1.87 26.86 43.59
CA PRO B 262 -2.29 25.84 42.65
C PRO B 262 -3.81 25.77 42.52
N GLY B 263 -4.24 25.15 41.43
CA GLY B 263 -5.65 24.90 41.24
C GLY B 263 -5.88 23.49 40.75
N ILE B 264 -7.13 23.20 40.39
CA ILE B 264 -7.49 21.89 39.87
C ILE B 264 -8.24 22.07 38.56
N SER B 265 -8.12 21.07 37.68
CA SER B 265 -8.88 21.02 36.44
C SER B 265 -9.76 19.79 36.49
N ILE B 266 -10.99 19.94 35.99
CA ILE B 266 -11.93 18.84 35.99
C ILE B 266 -12.50 18.69 34.58
N LYS B 267 -13.02 17.51 34.30
CA LYS B 267 -13.74 17.26 33.07
C LYS B 267 -15.17 16.92 33.42
N LEU B 268 -16.12 17.66 32.83
CA LEU B 268 -17.52 17.37 33.12
C LEU B 268 -17.89 15.94 32.75
N SER B 269 -17.26 15.38 31.70
CA SER B 269 -17.59 14.01 31.33
C SER B 269 -17.19 13.00 32.40
N ALA B 270 -16.30 13.37 33.32
CA ALA B 270 -15.97 12.49 34.43
C ALA B 270 -17.10 12.44 35.45
N LEU B 271 -17.97 13.45 35.47
CA LEU B 271 -18.89 13.61 36.58
C LEU B 271 -20.28 13.08 36.30
N HIS B 272 -20.52 12.54 35.11
CA HIS B 272 -21.82 11.97 34.85
C HIS B 272 -21.68 11.02 33.68
N PRO B 273 -22.32 9.85 33.71
CA PRO B 273 -22.20 8.91 32.58
C PRO B 273 -22.97 9.33 31.35
N ARG B 274 -23.85 10.32 31.43
CA ARG B 274 -24.66 10.75 30.30
C ARG B 274 -24.49 12.25 30.10
N TYR B 275 -23.25 12.68 30.01
CA TYR B 275 -22.96 14.09 29.79
C TYR B 275 -23.13 14.39 28.31
N SER B 276 -24.32 14.84 27.93
CA SER B 276 -24.61 15.12 26.53
C SER B 276 -25.84 15.99 26.45
N ARG B 277 -25.95 16.71 25.33
CA ARG B 277 -27.12 17.54 25.10
C ARG B 277 -28.40 16.71 25.15
N ALA B 278 -28.34 15.47 24.67
CA ALA B 278 -29.55 14.64 24.68
C ALA B 278 -30.06 14.41 26.09
N GLN B 279 -29.18 14.46 27.09
CA GLN B 279 -29.54 14.26 28.48
C GLN B 279 -29.36 15.53 29.29
N ALA B 280 -29.63 16.68 28.67
CA ALA B 280 -29.34 17.96 29.32
C ALA B 280 -30.07 18.08 30.66
N ALA B 281 -31.30 17.57 30.75
CA ALA B 281 -32.02 17.66 32.02
C ALA B 281 -31.29 16.91 33.11
N ARG B 282 -30.80 15.71 32.80
CA ARG B 282 -30.03 14.97 33.80
C ARG B 282 -28.71 15.67 34.10
N VAL B 283 -28.11 16.29 33.09
CA VAL B 283 -26.87 17.02 33.32
C VAL B 283 -27.10 18.15 34.31
N MET B 284 -28.15 18.96 34.08
CA MET B 284 -28.42 20.07 34.97
C MET B 284 -28.88 19.59 36.34
N GLY B 285 -29.60 18.47 36.40
CA GLY B 285 -30.13 18.01 37.67
C GLY B 285 -29.13 17.24 38.51
N GLU B 286 -28.18 16.56 37.87
CA GLU B 286 -27.31 15.63 38.56
C GLU B 286 -25.84 15.98 38.46
N LEU B 287 -25.38 16.44 37.29
CA LEU B 287 -23.98 16.80 37.13
C LEU B 287 -23.69 18.16 37.74
N LEU B 288 -24.50 19.16 37.40
CA LEU B 288 -24.31 20.50 37.94
C LEU B 288 -24.17 20.54 39.46
N PRO B 289 -25.01 19.89 40.25
CA PRO B 289 -24.79 19.93 41.72
C PRO B 289 -23.44 19.40 42.15
N ARG B 290 -22.88 18.45 41.41
CA ARG B 290 -21.56 17.95 41.73
C ARG B 290 -20.50 19.00 41.46
N VAL B 291 -20.59 19.68 40.31
CA VAL B 291 -19.63 20.75 40.02
C VAL B 291 -19.77 21.87 41.04
N LYS B 292 -21.02 22.21 41.39
CA LYS B 292 -21.23 23.24 42.40
C LYS B 292 -20.54 22.87 43.71
N ALA B 293 -20.66 21.62 44.14
CA ALA B 293 -20.04 21.21 45.39
C ALA B 293 -18.53 21.33 45.32
N LEU B 294 -17.94 20.90 44.19
CA LEU B 294 -16.50 21.04 44.02
C LEU B 294 -16.10 22.51 43.99
N ALA B 295 -16.88 23.35 43.29
CA ALA B 295 -16.56 24.77 43.22
C ALA B 295 -16.63 25.41 44.61
N LEU B 296 -17.61 25.00 45.41
CA LEU B 296 -17.72 25.53 46.77
C LEU B 296 -16.49 25.18 47.60
N LEU B 297 -15.97 23.96 47.43
CA LEU B 297 -14.74 23.58 48.11
C LEU B 297 -13.56 24.40 47.61
N ALA B 298 -13.44 24.54 46.29
CA ALA B 298 -12.37 25.36 45.73
C ALA B 298 -12.47 26.80 46.23
N LYS B 299 -13.68 27.34 46.31
CA LYS B 299 -13.86 28.68 46.83
C LYS B 299 -13.39 28.77 48.28
N ASN B 300 -13.75 27.78 49.10
CA ASN B 300 -13.39 27.84 50.51
C ASN B 300 -11.88 27.85 50.70
N TYR B 301 -11.15 27.16 49.83
CA TYR B 301 -9.69 27.18 49.87
C TYR B 301 -9.10 28.30 49.03
N ASP B 302 -9.94 29.05 48.32
CA ASP B 302 -9.53 30.07 47.37
C ASP B 302 -8.50 29.55 46.38
N ILE B 303 -8.87 28.47 45.70
CA ILE B 303 -8.07 27.93 44.60
C ILE B 303 -8.89 28.04 43.33
N GLY B 304 -8.19 27.90 42.21
CA GLY B 304 -8.86 27.85 40.92
C GLY B 304 -9.41 26.46 40.63
N LEU B 305 -10.58 26.43 40.01
CA LEU B 305 -11.19 25.20 39.55
C LEU B 305 -11.56 25.42 38.09
N ASN B 306 -10.94 24.66 37.21
CA ASN B 306 -11.04 24.87 35.77
C ASN B 306 -11.83 23.75 35.14
N ILE B 307 -12.78 24.11 34.27
CA ILE B 307 -13.54 23.12 33.51
C ILE B 307 -12.85 22.95 32.17
N ASP B 308 -12.24 21.78 31.97
CA ASP B 308 -11.59 21.48 30.70
C ASP B 308 -12.62 21.41 29.60
N ALA B 309 -12.19 21.71 28.38
CA ALA B 309 -13.09 21.65 27.23
C ALA B 309 -12.90 20.32 26.51
N GLU B 310 -14.01 19.73 26.10
CA GLU B 310 -13.97 18.40 25.51
C GLU B 310 -14.48 18.44 24.07
N GLU B 311 -15.37 17.53 23.70
CA GLU B 311 -15.81 17.44 22.32
C GLU B 311 -16.67 18.63 21.95
N ALA B 312 -16.75 18.91 20.65
CA ALA B 312 -17.46 20.08 20.19
C ALA B 312 -18.93 20.03 20.57
N ASP B 313 -19.53 18.83 20.62
CA ASP B 313 -20.95 18.78 20.94
C ASP B 313 -21.23 18.94 22.43
N ARG B 314 -20.22 19.17 23.25
CA ARG B 314 -20.42 19.48 24.65
C ARG B 314 -20.13 20.93 24.99
N LEU B 315 -19.65 21.72 24.03
CA LEU B 315 -19.27 23.09 24.32
C LEU B 315 -20.46 23.87 24.88
N GLU B 316 -21.55 23.95 24.12
CA GLU B 316 -22.63 24.83 24.52
C GLU B 316 -23.33 24.32 25.78
N LEU B 317 -23.45 23.00 25.93
CA LEU B 317 -23.98 22.45 27.16
C LEU B 317 -23.18 22.90 28.37
N SER B 318 -21.84 22.91 28.26
CA SER B 318 -21.02 23.31 29.38
C SER B 318 -21.27 24.77 29.76
N LEU B 319 -21.65 25.61 28.79
CA LEU B 319 -21.92 27.00 29.09
C LEU B 319 -23.11 27.15 30.00
N ASP B 320 -24.08 26.24 29.91
CA ASP B 320 -25.23 26.32 30.80
C ASP B 320 -24.84 26.06 32.25
N LEU B 321 -23.82 25.22 32.46
CA LEU B 321 -23.32 25.03 33.82
C LEU B 321 -22.51 26.24 34.27
N LEU B 322 -21.66 26.77 33.38
CA LEU B 322 -20.88 27.95 33.74
C LEU B 322 -21.79 29.10 34.15
N GLU B 323 -22.89 29.29 33.43
CA GLU B 323 -23.83 30.36 33.74
C GLU B 323 -24.36 30.22 35.17
N VAL B 324 -24.86 29.03 35.52
CA VAL B 324 -25.40 28.81 36.86
C VAL B 324 -24.35 29.07 37.92
N LEU B 325 -23.14 28.54 37.71
CA LEU B 325 -22.08 28.69 38.71
C LEU B 325 -21.71 30.14 38.92
N CYS B 326 -21.61 30.91 37.84
CA CYS B 326 -21.23 32.31 37.98
C CYS B 326 -22.31 33.15 38.64
N LEU B 327 -23.57 32.70 38.58
CA LEU B 327 -24.68 33.40 39.22
C LEU B 327 -25.02 32.85 40.59
N ASP B 328 -24.31 31.83 41.06
CA ASP B 328 -24.61 31.19 42.33
C ASP B 328 -23.97 31.99 43.46
N GLY B 329 -24.81 32.63 44.28
CA GLY B 329 -24.33 33.45 45.38
C GLY B 329 -23.48 32.70 46.40
N ASP B 330 -23.61 31.38 46.47
CA ASP B 330 -22.73 30.63 47.34
C ASP B 330 -21.27 30.76 46.94
N LEU B 331 -21.00 31.14 45.69
CA LEU B 331 -19.64 31.31 45.19
C LEU B 331 -19.21 32.76 45.14
N SER B 332 -19.95 33.63 45.83
CA SER B 332 -19.73 35.08 45.82
C SER B 332 -18.26 35.45 46.05
N GLY B 333 -17.74 36.31 45.18
CA GLY B 333 -16.41 36.85 45.33
C GLY B 333 -15.28 35.91 44.94
N TRP B 334 -15.58 34.66 44.61
CA TRP B 334 -14.56 33.72 44.19
C TRP B 334 -14.23 33.95 42.73
N ASN B 335 -12.98 34.28 42.44
CA ASN B 335 -12.56 34.51 41.07
C ASN B 335 -11.82 33.33 40.48
N GLY B 336 -11.97 32.16 41.10
CA GLY B 336 -11.26 30.99 40.67
C GLY B 336 -11.96 30.10 39.69
N MET B 337 -13.19 30.41 39.28
CA MET B 337 -13.85 29.61 38.26
CA MET B 337 -13.85 29.61 38.26
C MET B 337 -13.09 29.74 36.95
N GLY B 338 -12.65 28.61 36.41
CA GLY B 338 -11.90 28.57 35.17
C GLY B 338 -12.67 27.80 34.10
N PHE B 339 -12.43 28.18 32.85
CA PHE B 339 -13.17 27.59 31.75
C PHE B 339 -12.29 27.64 30.51
N VAL B 340 -12.14 26.51 29.87
CA VAL B 340 -11.33 26.40 28.67
C VAL B 340 -12.17 26.72 27.45
N VAL B 341 -11.59 27.45 26.51
CA VAL B 341 -12.15 27.62 25.18
CA VAL B 341 -12.15 27.65 25.18
C VAL B 341 -11.11 27.22 24.15
N GLN B 342 -11.57 26.51 23.12
CA GLN B 342 -10.71 25.87 22.13
C GLN B 342 -10.67 26.73 20.87
N ALA B 343 -9.49 27.28 20.59
CA ALA B 343 -9.33 28.17 19.45
C ALA B 343 -9.45 27.44 18.13
N TYR B 344 -9.33 26.11 18.10
CA TYR B 344 -9.58 25.43 16.83
C TYR B 344 -11.07 25.38 16.50
N GLY B 345 -11.92 25.85 17.39
CA GLY B 345 -13.36 25.80 17.17
C GLY B 345 -13.87 27.10 16.57
N LYS B 346 -14.82 26.95 15.65
CA LYS B 346 -15.35 28.12 14.96
C LYS B 346 -16.14 29.03 15.89
N ARG B 347 -16.65 28.50 17.00
CA ARG B 347 -17.43 29.33 17.91
C ARG B 347 -16.57 30.10 18.90
N CYS B 348 -15.26 29.86 18.93
CA CYS B 348 -14.37 30.38 19.96
C CYS B 348 -14.56 31.87 20.27
N PRO B 349 -14.43 32.78 19.29
CA PRO B 349 -14.60 34.20 19.64
C PRO B 349 -15.98 34.51 20.19
N PHE B 350 -17.01 33.81 19.71
CA PHE B 350 -18.37 34.06 20.19
C PHE B 350 -18.56 33.50 21.59
N VAL B 351 -17.95 32.37 21.89
CA VAL B 351 -17.97 31.86 23.26
C VAL B 351 -17.27 32.83 24.20
N LEU B 352 -16.14 33.39 23.76
CA LEU B 352 -15.43 34.38 24.57
C LEU B 352 -16.29 35.60 24.84
N ASP B 353 -17.01 36.08 23.82
CA ASP B 353 -17.94 37.18 24.02
C ASP B 353 -18.98 36.83 25.08
N PHE B 354 -19.51 35.61 25.02
CA PHE B 354 -20.44 35.15 26.04
C PHE B 354 -19.79 35.14 27.42
N ILE B 355 -18.58 34.58 27.53
CA ILE B 355 -17.93 34.47 28.82
C ILE B 355 -17.57 35.85 29.38
N ILE B 356 -17.04 36.73 28.53
CA ILE B 356 -16.68 38.06 28.99
C ILE B 356 -17.92 38.79 29.51
N ASP B 357 -19.02 38.67 28.77
CA ASP B 357 -20.26 39.30 29.23
C ASP B 357 -20.76 38.68 30.52
N LEU B 358 -20.68 37.34 30.64
CA LEU B 358 -21.08 36.68 31.87
C LEU B 358 -20.24 37.17 33.04
N ALA B 359 -18.93 37.31 32.84
CA ALA B 359 -18.07 37.80 33.89
C ALA B 359 -18.48 39.20 34.31
N ARG B 360 -18.73 40.06 33.33
CA ARG B 360 -19.10 41.45 33.60
C ARG B 360 -20.38 41.53 34.42
N ARG B 361 -21.40 40.78 34.04
CA ARG B 361 -22.69 40.94 34.71
C ARG B 361 -22.79 40.16 36.00
N SER B 362 -21.96 39.14 36.20
CA SER B 362 -22.00 38.35 37.42
C SER B 362 -21.01 38.84 38.48
N GLY B 363 -20.11 39.76 38.14
CA GLY B 363 -19.13 40.19 39.12
C GLY B 363 -18.15 39.11 39.49
N ARG B 364 -17.80 38.26 38.53
CA ARG B 364 -16.82 37.20 38.71
C ARG B 364 -15.76 37.39 37.66
N ARG B 365 -14.51 37.47 38.07
CA ARG B 365 -13.43 37.36 37.10
C ARG B 365 -13.30 35.89 36.77
N ILE B 366 -13.59 35.53 35.54
CA ILE B 366 -13.52 34.14 35.11
C ILE B 366 -12.13 33.89 34.55
N MET B 367 -11.49 32.81 34.99
CA MET B 367 -10.21 32.42 34.43
C MET B 367 -10.51 31.69 33.13
N VAL B 368 -9.94 32.17 32.03
CA VAL B 368 -10.25 31.62 30.72
C VAL B 368 -8.98 31.02 30.14
N ARG B 369 -8.95 29.71 30.01
CA ARG B 369 -7.80 29.04 29.43
C ARG B 369 -8.03 28.94 27.94
N LEU B 370 -7.22 29.65 27.17
CA LEU B 370 -7.28 29.56 25.73
C LEU B 370 -6.34 28.45 25.28
N VAL B 371 -6.89 27.43 24.65
CA VAL B 371 -6.12 26.33 24.10
C VAL B 371 -6.43 26.27 22.61
N LYS B 372 -5.64 25.49 21.90
CA LYS B 372 -6.03 25.23 20.52
C LYS B 372 -7.10 24.15 20.44
N GLY B 373 -6.83 22.97 20.97
CA GLY B 373 -7.87 21.95 21.06
C GLY B 373 -7.32 20.56 20.86
N ALA B 374 -7.84 19.59 21.61
CA ALA B 374 -7.20 18.29 21.70
C ALA B 374 -7.90 17.20 20.91
N TYR B 375 -9.03 17.49 20.27
CA TYR B 375 -9.86 16.43 19.69
C TYR B 375 -9.98 16.56 18.18
N TRP B 376 -9.00 17.19 17.54
CA TRP B 376 -9.16 17.60 16.14
C TRP B 376 -9.55 16.43 15.23
N ASP B 377 -8.74 15.36 15.21
CA ASP B 377 -9.03 14.31 14.24
C ASP B 377 -10.38 13.66 14.51
N ALA B 378 -10.79 13.59 15.79
CA ALA B 378 -12.08 13.00 16.11
C ALA B 378 -13.21 13.91 15.66
N GLU B 379 -13.00 15.22 15.70
CA GLU B 379 -14.04 16.13 15.22
C GLU B 379 -14.20 16.03 13.72
N ILE B 380 -13.11 15.82 12.99
CA ILE B 380 -13.24 15.63 11.54
C ILE B 380 -14.03 14.38 11.25
N LYS B 381 -13.67 13.28 11.90
CA LYS B 381 -14.34 12.02 11.65
C LYS B 381 -15.81 12.11 11.99
N ARG B 382 -16.14 12.73 13.13
CA ARG B 382 -17.53 12.75 13.57
CA ARG B 382 -17.54 12.76 13.58
C ARG B 382 -18.40 13.55 12.62
N ALA B 383 -17.93 14.72 12.20
CA ALA B 383 -18.73 15.52 11.27
C ALA B 383 -18.94 14.77 9.96
N GLN B 384 -17.92 14.07 9.49
CA GLN B 384 -18.07 13.28 8.27
C GLN B 384 -19.07 12.15 8.46
N LEU B 385 -18.93 11.40 9.56
CA LEU B 385 -19.88 10.31 9.81
C LEU B 385 -21.30 10.82 9.86
N ASP B 386 -21.51 11.97 10.50
CA ASP B 386 -22.86 12.48 10.73
C ASP B 386 -23.40 13.28 9.55
N GLY B 387 -22.62 13.46 8.49
CA GLY B 387 -23.11 14.15 7.31
C GLY B 387 -23.50 15.57 7.59
N LEU B 388 -22.77 16.25 8.47
CA LEU B 388 -23.20 17.58 8.88
C LEU B 388 -22.66 18.64 7.93
N ALA B 389 -23.13 19.87 8.10
CA ALA B 389 -22.94 20.89 7.08
C ALA B 389 -21.46 21.20 6.90
N ASP B 390 -20.71 21.19 7.98
CA ASP B 390 -19.29 21.53 7.94
C ASP B 390 -18.72 20.99 9.24
N PHE B 391 -17.43 21.23 9.42
CA PHE B 391 -16.77 20.89 10.65
C PHE B 391 -17.01 21.98 11.70
N PRO B 392 -16.98 21.61 12.97
CA PRO B 392 -17.04 22.62 14.03
C PRO B 392 -15.67 23.12 14.44
N VAL B 393 -14.64 22.67 13.72
CA VAL B 393 -13.27 23.09 13.93
C VAL B 393 -12.71 23.47 12.57
N PHE B 394 -11.61 24.22 12.61
CA PHE B 394 -10.87 24.50 11.40
C PHE B 394 -10.21 23.25 10.85
N THR B 395 -9.88 23.29 9.56
CA THR B 395 -9.23 22.17 8.89
C THR B 395 -7.80 22.44 8.48
N ARG B 396 -7.34 23.69 8.54
CA ARG B 396 -5.93 24.01 8.36
C ARG B 396 -5.37 24.46 9.69
N LYS B 397 -4.20 23.93 10.04
CA LYS B 397 -3.60 24.24 11.33
C LYS B 397 -3.33 25.74 11.48
N ILE B 398 -2.91 26.41 10.41
CA ILE B 398 -2.67 27.86 10.50
C ILE B 398 -3.95 28.61 10.83
N HIS B 399 -5.11 28.06 10.46
CA HIS B 399 -6.36 28.72 10.82
C HIS B 399 -6.57 28.72 12.32
N THR B 400 -6.33 27.59 12.97
CA THR B 400 -6.37 27.52 14.42
C THR B 400 -5.40 28.51 15.06
N ASP B 401 -4.20 28.63 14.47
CA ASP B 401 -3.22 29.57 15.02
C ASP B 401 -3.71 31.01 14.90
N VAL B 402 -4.26 31.37 13.74
CA VAL B 402 -4.85 32.71 13.58
C VAL B 402 -6.00 32.89 14.57
N SER B 403 -6.87 31.88 14.67
CA SER B 403 -7.97 31.94 15.63
C SER B 403 -7.47 32.18 17.06
N TYR B 404 -6.42 31.46 17.45
CA TYR B 404 -5.86 31.63 18.79
C TYR B 404 -5.38 33.06 19.00
N ILE B 405 -4.64 33.59 18.03
CA ILE B 405 -4.10 34.94 18.19
C ILE B 405 -5.23 35.98 18.23
N ALA B 406 -6.25 35.79 17.38
CA ALA B 406 -7.41 36.68 17.40
C ALA B 406 -8.14 36.61 18.74
N CYS B 407 -8.33 35.40 19.26
CA CYS B 407 -9.00 35.25 20.54
C CYS B 407 -8.16 35.78 21.69
N ALA B 408 -6.84 35.66 21.60
CA ALA B 408 -5.95 36.27 22.58
C ALA B 408 -6.13 37.78 22.60
N ALA B 409 -6.26 38.40 21.42
CA ALA B 409 -6.47 39.84 21.37
C ALA B 409 -7.76 40.22 22.08
N LYS B 410 -8.81 39.42 21.91
CA LYS B 410 -10.07 39.69 22.59
C LYS B 410 -9.90 39.56 24.11
N LEU B 411 -9.24 38.48 24.55
CA LEU B 411 -9.02 38.26 25.98
C LEU B 411 -8.17 39.36 26.59
N LEU B 412 -7.07 39.73 25.92
CA LEU B 412 -6.16 40.73 26.46
C LEU B 412 -6.82 42.10 26.56
N ALA B 413 -7.89 42.35 25.81
CA ALA B 413 -8.64 43.59 25.96
C ALA B 413 -9.67 43.53 27.07
N ALA B 414 -9.84 42.36 27.70
CA ALA B 414 -10.85 42.17 28.74
C ALA B 414 -10.24 41.72 30.05
N THR B 415 -8.95 41.99 30.28
CA THR B 415 -8.27 41.49 31.48
C THR B 415 -8.87 42.04 32.76
N ASP B 416 -9.64 43.12 32.68
CA ASP B 416 -10.35 43.61 33.85
C ASP B 416 -11.57 42.76 34.18
N VAL B 417 -12.05 41.94 33.23
CA VAL B 417 -13.21 41.10 33.44
C VAL B 417 -12.85 39.62 33.50
N VAL B 418 -11.77 39.20 32.86
CA VAL B 418 -11.39 37.80 32.79
C VAL B 418 -9.88 37.69 32.98
N PHE B 419 -9.46 36.51 33.39
CA PHE B 419 -8.04 36.23 33.59
C PHE B 419 -7.58 35.32 32.46
N PRO B 420 -6.96 35.85 31.40
CA PRO B 420 -6.58 35.01 30.27
C PRO B 420 -5.41 34.10 30.64
N GLN B 421 -5.54 32.83 30.24
CA GLN B 421 -4.50 31.84 30.48
C GLN B 421 -4.17 31.23 29.13
N PHE B 422 -3.00 31.54 28.62
CA PHE B 422 -2.65 31.16 27.25
C PHE B 422 -1.86 29.86 27.30
N ALA B 423 -2.59 28.76 27.13
CA ALA B 423 -2.00 27.44 27.12
C ALA B 423 -1.49 27.14 25.72
N THR B 424 -0.17 27.05 25.56
CA THR B 424 0.38 26.70 24.26
C THR B 424 1.84 26.32 24.44
N HIS B 425 2.29 25.38 23.62
CA HIS B 425 3.70 25.03 23.57
C HIS B 425 4.41 25.63 22.37
N ASN B 426 3.69 26.43 21.59
CA ASN B 426 4.19 27.02 20.37
C ASN B 426 4.87 28.35 20.72
N ALA B 427 6.19 28.41 20.58
CA ALA B 427 6.93 29.63 20.90
C ALA B 427 6.54 30.79 20.00
N GLN B 428 6.10 30.52 18.78
CA GLN B 428 5.64 31.58 17.92
C GLN B 428 4.33 32.18 18.43
N THR B 429 3.37 31.33 18.81
CA THR B 429 2.14 31.81 19.42
C THR B 429 2.43 32.59 20.69
N LEU B 430 3.28 32.03 21.56
CA LEU B 430 3.63 32.67 22.83
C LEU B 430 4.20 34.07 22.59
N ALA B 431 5.19 34.15 21.70
CA ALA B 431 5.85 35.43 21.44
C ALA B 431 4.87 36.47 20.94
N ALA B 432 3.95 36.06 20.06
CA ALA B 432 2.96 36.99 19.52
C ALA B 432 2.10 37.56 20.62
N ILE B 433 1.67 36.73 21.56
CA ILE B 433 0.82 37.18 22.66
C ILE B 433 1.64 37.96 23.69
N TYR B 434 2.87 37.51 23.95
CA TYR B 434 3.74 38.22 24.87
C TYR B 434 3.87 39.70 24.47
N HIS B 435 4.10 39.95 23.18
CA HIS B 435 4.20 41.33 22.70
C HIS B 435 2.84 41.99 22.53
N MET B 436 1.81 41.21 22.15
CA MET B 436 0.47 41.76 22.05
C MET B 436 0.01 42.33 23.39
N ALA B 437 0.40 41.70 24.49
CA ALA B 437 -0.04 42.14 25.81
C ALA B 437 0.60 43.45 26.22
N GLY B 438 1.67 43.85 25.57
CA GLY B 438 2.29 45.13 25.88
C GLY B 438 3.27 45.04 27.04
N LYS B 439 3.79 46.21 27.40
CA LYS B 439 4.87 46.27 28.38
C LYS B 439 4.38 46.24 29.82
N ASP B 440 3.13 46.64 30.07
CA ASP B 440 2.64 46.74 31.45
C ASP B 440 2.14 45.37 31.88
N PHE B 441 2.86 44.73 32.79
CA PHE B 441 2.48 43.41 33.28
C PHE B 441 2.52 43.36 34.80
N HIS B 442 1.63 42.54 35.34
CA HIS B 442 1.65 42.17 36.75
C HIS B 442 1.05 40.78 36.87
N VAL B 443 1.46 40.04 37.90
CA VAL B 443 0.83 38.75 38.15
C VAL B 443 -0.65 38.98 38.44
N GLY B 444 -1.51 38.19 37.80
CA GLY B 444 -2.93 38.37 37.86
C GLY B 444 -3.53 39.03 36.63
N LYS B 445 -2.71 39.65 35.79
CA LYS B 445 -3.20 40.20 34.53
C LYS B 445 -3.57 39.09 33.57
N TYR B 446 -2.59 38.26 33.23
CA TYR B 446 -2.80 37.05 32.45
C TYR B 446 -1.66 36.12 32.80
N GLU B 447 -1.73 34.88 32.31
CA GLU B 447 -0.63 33.96 32.48
C GLU B 447 -0.54 33.09 31.25
N PHE B 448 0.59 32.41 31.12
CA PHE B 448 0.70 31.31 30.18
C PHE B 448 0.44 29.99 30.91
N GLN B 449 0.23 28.95 30.13
CA GLN B 449 0.06 27.62 30.68
C GLN B 449 0.75 26.61 29.77
N CYS B 450 1.18 25.49 30.37
CA CYS B 450 1.81 24.44 29.61
C CYS B 450 1.54 23.11 30.28
N LEU B 451 1.88 22.04 29.59
CA LEU B 451 1.70 20.71 30.11
C LEU B 451 2.98 20.26 30.80
N HIS B 452 2.80 19.63 31.96
CA HIS B 452 3.93 19.05 32.68
C HIS B 452 4.76 18.15 31.77
N GLY B 453 6.08 18.27 31.89
CA GLY B 453 6.97 17.37 31.17
C GLY B 453 6.87 17.51 29.67
N MET B 454 6.45 18.67 29.20
CA MET B 454 6.39 18.96 27.78
C MET B 454 6.72 20.43 27.59
N GLY B 455 6.09 21.28 28.39
CA GLY B 455 6.22 22.72 28.27
C GLY B 455 7.34 23.36 29.06
N GLU B 456 7.96 22.64 29.99
CA GLU B 456 9.01 23.24 30.81
C GLU B 456 10.17 23.77 29.98
N PRO B 457 10.74 23.04 29.00
CA PRO B 457 11.84 23.62 28.21
C PRO B 457 11.53 24.99 27.64
N LEU B 458 10.33 25.18 27.08
CA LEU B 458 9.95 26.50 26.58
C LEU B 458 9.78 27.48 27.72
N TYR B 459 9.00 27.11 28.74
CA TYR B 459 8.62 28.08 29.75
C TYR B 459 9.73 28.37 30.75
N GLU B 460 10.76 27.52 30.81
CA GLU B 460 11.99 27.88 31.50
C GLU B 460 12.56 29.18 30.94
N GLU B 461 12.32 29.44 29.66
CA GLU B 461 12.78 30.64 28.97
C GLU B 461 11.80 31.80 29.08
N VAL B 462 10.78 31.67 29.92
CA VAL B 462 9.71 32.67 30.02
C VAL B 462 9.58 33.12 31.46
N VAL B 463 9.48 32.17 32.38
CA VAL B 463 9.30 32.49 33.79
C VAL B 463 10.60 33.00 34.39
N GLY B 464 10.49 34.03 35.20
CA GLY B 464 11.62 34.53 35.95
C GLY B 464 12.04 35.91 35.49
N ARG B 465 12.63 36.67 36.41
CA ARG B 465 13.11 38.01 36.08
C ARG B 465 14.17 37.97 34.98
N GLY B 466 14.94 36.88 34.90
CA GLY B 466 15.96 36.74 33.89
C GLY B 466 15.48 36.29 32.53
N LYS B 467 14.18 36.02 32.39
CA LYS B 467 13.62 35.54 31.13
C LYS B 467 12.65 36.60 30.62
N LEU B 468 11.38 36.25 30.40
CA LEU B 468 10.36 37.21 30.02
C LEU B 468 9.55 37.72 31.19
N ASP B 469 9.82 37.21 32.40
CA ASP B 469 9.11 37.65 33.61
C ASP B 469 7.60 37.49 33.46
N ARG B 470 7.18 36.36 32.88
CA ARG B 470 5.79 36.01 32.72
C ARG B 470 5.53 34.67 33.38
N PRO B 471 4.44 34.54 34.11
CA PRO B 471 4.15 33.29 34.82
C PRO B 471 3.62 32.23 33.87
N CYS B 472 3.76 30.99 34.33
CA CYS B 472 3.24 29.85 33.59
C CYS B 472 2.65 28.87 34.59
N ARG B 473 1.41 28.47 34.34
CA ARG B 473 0.76 27.43 35.13
C ARG B 473 0.96 26.09 34.44
N ILE B 474 1.52 25.14 35.17
CA ILE B 474 1.75 23.79 34.65
C ILE B 474 0.50 22.96 34.89
N TYR B 475 -0.07 22.44 33.80
CA TYR B 475 -1.15 21.47 33.86
C TYR B 475 -0.50 20.13 34.19
N ALA B 476 -0.79 19.64 35.39
CA ALA B 476 -0.02 18.54 35.96
C ALA B 476 -0.90 17.31 36.08
N PRO B 477 -0.75 16.31 35.22
CA PRO B 477 -1.53 15.09 35.36
C PRO B 477 -1.10 14.34 36.60
N VAL B 478 -2.08 13.75 37.28
CA VAL B 478 -1.85 12.98 38.49
C VAL B 478 -2.61 11.68 38.33
N GLY B 479 -1.90 10.57 38.46
CA GLY B 479 -2.60 9.31 38.38
C GLY B 479 -1.66 8.15 38.18
N THR B 480 -2.26 6.97 38.23
CA THR B 480 -1.56 5.71 38.10
C THR B 480 -1.19 5.46 36.64
N HIS B 481 -0.38 4.41 36.43
CA HIS B 481 -0.05 3.98 35.08
C HIS B 481 -1.31 3.68 34.27
N GLU B 482 -2.25 2.94 34.84
CA GLU B 482 -3.46 2.59 34.10
C GLU B 482 -4.24 3.84 33.71
N THR B 483 -4.31 4.82 34.61
CA THR B 483 -5.07 6.02 34.31
C THR B 483 -4.38 6.88 33.26
N LEU B 484 -3.05 7.02 33.35
CA LEU B 484 -2.36 7.85 32.37
C LEU B 484 -2.36 7.20 31.00
N LEU B 485 -2.28 5.88 30.93
CA LEU B 485 -2.25 5.22 29.64
C LEU B 485 -3.57 5.33 28.89
N ALA B 486 -4.67 5.60 29.61
CA ALA B 486 -5.99 5.55 28.99
C ALA B 486 -6.14 6.60 27.89
N TYR B 487 -5.56 7.79 28.07
CA TYR B 487 -5.69 8.83 27.06
C TYR B 487 -4.35 9.46 26.72
N LEU B 488 -3.26 8.72 26.95
CA LEU B 488 -1.95 9.21 26.58
C LEU B 488 -1.82 9.42 25.07
N VAL B 489 -2.49 8.60 24.27
CA VAL B 489 -2.40 8.76 22.82
C VAL B 489 -2.87 10.14 22.41
N ARG B 490 -4.03 10.57 22.92
CA ARG B 490 -4.53 11.90 22.58
C ARG B 490 -3.54 12.98 23.03
N ARG B 491 -2.91 12.78 24.19
CA ARG B 491 -1.96 13.77 24.68
C ARG B 491 -0.70 13.81 23.82
N LEU B 492 -0.25 12.65 23.33
CA LEU B 492 0.95 12.62 22.50
C LEU B 492 0.72 13.26 21.14
N LEU B 493 -0.48 13.09 20.58
CA LEU B 493 -0.80 13.72 19.30
CA LEU B 493 -0.80 13.72 19.30
C LEU B 493 -0.85 15.23 19.41
N GLU B 494 -1.17 15.77 20.59
CA GLU B 494 -1.27 17.21 20.77
C GLU B 494 0.03 17.89 20.35
N ASN B 495 1.17 17.30 20.71
CA ASN B 495 2.48 17.88 20.43
C ASN B 495 3.33 17.02 19.49
N GLY B 496 2.75 15.96 18.92
CA GLY B 496 3.55 15.03 18.14
C GLY B 496 3.12 14.80 16.70
N ALA B 497 2.19 15.61 16.19
CA ALA B 497 1.78 15.51 14.80
C ALA B 497 2.71 16.33 13.91
N ASN B 498 2.60 16.12 12.59
CA ASN B 498 3.51 16.76 11.65
C ASN B 498 3.44 18.28 11.75
N SER B 499 2.23 18.82 11.84
CA SER B 499 2.04 20.27 11.97
C SER B 499 2.23 20.76 13.40
N SER B 500 2.56 19.87 14.33
CA SER B 500 2.73 20.28 15.72
C SER B 500 4.05 21.01 15.89
N PHE B 501 4.00 22.13 16.61
CA PHE B 501 5.21 22.91 16.86
C PHE B 501 6.28 22.06 17.54
N VAL B 502 5.89 21.25 18.52
CA VAL B 502 6.87 20.46 19.27
C VAL B 502 7.56 19.45 18.35
N HIS B 503 6.80 18.77 17.49
CA HIS B 503 7.42 17.86 16.53
C HIS B 503 8.29 18.63 15.53
N ARG B 504 7.84 19.80 15.11
CA ARG B 504 8.59 20.57 14.13
C ARG B 504 9.89 21.12 14.71
N ILE B 505 9.89 21.48 16.00
CA ILE B 505 11.12 21.99 16.59
C ILE B 505 12.16 20.89 16.79
N ASN B 506 11.73 19.63 16.89
CA ASN B 506 12.63 18.49 16.95
C ASN B 506 12.99 17.96 15.56
N ASP B 507 12.62 18.66 14.51
CA ASP B 507 12.93 18.25 13.14
C ASP B 507 13.96 19.21 12.56
N PRO B 508 15.19 18.75 12.28
CA PRO B 508 16.21 19.67 11.76
C PRO B 508 15.95 20.15 10.36
N LYS B 509 15.06 19.51 9.61
CA LYS B 509 14.70 19.99 8.28
C LYS B 509 13.81 21.22 8.32
N VAL B 510 13.47 21.73 9.49
CA VAL B 510 12.62 22.90 9.65
C VAL B 510 13.47 24.02 10.24
N SER B 511 13.60 25.12 9.50
CA SER B 511 14.41 26.23 9.95
C SER B 511 13.69 27.04 11.02
N ILE B 512 14.47 27.78 11.80
CA ILE B 512 13.87 28.73 12.74
C ILE B 512 13.04 29.78 12.00
N ASP B 513 13.47 30.14 10.79
CA ASP B 513 12.65 31.03 9.96
C ASP B 513 11.26 30.47 9.76
N GLU B 514 11.16 29.17 9.43
CA GLU B 514 9.87 28.55 9.20
C GLU B 514 9.03 28.50 10.48
N LEU B 515 9.68 28.27 11.63
CA LEU B 515 8.97 28.17 12.89
C LEU B 515 8.47 29.52 13.39
N ILE B 516 9.11 30.63 13.00
CA ILE B 516 8.69 31.95 13.43
C ILE B 516 7.81 32.65 12.42
N ALA B 517 7.45 31.97 11.33
CA ALA B 517 6.53 32.54 10.36
C ALA B 517 5.21 32.91 11.04
N ASP B 518 4.70 34.07 10.68
CA ASP B 518 3.47 34.59 11.26
C ASP B 518 2.29 33.95 10.53
N PRO B 519 1.53 33.07 11.18
CA PRO B 519 0.37 32.46 10.50
C PRO B 519 -0.65 33.49 10.04
N VAL B 520 -0.74 34.61 10.74
CA VAL B 520 -1.69 35.65 10.35
C VAL B 520 -1.37 36.17 8.95
N GLU B 521 -0.09 36.43 8.69
CA GLU B 521 0.28 36.94 7.38
C GLU B 521 0.25 35.85 6.31
N VAL B 522 0.54 34.60 6.69
CA VAL B 522 0.38 33.51 5.74
C VAL B 522 -1.07 33.39 5.31
N VAL B 523 -1.99 33.38 6.27
CA VAL B 523 -3.41 33.29 5.94
C VAL B 523 -3.85 34.49 5.11
N ARG B 524 -3.41 35.68 5.50
CA ARG B 524 -3.84 36.88 4.79
C ARG B 524 -3.47 36.82 3.32
N ALA B 525 -2.37 36.16 2.98
CA ALA B 525 -1.84 36.19 1.63
C ALA B 525 -2.31 35.02 0.78
N MET B 526 -3.11 34.10 1.33
CA MET B 526 -3.64 33.00 0.56
CA MET B 526 -3.63 33.00 0.55
C MET B 526 -4.63 33.52 -0.49
N PRO B 527 -4.72 32.85 -1.64
CA PRO B 527 -5.64 33.34 -2.69
C PRO B 527 -7.08 33.40 -2.24
N VAL B 528 -7.55 32.37 -1.53
CA VAL B 528 -8.86 32.35 -0.92
C VAL B 528 -8.64 32.25 0.58
N VAL B 529 -8.84 33.36 1.28
CA VAL B 529 -8.63 33.36 2.73
C VAL B 529 -9.56 32.38 3.38
N GLY B 530 -8.99 31.48 4.19
CA GLY B 530 -9.80 30.56 4.96
C GLY B 530 -10.32 29.36 4.21
N ALA B 531 -9.76 29.05 3.05
CA ALA B 531 -10.20 27.87 2.32
C ALA B 531 -9.97 26.62 3.15
N LYS B 532 -10.91 25.68 3.05
CA LYS B 532 -10.78 24.39 3.69
C LYS B 532 -9.50 23.71 3.22
N HIS B 533 -8.92 22.89 4.09
CA HIS B 533 -7.82 22.03 3.68
C HIS B 533 -8.21 21.25 2.43
N ASP B 534 -7.31 21.24 1.44
CA ASP B 534 -7.58 20.56 0.18
C ASP B 534 -7.74 19.05 0.35
N ARG B 535 -7.19 18.47 1.41
CA ARG B 535 -7.14 17.03 1.57
C ARG B 535 -8.16 16.51 2.59
N ILE B 536 -9.07 17.37 3.05
CA ILE B 536 -10.12 16.98 3.97
C ILE B 536 -11.45 17.25 3.30
N ALA B 537 -12.23 16.19 3.12
CA ALA B 537 -13.51 16.34 2.43
C ALA B 537 -14.57 16.87 3.38
N LEU B 538 -15.32 17.87 2.93
CA LEU B 538 -16.54 18.20 3.62
C LEU B 538 -17.41 16.96 3.68
N PRO B 539 -18.24 16.82 4.72
CA PRO B 539 -19.10 15.63 4.79
C PRO B 539 -19.90 15.42 3.52
N ALA B 540 -20.42 16.49 2.93
CA ALA B 540 -21.21 16.34 1.71
C ALA B 540 -20.38 15.78 0.56
N GLU B 541 -19.06 15.88 0.64
CA GLU B 541 -18.17 15.62 -0.48
C GLU B 541 -17.36 14.33 -0.28
N LEU B 542 -17.76 13.48 0.66
CA LEU B 542 -17.00 12.26 0.94
C LEU B 542 -16.81 11.39 -0.29
N PHE B 543 -17.76 11.42 -1.22
CA PHE B 543 -17.70 10.55 -2.40
C PHE B 543 -17.28 11.30 -3.65
N GLY B 544 -16.81 12.54 -3.49
CA GLY B 544 -16.27 13.25 -4.63
C GLY B 544 -17.30 13.41 -5.74
N ASP B 545 -16.86 13.22 -6.98
CA ASP B 545 -17.73 13.45 -8.11
C ASP B 545 -18.76 12.36 -8.31
N ALA B 546 -18.64 11.23 -7.60
CA ALA B 546 -19.57 10.13 -7.82
C ALA B 546 -20.99 10.49 -7.40
N ARG B 547 -21.14 11.12 -6.25
CA ARG B 547 -22.47 11.41 -5.74
C ARG B 547 -22.32 12.28 -4.51
N THR B 548 -23.40 12.96 -4.17
CA THR B 548 -23.45 13.81 -3.00
C THR B 548 -23.87 12.99 -1.80
N ASN B 549 -23.08 13.06 -0.73
CA ASN B 549 -23.43 12.34 0.48
C ASN B 549 -24.71 12.91 1.07
N SER B 550 -25.54 12.03 1.63
CA SER B 550 -26.69 12.51 2.36
C SER B 550 -26.24 13.37 3.54
N ALA B 551 -27.10 14.32 3.91
CA ALA B 551 -26.83 15.18 5.05
C ALA B 551 -27.68 14.76 6.23
N GLY B 552 -27.09 14.82 7.41
CA GLY B 552 -27.79 14.58 8.65
C GLY B 552 -28.25 15.87 9.28
N LEU B 553 -28.57 15.79 10.57
CA LEU B 553 -29.02 16.92 11.34
C LEU B 553 -28.27 16.87 12.66
N ASP B 554 -27.84 18.04 13.14
CA ASP B 554 -26.99 18.11 14.33
C ASP B 554 -27.88 18.26 15.54
N LEU B 555 -28.06 17.17 16.28
CA LEU B 555 -28.93 17.21 17.44
C LEU B 555 -28.28 17.86 18.66
N SER B 556 -27.09 18.43 18.52
CA SER B 556 -26.51 19.28 19.54
C SER B 556 -26.65 20.75 19.22
N ASN B 557 -27.22 21.09 18.06
CA ASN B 557 -27.36 22.47 17.63
C ASN B 557 -28.74 22.97 18.06
N GLU B 558 -28.77 24.00 18.91
CA GLU B 558 -30.05 24.48 19.43
C GLU B 558 -30.95 25.02 18.33
N GLU B 559 -30.39 25.65 17.29
CA GLU B 559 -31.23 26.09 16.18
C GLU B 559 -31.88 24.89 15.52
N THR B 560 -31.08 23.85 15.27
CA THR B 560 -31.62 22.64 14.65
C THR B 560 -32.69 22.01 15.53
N LEU B 561 -32.42 21.91 16.83
CA LEU B 561 -33.41 21.29 17.72
C LEU B 561 -34.70 22.11 17.75
N ALA B 562 -34.59 23.43 17.74
CA ALA B 562 -35.78 24.26 17.77
C ALA B 562 -36.58 24.11 16.49
N SER B 563 -35.90 24.10 15.34
CA SER B 563 -36.63 23.97 14.08
CA SER B 563 -36.60 23.95 14.07
C SER B 563 -37.15 22.55 13.92
N LEU B 564 -36.38 21.54 14.33
CA LEU B 564 -36.85 20.17 14.26
CA LEU B 564 -36.86 20.16 14.27
C LEU B 564 -38.09 19.99 15.14
N THR B 565 -38.05 20.52 16.36
CA THR B 565 -39.21 20.44 17.25
C THR B 565 -40.47 20.90 16.53
N GLU B 566 -40.40 22.05 15.86
CA GLU B 566 -41.60 22.58 15.22
C GLU B 566 -42.01 21.71 14.03
N ALA B 567 -41.04 21.24 13.25
CA ALA B 567 -41.36 20.38 12.11
C ALA B 567 -41.93 19.07 12.58
N LEU B 568 -41.42 18.52 13.69
CA LEU B 568 -41.94 17.26 14.20
C LEU B 568 -43.36 17.42 14.70
N ARG B 569 -43.61 18.48 15.47
CA ARG B 569 -44.97 18.76 15.92
C ARG B 569 -45.92 18.91 14.73
N GLU B 570 -45.49 19.65 13.70
CA GLU B 570 -46.34 19.82 12.53
C GLU B 570 -46.58 18.50 11.82
N SER B 571 -45.59 17.60 11.83
CA SER B 571 -45.76 16.30 11.18
C SER B 571 -46.87 15.51 11.84
N ALA B 572 -47.02 15.64 13.15
CA ALA B 572 -48.06 14.91 13.86
C ALA B 572 -49.46 15.45 13.57
N ALA B 573 -49.58 16.70 13.14
CA ALA B 573 -50.90 17.23 12.83
C ALA B 573 -51.36 16.88 11.41
N MET B 574 -50.50 16.29 10.59
CA MET B 574 -50.87 15.93 9.23
C MET B 574 -51.70 14.66 9.23
N LYS B 575 -52.60 14.56 8.25
CA LYS B 575 -53.36 13.33 8.06
C LYS B 575 -52.50 12.39 7.22
N TRP B 576 -51.93 11.37 7.87
CA TRP B 576 -51.09 10.38 7.22
C TRP B 576 -51.93 9.19 6.82
N THR B 577 -51.87 8.82 5.55
CA THR B 577 -52.62 7.69 5.03
C THR B 577 -51.69 6.84 4.17
N ALA B 578 -52.10 5.60 3.99
CA ALA B 578 -51.44 4.70 3.05
C ALA B 578 -52.54 3.93 2.39
N LEU B 579 -52.58 3.96 1.07
CA LEU B 579 -53.66 3.38 0.28
C LEU B 579 -53.05 2.43 -0.73
N PRO B 580 -53.85 1.51 -1.26
CA PRO B 580 -53.39 0.77 -2.44
C PRO B 580 -53.36 1.71 -3.62
N GLN B 581 -52.17 2.17 -3.96
CA GLN B 581 -52.00 3.17 -5.02
C GLN B 581 -51.69 2.40 -6.29
N LEU B 582 -52.72 2.09 -7.04
CA LEU B 582 -52.54 1.43 -8.33
C LEU B 582 -52.31 2.48 -9.40
N ALA B 583 -51.94 2.01 -10.59
CA ALA B 583 -51.65 2.96 -11.67
C ALA B 583 -52.86 3.84 -11.97
N THR B 584 -54.06 3.30 -11.80
CA THR B 584 -55.29 4.00 -12.13
C THR B 584 -55.84 4.83 -10.98
N GLY B 585 -55.13 4.87 -9.86
CA GLY B 585 -55.59 5.61 -8.71
C GLY B 585 -55.70 4.70 -7.50
N PRO B 586 -56.01 5.29 -6.36
CA PRO B 586 -56.13 4.48 -5.14
C PRO B 586 -57.36 3.58 -5.20
N ALA B 587 -57.17 2.37 -4.71
CA ALA B 587 -58.24 1.38 -4.65
C ALA B 587 -58.84 1.35 -3.26
N ALA B 588 -60.11 0.96 -3.20
CA ALA B 588 -60.78 0.74 -1.93
C ALA B 588 -60.23 -0.51 -1.25
N GLY B 589 -60.35 -0.54 0.06
CA GLY B 589 -59.93 -1.71 0.79
C GLY B 589 -60.30 -1.61 2.26
N GLU B 590 -59.85 -2.60 3.01
CA GLU B 590 -60.07 -2.62 4.45
C GLU B 590 -59.14 -1.61 5.12
N THR B 591 -59.73 -0.73 5.91
CA THR B 591 -58.98 0.36 6.53
C THR B 591 -58.87 0.16 8.04
N ARG B 592 -57.70 0.47 8.58
CA ARG B 592 -57.48 0.42 10.01
C ARG B 592 -56.49 1.51 10.38
N THR B 593 -56.43 1.80 11.68
CA THR B 593 -55.50 2.79 12.17
C THR B 593 -54.10 2.20 12.31
N VAL B 594 -53.12 3.08 12.23
CA VAL B 594 -51.72 2.76 12.49
C VAL B 594 -51.36 3.43 13.80
N LEU B 595 -50.91 2.64 14.77
CA LEU B 595 -50.68 3.11 16.12
C LEU B 595 -49.20 3.18 16.42
N ASN B 596 -48.84 4.13 17.25
CA ASN B 596 -47.46 4.29 17.68
C ASN B 596 -47.11 3.11 18.56
N PRO B 597 -46.10 2.31 18.23
CA PRO B 597 -45.75 1.16 19.09
C PRO B 597 -45.36 1.56 20.50
N GLY B 598 -44.91 2.80 20.69
CA GLY B 598 -44.54 3.26 22.01
C GLY B 598 -45.69 3.79 22.82
N ASP B 599 -46.85 3.94 22.20
CA ASP B 599 -48.02 4.46 22.89
C ASP B 599 -49.21 4.27 21.96
N HIS B 600 -49.97 3.19 22.18
CA HIS B 600 -51.07 2.89 21.29
C HIS B 600 -52.18 3.95 21.30
N ARG B 601 -52.15 4.88 22.26
CA ARG B 601 -53.10 5.98 22.24
C ARG B 601 -52.76 6.99 21.15
N ASP B 602 -51.54 6.96 20.64
CA ASP B 602 -51.10 7.89 19.62
C ASP B 602 -51.40 7.28 18.27
N VAL B 603 -52.50 7.72 17.65
CA VAL B 603 -52.86 7.25 16.32
C VAL B 603 -52.01 8.02 15.31
N VAL B 604 -51.19 7.30 14.57
CA VAL B 604 -50.29 7.95 13.63
C VAL B 604 -51.00 8.22 12.31
N GLY B 605 -51.86 7.32 11.89
CA GLY B 605 -52.48 7.47 10.60
C GLY B 605 -53.40 6.30 10.32
N SER B 606 -53.75 6.16 9.06
CA SER B 606 -54.69 5.14 8.64
CA SER B 606 -54.69 5.14 8.63
CA SER B 606 -54.70 5.16 8.62
C SER B 606 -54.16 4.45 7.39
N VAL B 607 -54.32 3.13 7.34
CA VAL B 607 -53.89 2.34 6.20
C VAL B 607 -55.08 1.62 5.61
N THR B 608 -55.21 1.71 4.30
CA THR B 608 -56.18 0.92 3.57
C THR B 608 -55.41 -0.19 2.87
N GLU B 609 -55.74 -1.42 3.22
CA GLU B 609 -54.94 -2.54 2.76
C GLU B 609 -55.48 -3.11 1.47
N THR B 610 -54.59 -3.74 0.72
CA THR B 610 -54.87 -4.13 -0.66
C THR B 610 -55.53 -5.51 -0.68
N SER B 611 -56.59 -5.64 -1.48
CA SER B 611 -57.13 -6.96 -1.70
C SER B 611 -56.19 -7.77 -2.57
N GLU B 612 -56.27 -9.09 -2.43
CA GLU B 612 -55.46 -9.96 -3.29
C GLU B 612 -55.82 -9.76 -4.76
N GLU B 613 -57.10 -9.50 -5.05
CA GLU B 613 -57.50 -9.20 -6.42
C GLU B 613 -56.80 -7.93 -6.93
N ASP B 614 -56.77 -6.87 -6.11
CA ASP B 614 -56.13 -5.64 -6.56
C ASP B 614 -54.61 -5.78 -6.62
N ALA B 615 -54.02 -6.63 -5.79
CA ALA B 615 -52.61 -6.94 -5.94
C ALA B 615 -52.34 -7.53 -7.32
N ARG B 616 -53.16 -8.50 -7.73
N ARG B 616 -53.16 -8.49 -7.73
CA ARG B 616 -52.98 -9.09 -9.05
CA ARG B 616 -52.95 -9.09 -9.05
C ARG B 616 -53.21 -8.06 -10.15
C ARG B 616 -53.23 -8.08 -10.16
N ARG B 617 -54.23 -7.22 -9.98
CA ARG B 617 -54.49 -6.16 -10.96
C ARG B 617 -53.30 -5.22 -11.06
N ALA B 618 -52.67 -4.89 -9.94
CA ALA B 618 -51.50 -4.01 -9.98
C ALA B 618 -50.38 -4.63 -10.80
N VAL B 619 -50.16 -5.94 -10.66
CA VAL B 619 -49.10 -6.57 -11.43
C VAL B 619 -49.40 -6.49 -12.91
N ARG B 620 -50.67 -6.67 -13.28
CA ARG B 620 -51.04 -6.53 -14.68
CA ARG B 620 -51.07 -6.52 -14.68
C ARG B 620 -50.84 -5.11 -15.17
N LEU B 621 -51.19 -4.11 -14.35
CA LEU B 621 -50.94 -2.72 -14.71
C LEU B 621 -49.44 -2.47 -14.85
N ALA B 622 -48.63 -3.08 -13.98
CA ALA B 622 -47.18 -2.92 -14.10
C ALA B 622 -46.67 -3.53 -15.39
N ALA B 623 -47.19 -4.71 -15.76
CA ALA B 623 -46.75 -5.36 -16.99
C ALA B 623 -47.11 -4.51 -18.22
N ASP B 624 -48.31 -3.93 -18.21
CA ASP B 624 -48.71 -3.11 -19.34
C ASP B 624 -47.80 -1.91 -19.51
N ALA B 625 -47.35 -1.33 -18.40
CA ALA B 625 -46.50 -0.15 -18.43
C ALA B 625 -45.02 -0.47 -18.51
N ALA B 626 -44.65 -1.74 -18.45
CA ALA B 626 -43.23 -2.07 -18.43
C ALA B 626 -42.46 -1.52 -19.62
N PRO B 627 -42.93 -1.65 -20.87
CA PRO B 627 -42.14 -1.11 -22.00
C PRO B 627 -41.93 0.39 -21.93
N ASP B 628 -42.93 1.16 -21.48
CA ASP B 628 -42.79 2.61 -21.46
C ASP B 628 -41.75 3.04 -20.42
N TRP B 629 -41.72 2.37 -19.28
CA TRP B 629 -40.70 2.69 -18.29
C TRP B 629 -39.33 2.22 -18.75
N ALA B 630 -39.25 1.04 -19.36
CA ALA B 630 -37.96 0.57 -19.85
C ALA B 630 -37.38 1.54 -20.88
N ALA B 631 -38.26 2.23 -21.61
CA ALA B 631 -37.83 3.14 -22.66
C ALA B 631 -37.32 4.48 -22.14
N VAL B 632 -37.54 4.78 -20.86
CA VAL B 632 -36.98 5.98 -20.27
C VAL B 632 -35.48 5.73 -20.14
N PRO B 633 -34.64 6.59 -20.71
CA PRO B 633 -33.20 6.33 -20.70
C PRO B 633 -32.69 6.17 -19.28
N PRO B 634 -31.72 5.28 -19.08
CA PRO B 634 -31.19 5.08 -17.72
C PRO B 634 -30.77 6.35 -17.02
N SER B 635 -30.12 7.28 -17.73
CA SER B 635 -29.73 8.52 -17.07
C SER B 635 -30.95 9.31 -16.60
N GLU B 636 -32.06 9.22 -17.34
CA GLU B 636 -33.27 9.93 -16.89
C GLU B 636 -33.94 9.21 -15.74
N ARG B 637 -33.92 7.88 -15.76
CA ARG B 637 -34.41 7.15 -14.59
C ARG B 637 -33.57 7.50 -13.38
N ALA B 638 -32.26 7.57 -13.56
CA ALA B 638 -31.37 7.94 -12.46
C ALA B 638 -31.66 9.36 -11.99
N ALA B 639 -32.01 10.26 -12.92
CA ALA B 639 -32.35 11.62 -12.53
C ALA B 639 -33.59 11.65 -11.64
N CYS B 640 -34.54 10.74 -11.86
CA CYS B 640 -35.70 10.62 -10.97
C CYS B 640 -35.26 10.26 -9.56
N LEU B 641 -34.37 9.28 -9.45
CA LEU B 641 -33.86 8.90 -8.14
C LEU B 641 -33.17 10.07 -7.47
N ASP B 642 -32.35 10.80 -8.23
CA ASP B 642 -31.65 11.95 -7.64
C ASP B 642 -32.63 13.02 -7.20
N ARG B 643 -33.70 13.25 -7.98
CA ARG B 643 -34.71 14.20 -7.56
C ARG B 643 -35.41 13.72 -6.30
N ALA B 644 -35.73 12.43 -6.22
CA ALA B 644 -36.35 11.91 -5.00
C ALA B 644 -35.44 12.11 -3.81
N ALA B 645 -34.13 11.93 -4.01
CA ALA B 645 -33.21 12.12 -2.90
C ALA B 645 -33.21 13.56 -2.41
N GLU B 646 -33.27 14.53 -3.34
CA GLU B 646 -33.34 15.93 -2.94
C GLU B 646 -34.59 16.18 -2.12
N LEU B 647 -35.71 15.58 -2.53
CA LEU B 647 -36.95 15.77 -1.80
C LEU B 647 -36.88 15.16 -0.42
N MET B 648 -36.35 13.94 -0.30
CA MET B 648 -36.23 13.32 1.02
C MET B 648 -35.29 14.12 1.90
N GLN B 649 -34.22 14.68 1.31
CA GLN B 649 -33.31 15.49 2.10
C GLN B 649 -34.02 16.73 2.63
N ALA B 650 -34.76 17.41 1.76
CA ALA B 650 -35.46 18.63 2.16
C ALA B 650 -36.56 18.35 3.16
N ARG B 651 -37.20 17.18 3.05
CA ARG B 651 -38.34 16.83 3.90
C ARG B 651 -37.94 15.93 5.04
N MET B 652 -36.64 15.75 5.27
CA MET B 652 -36.18 14.89 6.36
C MET B 652 -36.87 15.17 7.69
N PRO B 653 -37.04 16.42 8.15
CA PRO B 653 -37.69 16.63 9.45
C PRO B 653 -39.06 16.01 9.53
N THR B 654 -39.87 16.15 8.47
CA THR B 654 -41.19 15.56 8.47
C THR B 654 -41.11 14.04 8.42
N LEU B 655 -40.23 13.50 7.56
CA LEU B 655 -40.05 12.06 7.48
C LEU B 655 -39.60 11.49 8.82
N LEU B 656 -38.72 12.21 9.53
CA LEU B 656 -38.26 11.76 10.84
C LEU B 656 -39.42 11.57 11.78
N GLY B 657 -40.31 12.56 11.84
CA GLY B 657 -41.42 12.49 12.76
C GLY B 657 -42.31 11.29 12.50
N LEU B 658 -42.54 10.98 11.23
CA LEU B 658 -43.33 9.82 10.89
C LEU B 658 -42.61 8.53 11.29
N ILE B 659 -41.31 8.44 11.03
CA ILE B 659 -40.56 7.23 11.35
C ILE B 659 -40.50 7.04 12.86
N ILE B 660 -40.28 8.13 13.60
CA ILE B 660 -40.25 8.05 15.06
C ILE B 660 -41.56 7.46 15.59
N ARG B 661 -42.68 7.96 15.08
CA ARG B 661 -43.97 7.59 15.65
C ARG B 661 -44.50 6.27 15.10
N GLU B 662 -44.23 5.97 13.83
CA GLU B 662 -44.78 4.74 13.26
C GLU B 662 -43.91 3.53 13.58
N ALA B 663 -42.59 3.70 13.56
CA ALA B 663 -41.70 2.58 13.71
C ALA B 663 -41.02 2.52 15.06
N GLY B 664 -41.29 3.47 15.95
CA GLY B 664 -40.68 3.46 17.27
C GLY B 664 -39.21 3.78 17.30
N LYS B 665 -38.72 4.51 16.32
CA LYS B 665 -37.30 4.80 16.25
C LYS B 665 -36.98 6.08 17.02
N SER B 666 -35.76 6.17 17.51
CA SER B 666 -35.29 7.42 18.08
C SER B 666 -34.95 8.41 16.97
N ALA B 667 -34.82 9.68 17.35
CA ALA B 667 -34.50 10.72 16.38
C ALA B 667 -33.21 10.40 15.63
N LEU B 668 -32.15 10.01 16.36
CA LEU B 668 -30.89 9.71 15.70
C LEU B 668 -31.03 8.57 14.71
N ASN B 669 -31.78 7.54 15.08
CA ASN B 669 -31.95 6.42 14.17
C ASN B 669 -32.85 6.79 13.00
N ALA B 670 -33.84 7.64 13.24
CA ALA B 670 -34.70 8.09 12.15
C ALA B 670 -33.91 8.94 11.16
N ILE B 671 -33.00 9.79 11.65
CA ILE B 671 -32.13 10.54 10.75
C ILE B 671 -31.32 9.60 9.90
N ALA B 672 -30.69 8.61 10.53
CA ALA B 672 -29.87 7.67 9.79
C ALA B 672 -30.71 6.93 8.76
N GLU B 673 -31.97 6.63 9.09
CA GLU B 673 -32.85 5.94 8.17
CA GLU B 673 -32.85 5.94 8.17
C GLU B 673 -33.10 6.78 6.92
N VAL B 674 -33.43 8.05 7.11
CA VAL B 674 -33.68 8.91 5.96
C VAL B 674 -32.41 9.09 5.16
N ARG B 675 -31.27 9.27 5.85
CA ARG B 675 -30.01 9.39 5.14
C ARG B 675 -29.75 8.16 4.30
N GLU B 676 -30.02 6.98 4.83
CA GLU B 676 -29.79 5.76 4.06
C GLU B 676 -30.69 5.70 2.84
N ALA B 677 -31.96 6.11 2.96
CA ALA B 677 -32.82 6.16 1.78
C ALA B 677 -32.24 7.10 0.73
N ILE B 678 -31.80 8.28 1.17
CA ILE B 678 -31.19 9.23 0.25
C ILE B 678 -29.96 8.62 -0.40
N ASP B 679 -29.13 7.94 0.39
CA ASP B 679 -27.91 7.36 -0.14
C ASP B 679 -28.23 6.23 -1.12
N PHE B 680 -29.22 5.40 -0.83
CA PHE B 680 -29.60 4.38 -1.81
C PHE B 680 -29.99 5.03 -3.13
N LEU B 681 -30.84 6.06 -3.07
CA LEU B 681 -31.29 6.73 -4.27
C LEU B 681 -30.10 7.23 -5.07
N ARG B 682 -29.19 7.92 -4.40
CA ARG B 682 -28.09 8.53 -5.12
C ARG B 682 -27.07 7.49 -5.55
N TYR B 683 -26.88 6.46 -4.75
CA TYR B 683 -25.92 5.42 -5.12
C TYR B 683 -26.41 4.64 -6.32
N TYR B 684 -27.68 4.19 -6.31
CA TYR B 684 -28.16 3.45 -7.46
C TYR B 684 -28.25 4.34 -8.69
N ALA B 685 -28.52 5.63 -8.50
CA ALA B 685 -28.49 6.55 -9.63
C ALA B 685 -27.11 6.60 -10.24
N GLU B 686 -26.08 6.76 -9.40
CA GLU B 686 -24.73 6.80 -9.94
C GLU B 686 -24.32 5.46 -10.54
N GLN B 687 -24.62 4.36 -9.86
CA GLN B 687 -24.27 3.07 -10.43
C GLN B 687 -24.93 2.86 -11.78
N THR B 688 -26.18 3.32 -11.92
CA THR B 688 -26.83 3.28 -13.23
C THR B 688 -26.06 4.09 -14.25
N ARG B 689 -25.68 5.32 -13.91
CA ARG B 689 -24.94 6.16 -14.86
C ARG B 689 -23.62 5.53 -15.26
N ARG B 690 -23.05 4.70 -14.40
CA ARG B 690 -21.78 4.07 -14.72
C ARG B 690 -21.94 2.81 -15.56
N THR B 691 -23.13 2.23 -15.63
CA THR B 691 -23.21 0.88 -16.17
C THR B 691 -24.27 0.66 -17.24
N LEU B 692 -25.49 1.14 -17.05
CA LEU B 692 -26.60 0.58 -17.82
C LEU B 692 -26.67 1.16 -19.23
N GLY B 693 -26.75 0.26 -20.20
CA GLY B 693 -26.88 0.60 -21.59
C GLY B 693 -27.98 -0.21 -22.23
N PRO B 694 -28.11 -0.10 -23.54
CA PRO B 694 -29.28 -0.66 -24.22
C PRO B 694 -29.38 -2.17 -24.11
N GLY B 695 -28.26 -2.87 -23.98
CA GLY B 695 -28.27 -4.31 -23.86
C GLY B 695 -28.54 -4.85 -22.48
N HIS B 696 -28.77 -3.99 -21.50
CA HIS B 696 -29.11 -4.43 -20.15
C HIS B 696 -30.61 -4.23 -19.92
N GLY B 697 -31.38 -5.09 -20.57
CA GLY B 697 -32.82 -5.01 -20.52
C GLY B 697 -33.37 -5.32 -19.15
N PRO B 698 -34.48 -4.69 -18.80
CA PRO B 698 -35.10 -4.95 -17.50
C PRO B 698 -35.73 -6.33 -17.46
N LEU B 699 -35.94 -6.79 -16.23
CA LEU B 699 -36.66 -8.05 -16.06
C LEU B 699 -38.14 -7.90 -16.38
N GLY B 700 -38.74 -6.77 -16.00
CA GLY B 700 -40.17 -6.62 -16.00
C GLY B 700 -40.64 -6.26 -14.61
N PRO B 701 -41.94 -6.43 -14.34
CA PRO B 701 -42.47 -6.05 -13.02
C PRO B 701 -41.73 -6.75 -11.89
N ILE B 702 -41.25 -5.96 -10.95
CA ILE B 702 -40.54 -6.47 -9.78
CA ILE B 702 -40.53 -6.45 -9.78
C ILE B 702 -41.38 -6.20 -8.55
N VAL B 703 -41.55 -7.23 -7.74
CA VAL B 703 -42.25 -7.12 -6.48
C VAL B 703 -41.21 -6.86 -5.41
N CYS B 704 -41.36 -5.75 -4.69
CA CYS B 704 -40.43 -5.36 -3.65
C CYS B 704 -41.14 -5.50 -2.32
N ILE B 705 -40.69 -6.44 -1.51
CA ILE B 705 -41.31 -6.72 -0.23
C ILE B 705 -40.30 -6.37 0.84
N SER B 706 -40.71 -5.53 1.78
CA SER B 706 -39.77 -4.92 2.71
C SER B 706 -40.20 -5.16 4.14
N PRO B 707 -39.26 -5.09 5.08
CA PRO B 707 -39.57 -5.35 6.48
C PRO B 707 -39.94 -4.05 7.19
N TRP B 708 -40.48 -4.21 8.41
CA TRP B 708 -40.93 -3.02 9.13
C TRP B 708 -39.78 -2.24 9.74
N ASN B 709 -38.62 -2.85 9.93
CA ASN B 709 -37.60 -2.27 10.80
C ASN B 709 -36.72 -1.25 10.12
N PHE B 710 -36.70 -1.22 8.80
CA PHE B 710 -36.10 -0.12 8.04
C PHE B 710 -37.15 0.31 7.05
N PRO B 711 -38.22 0.93 7.54
CA PRO B 711 -39.44 1.06 6.74
C PRO B 711 -39.36 2.12 5.66
N LEU B 712 -38.34 2.99 5.70
CA LEU B 712 -38.04 3.86 4.58
C LEU B 712 -36.79 3.46 3.84
N ALA B 713 -35.72 3.08 4.56
CA ALA B 713 -34.44 2.88 3.91
C ALA B 713 -34.45 1.63 3.03
N ILE B 714 -34.78 0.47 3.60
CA ILE B 714 -34.78 -0.75 2.79
C ILE B 714 -35.91 -0.69 1.77
N PHE B 715 -37.06 -0.17 2.20
CA PHE B 715 -38.18 0.06 1.31
C PHE B 715 -37.72 0.82 0.07
N THR B 716 -37.09 1.98 0.28
CA THR B 716 -36.64 2.83 -0.82
C THR B 716 -35.53 2.17 -1.62
N GLY B 717 -34.58 1.54 -0.94
CA GLY B 717 -33.44 0.95 -1.64
C GLY B 717 -33.88 -0.07 -2.68
N GLN B 718 -34.75 -1.00 -2.28
CA GLN B 718 -35.15 -2.04 -3.21
C GLN B 718 -35.90 -1.45 -4.38
N ILE B 719 -36.84 -0.56 -4.07
CA ILE B 719 -37.66 0.05 -5.11
C ILE B 719 -36.80 0.87 -6.06
N ALA B 720 -35.91 1.68 -5.50
CA ALA B 720 -35.08 2.54 -6.32
C ALA B 720 -34.24 1.73 -7.28
N ALA B 721 -33.62 0.67 -6.79
CA ALA B 721 -32.78 -0.15 -7.65
C ALA B 721 -33.60 -0.79 -8.76
N ALA B 722 -34.76 -1.35 -8.41
CA ALA B 722 -35.58 -1.96 -9.43
C ALA B 722 -36.01 -0.94 -10.47
N LEU B 723 -36.48 0.22 -10.01
CA LEU B 723 -36.92 1.26 -10.94
C LEU B 723 -35.80 1.72 -11.85
N VAL B 724 -34.63 1.99 -11.28
CA VAL B 724 -33.59 2.59 -12.09
C VAL B 724 -33.05 1.57 -13.08
N ALA B 725 -33.15 0.28 -12.76
CA ALA B 725 -32.80 -0.76 -13.71
C ALA B 725 -33.84 -0.91 -14.81
N GLY B 726 -34.91 -0.13 -14.77
CA GLY B 726 -35.89 -0.12 -15.84
C GLY B 726 -37.11 -0.98 -15.59
N ASN B 727 -37.34 -1.39 -14.35
CA ASN B 727 -38.45 -2.27 -14.02
C ASN B 727 -39.53 -1.48 -13.32
N PRO B 728 -40.79 -1.66 -13.70
CA PRO B 728 -41.86 -1.14 -12.86
C PRO B 728 -41.94 -1.96 -11.59
N VAL B 729 -42.41 -1.32 -10.52
CA VAL B 729 -42.32 -1.89 -9.19
C VAL B 729 -43.69 -1.99 -8.54
N LEU B 730 -43.94 -3.12 -7.89
CA LEU B 730 -45.06 -3.30 -6.97
C LEU B 730 -44.44 -3.29 -5.59
N ALA B 731 -44.74 -2.26 -4.82
CA ALA B 731 -44.09 -2.06 -3.53
C ALA B 731 -45.04 -2.51 -2.43
N LYS B 732 -44.64 -3.53 -1.68
CA LYS B 732 -45.47 -4.11 -0.63
C LYS B 732 -44.73 -3.90 0.68
N PRO B 733 -45.05 -2.84 1.41
CA PRO B 733 -44.36 -2.55 2.67
C PRO B 733 -44.91 -3.46 3.75
N ALA B 734 -44.10 -3.60 4.78
CA ALA B 734 -44.53 -4.36 5.95
C ALA B 734 -45.83 -3.81 6.50
N GLU B 735 -46.66 -4.71 7.02
CA GLU B 735 -47.98 -4.30 7.51
C GLU B 735 -47.86 -3.32 8.68
N GLU B 736 -46.78 -3.39 9.44
CA GLU B 736 -46.63 -2.54 10.61
C GLU B 736 -46.33 -1.09 10.24
N THR B 737 -45.75 -0.84 9.07
CA THR B 737 -45.17 0.47 8.77
C THR B 737 -45.56 0.95 7.37
N PRO B 738 -46.85 1.02 7.07
CA PRO B 738 -47.25 1.43 5.72
C PRO B 738 -47.16 2.94 5.49
N LEU B 739 -47.20 3.75 6.54
CA LEU B 739 -47.34 5.20 6.31
C LEU B 739 -46.07 5.79 5.73
N ILE B 740 -44.91 5.43 6.31
CA ILE B 740 -43.68 5.98 5.75
C ILE B 740 -43.44 5.44 4.36
N ALA B 741 -43.87 4.20 4.08
CA ALA B 741 -43.75 3.67 2.74
C ALA B 741 -44.59 4.48 1.76
N ALA B 742 -45.83 4.78 2.15
CA ALA B 742 -46.68 5.61 1.31
C ALA B 742 -46.03 6.94 1.01
N GLU B 743 -45.37 7.52 2.02
CA GLU B 743 -44.70 8.80 1.80
C GLU B 743 -43.52 8.65 0.86
N GLY B 744 -42.75 7.56 1.00
CA GLY B 744 -41.69 7.30 0.04
C GLY B 744 -42.21 7.22 -1.38
N VAL B 745 -43.33 6.53 -1.57
CA VAL B 745 -43.92 6.43 -2.91
C VAL B 745 -44.38 7.80 -3.38
N ARG B 746 -45.00 8.60 -2.51
CA ARG B 746 -45.38 9.95 -2.91
C ARG B 746 -44.17 10.72 -3.42
N ILE B 747 -43.03 10.59 -2.72
CA ILE B 747 -41.86 11.36 -3.09
C ILE B 747 -41.27 10.85 -4.40
N LEU B 748 -41.21 9.54 -4.58
CA LEU B 748 -40.71 9.02 -5.84
C LEU B 748 -41.61 9.42 -7.00
N ARG B 749 -42.93 9.36 -6.81
CA ARG B 749 -43.80 9.82 -7.89
C ARG B 749 -43.61 11.30 -8.16
N GLU B 750 -43.48 12.10 -7.10
CA GLU B 750 -43.26 13.52 -7.30
C GLU B 750 -41.99 13.78 -8.07
N ALA B 751 -40.99 12.93 -7.86
CA ALA B 751 -39.69 13.07 -8.49
C ALA B 751 -39.69 12.61 -9.94
N GLY B 752 -40.77 12.04 -10.41
CA GLY B 752 -40.88 11.69 -11.81
C GLY B 752 -41.15 10.24 -12.09
N ILE B 753 -41.27 9.38 -11.09
CA ILE B 753 -41.58 7.98 -11.37
C ILE B 753 -43.05 7.91 -11.73
N PRO B 754 -43.40 7.41 -12.91
CA PRO B 754 -44.81 7.35 -13.30
C PRO B 754 -45.60 6.46 -12.36
N ALA B 755 -46.88 6.79 -12.20
CA ALA B 755 -47.74 6.00 -11.34
C ALA B 755 -47.78 4.55 -11.76
N SER B 756 -47.71 4.29 -13.07
CA SER B 756 -47.73 2.91 -13.54
C SER B 756 -46.42 2.18 -13.26
N ALA B 757 -45.34 2.90 -13.04
CA ALA B 757 -44.07 2.29 -12.73
C ALA B 757 -43.88 2.03 -11.25
N LEU B 758 -44.70 2.64 -10.39
CA LEU B 758 -44.51 2.48 -8.94
C LEU B 758 -45.88 2.47 -8.28
N GLN B 759 -46.33 1.30 -7.90
CA GLN B 759 -47.61 1.13 -7.23
C GLN B 759 -47.35 0.63 -5.81
N LEU B 760 -48.13 1.15 -4.87
CA LEU B 760 -48.00 0.81 -3.46
C LEU B 760 -49.15 -0.11 -3.06
N LEU B 761 -48.83 -1.27 -2.50
CA LEU B 761 -49.83 -2.25 -2.11
C LEU B 761 -49.66 -2.53 -0.63
N PRO B 762 -50.24 -1.71 0.25
CA PRO B 762 -50.15 -2.01 1.68
C PRO B 762 -50.90 -3.28 2.00
N GLY B 763 -50.46 -3.95 3.05
CA GLY B 763 -51.17 -5.09 3.56
C GLY B 763 -50.20 -6.07 4.18
N ASP B 764 -50.72 -7.24 4.52
CA ASP B 764 -49.92 -8.22 5.25
C ASP B 764 -49.25 -9.18 4.26
N GLY B 765 -48.80 -10.32 4.78
CA GLY B 765 -48.06 -11.25 3.95
C GLY B 765 -48.89 -11.86 2.84
N ARG B 766 -50.22 -11.91 3.01
CA ARG B 766 -51.08 -12.41 1.94
C ARG B 766 -51.01 -11.50 0.72
N VAL B 767 -50.85 -10.20 0.95
CA VAL B 767 -50.67 -9.28 -0.17
C VAL B 767 -49.34 -9.53 -0.85
N GLY B 768 -48.28 -9.69 -0.04
CA GLY B 768 -47.00 -10.05 -0.61
C GLY B 768 -47.06 -11.34 -1.39
N ALA B 769 -47.73 -12.35 -0.82
CA ALA B 769 -47.81 -13.64 -1.50
C ALA B 769 -48.55 -13.52 -2.82
N ALA B 770 -49.64 -12.75 -2.84
CA ALA B 770 -50.40 -12.59 -4.07
C ALA B 770 -49.57 -11.91 -5.15
N LEU B 771 -48.75 -10.93 -4.76
CA LEU B 771 -47.88 -10.28 -5.73
C LEU B 771 -46.85 -11.25 -6.27
N VAL B 772 -46.23 -12.02 -5.37
CA VAL B 772 -45.19 -12.97 -5.76
C VAL B 772 -45.72 -13.99 -6.75
N ALA B 773 -46.95 -14.47 -6.52
CA ALA B 773 -47.55 -15.52 -7.33
C ALA B 773 -48.11 -15.02 -8.65
N ALA B 774 -48.22 -13.71 -8.84
CA ALA B 774 -48.83 -13.17 -10.05
C ALA B 774 -48.02 -13.55 -11.29
N ALA B 775 -48.75 -13.84 -12.37
CA ALA B 775 -48.14 -14.39 -13.57
C ALA B 775 -47.07 -13.47 -14.16
N GLU B 776 -47.30 -12.16 -14.10
CA GLU B 776 -46.40 -11.20 -14.75
C GLU B 776 -45.23 -10.78 -13.88
N THR B 777 -45.15 -11.25 -12.64
CA THR B 777 -44.04 -10.88 -11.77
C THR B 777 -42.76 -11.48 -12.32
N ALA B 778 -41.78 -10.61 -12.59
CA ALA B 778 -40.55 -11.01 -13.26
C ALA B 778 -39.37 -11.05 -12.31
N GLY B 779 -39.55 -10.62 -11.07
CA GLY B 779 -38.48 -10.65 -10.10
C GLY B 779 -39.04 -10.24 -8.77
N VAL B 780 -38.36 -10.68 -7.71
CA VAL B 780 -38.77 -10.36 -6.36
C VAL B 780 -37.55 -9.89 -5.58
N MET B 781 -37.70 -8.78 -4.89
CA MET B 781 -36.69 -8.28 -3.97
C MET B 781 -37.33 -8.36 -2.60
N PHE B 782 -36.78 -9.22 -1.77
CA PHE B 782 -37.35 -9.48 -0.46
C PHE B 782 -36.31 -9.22 0.60
N THR B 783 -36.71 -8.49 1.63
CA THR B 783 -35.90 -8.37 2.83
C THR B 783 -36.82 -8.66 4.00
N GLY B 784 -36.42 -9.60 4.84
CA GLY B 784 -37.30 -10.06 5.89
C GLY B 784 -36.77 -11.35 6.48
N SER B 785 -37.66 -12.11 7.10
CA SER B 785 -37.22 -13.31 7.78
C SER B 785 -36.87 -14.41 6.78
N THR B 786 -35.94 -15.27 7.19
CA THR B 786 -35.60 -16.42 6.36
C THR B 786 -36.82 -17.30 6.12
N GLU B 787 -37.68 -17.47 7.13
CA GLU B 787 -38.86 -18.32 6.99
C GLU B 787 -39.75 -17.83 5.85
N VAL B 788 -40.00 -16.52 5.80
CA VAL B 788 -40.84 -15.98 4.74
C VAL B 788 -40.14 -16.07 3.39
N ALA B 789 -38.83 -15.81 3.37
CA ALA B 789 -38.09 -15.92 2.12
C ALA B 789 -38.23 -17.31 1.52
N ARG B 790 -38.23 -18.34 2.36
CA ARG B 790 -38.40 -19.69 1.84
C ARG B 790 -39.76 -19.87 1.19
N LEU B 791 -40.80 -19.29 1.76
CA LEU B 791 -42.12 -19.41 1.15
C LEU B 791 -42.14 -18.74 -0.22
N ILE B 792 -41.52 -17.57 -0.31
CA ILE B 792 -41.45 -16.85 -1.59
C ILE B 792 -40.67 -17.66 -2.60
N GLN B 793 -39.53 -18.18 -2.17
CA GLN B 793 -38.70 -19.00 -3.04
C GLN B 793 -39.48 -20.18 -3.58
N ALA B 794 -40.26 -20.84 -2.72
CA ALA B 794 -41.06 -21.97 -3.17
C ALA B 794 -42.09 -21.54 -4.22
N GLN B 795 -42.76 -20.40 -3.98
CA GLN B 795 -43.75 -19.96 -4.95
C GLN B 795 -43.11 -19.63 -6.29
N LEU B 796 -41.96 -18.96 -6.26
CA LEU B 796 -41.32 -18.57 -7.50
C LEU B 796 -40.84 -19.77 -8.30
N ALA B 797 -40.41 -20.83 -7.61
CA ALA B 797 -39.84 -21.98 -8.30
C ALA B 797 -40.89 -22.74 -9.09
N ASP B 798 -42.17 -22.48 -8.83
CA ASP B 798 -43.22 -23.09 -9.64
C ASP B 798 -43.33 -22.46 -11.02
N ARG B 799 -42.74 -21.28 -11.23
CA ARG B 799 -42.90 -20.50 -12.45
C ARG B 799 -41.56 -20.33 -13.14
N LEU B 800 -41.64 -19.93 -14.40
CA LEU B 800 -40.48 -19.50 -15.17
C LEU B 800 -40.83 -18.18 -15.84
N SER B 801 -39.81 -17.43 -16.22
CA SER B 801 -40.01 -16.25 -17.03
C SER B 801 -40.53 -16.65 -18.40
N PRO B 802 -41.05 -15.69 -19.18
CA PRO B 802 -41.42 -16.03 -20.57
C PRO B 802 -40.28 -16.60 -21.38
N ALA B 803 -39.05 -16.24 -21.05
CA ALA B 803 -37.86 -16.83 -21.67
C ALA B 803 -37.44 -18.14 -21.01
N GLY B 804 -38.30 -18.74 -20.18
CA GLY B 804 -38.03 -20.04 -19.60
C GLY B 804 -36.88 -20.09 -18.62
N ARG B 805 -36.71 -19.06 -17.81
CA ARG B 805 -35.61 -18.97 -16.85
C ARG B 805 -36.17 -18.68 -15.47
N PRO B 806 -35.44 -19.05 -14.42
CA PRO B 806 -35.93 -18.79 -13.07
C PRO B 806 -36.19 -17.31 -12.84
N ILE B 807 -37.26 -17.01 -12.10
CA ILE B 807 -37.56 -15.66 -11.68
C ILE B 807 -36.54 -15.27 -10.62
N PRO B 808 -35.79 -14.19 -10.80
CA PRO B 808 -34.74 -13.85 -9.84
C PRO B 808 -35.35 -13.42 -8.51
N LEU B 809 -34.71 -13.86 -7.43
CA LEU B 809 -35.11 -13.49 -6.08
C LEU B 809 -33.87 -12.99 -5.38
N ILE B 810 -33.93 -11.76 -4.88
CA ILE B 810 -32.95 -11.28 -3.92
C ILE B 810 -33.62 -11.43 -2.58
N ALA B 811 -33.05 -12.25 -1.71
CA ALA B 811 -33.67 -12.52 -0.41
C ALA B 811 -32.61 -12.25 0.64
N GLU B 812 -32.77 -11.12 1.31
CA GLU B 812 -31.85 -10.67 2.34
C GLU B 812 -32.54 -10.89 3.67
N THR B 813 -31.97 -11.76 4.49
CA THR B 813 -32.72 -12.36 5.58
C THR B 813 -32.00 -12.17 6.91
N GLY B 814 -32.23 -13.07 7.86
CA GLY B 814 -31.87 -12.79 9.23
C GLY B 814 -30.39 -12.93 9.52
N GLY B 815 -30.04 -12.63 10.78
CA GLY B 815 -28.68 -12.83 11.24
C GLY B 815 -28.70 -13.41 12.65
N GLN B 816 -27.54 -13.90 13.06
CA GLN B 816 -27.31 -14.33 14.44
C GLN B 816 -25.94 -13.77 14.79
N ASN B 817 -25.87 -12.46 14.95
CA ASN B 817 -24.61 -11.75 14.79
C ASN B 817 -23.83 -11.75 16.07
N ALA B 818 -22.54 -12.06 15.96
CA ALA B 818 -21.66 -12.13 17.12
C ALA B 818 -20.65 -11.00 17.10
N MET B 819 -20.17 -10.66 18.29
CA MET B 819 -19.00 -9.83 18.46
C MET B 819 -18.06 -10.59 19.37
N ILE B 820 -16.82 -10.74 18.93
CA ILE B 820 -15.78 -11.37 19.72
C ILE B 820 -14.88 -10.29 20.28
N VAL B 821 -14.64 -10.35 21.59
CA VAL B 821 -13.86 -9.35 22.31
C VAL B 821 -12.76 -10.10 23.01
N ASP B 822 -11.51 -9.73 22.77
CA ASP B 822 -10.43 -10.34 23.52
C ASP B 822 -9.96 -9.43 24.65
N SER B 823 -8.93 -9.89 25.36
CA SER B 823 -8.46 -9.16 26.53
C SER B 823 -7.68 -7.90 26.17
N SER B 824 -7.37 -7.68 24.90
CA SER B 824 -6.67 -6.46 24.53
C SER B 824 -7.62 -5.32 24.24
N ALA B 825 -8.91 -5.60 24.07
CA ALA B 825 -9.86 -4.57 23.72
C ALA B 825 -10.05 -3.61 24.89
N LEU B 826 -10.40 -2.38 24.57
CA LEU B 826 -10.66 -1.37 25.58
C LEU B 826 -12.10 -1.49 26.04
N ALA B 827 -12.30 -1.80 27.32
CA ALA B 827 -13.64 -2.12 27.81
C ALA B 827 -14.63 -1.01 27.50
N GLU B 828 -14.25 0.26 27.73
CA GLU B 828 -15.18 1.35 27.49
C GLU B 828 -15.65 1.39 26.04
N GLN B 829 -14.73 1.14 25.11
CA GLN B 829 -15.10 1.10 23.69
C GLN B 829 -16.01 -0.06 23.41
N VAL B 830 -15.67 -1.24 23.91
CA VAL B 830 -16.52 -2.41 23.76
C VAL B 830 -17.92 -2.09 24.25
N VAL B 831 -18.01 -1.57 25.48
CA VAL B 831 -19.32 -1.36 26.07
C VAL B 831 -20.15 -0.40 25.23
N GLY B 832 -19.55 0.71 24.79
CA GLY B 832 -20.27 1.63 23.94
C GLY B 832 -20.76 0.97 22.67
N ASP B 833 -19.91 0.16 22.05
CA ASP B 833 -20.29 -0.48 20.80
C ASP B 833 -21.28 -1.62 21.01
N VAL B 834 -21.24 -2.29 22.17
CA VAL B 834 -22.24 -3.29 22.49
C VAL B 834 -23.59 -2.64 22.72
N ILE B 835 -23.60 -1.57 23.50
CA ILE B 835 -24.87 -0.90 23.80
C ILE B 835 -25.56 -0.48 22.51
N THR B 836 -24.80 0.15 21.61
CA THR B 836 -25.35 0.56 20.32
CA THR B 836 -25.39 0.55 20.33
C THR B 836 -25.77 -0.66 19.51
N SER B 837 -24.88 -1.62 19.37
CA SER B 837 -25.15 -2.74 18.46
C SER B 837 -26.30 -3.62 18.94
N ALA B 838 -26.39 -3.84 20.25
CA ALA B 838 -27.38 -4.78 20.74
C ALA B 838 -28.72 -4.13 21.02
N PHE B 839 -28.73 -2.88 21.47
CA PHE B 839 -29.93 -2.31 22.04
C PHE B 839 -30.46 -1.08 21.32
N ASP B 840 -29.66 -0.44 20.47
CA ASP B 840 -30.19 0.55 19.55
C ASP B 840 -31.37 -0.05 18.80
N SER B 841 -32.43 0.75 18.64
CA SER B 841 -33.66 0.29 17.97
C SER B 841 -34.26 -0.92 18.67
N ALA B 842 -33.99 -1.03 19.98
CA ALA B 842 -34.44 -2.17 20.77
C ALA B 842 -34.02 -3.49 20.13
N GLY B 843 -32.81 -3.50 19.54
CA GLY B 843 -32.31 -4.71 18.95
C GLY B 843 -33.03 -5.11 17.68
N GLN B 844 -33.83 -4.22 17.11
CA GLN B 844 -34.64 -4.55 15.95
C GLN B 844 -33.97 -4.14 14.65
N ARG B 845 -32.69 -4.43 14.54
CA ARG B 845 -31.95 -4.32 13.28
C ARG B 845 -31.54 -5.73 12.92
N CYS B 846 -31.60 -6.08 11.65
CA CYS B 846 -31.04 -7.36 11.24
C CYS B 846 -29.56 -7.47 11.60
N SER B 847 -28.87 -6.34 11.63
CA SER B 847 -27.44 -6.27 11.93
C SER B 847 -27.14 -6.32 13.43
N ALA B 848 -28.17 -6.33 14.28
CA ALA B 848 -27.96 -6.14 15.70
C ALA B 848 -27.08 -7.23 16.30
N LEU B 849 -26.32 -6.84 17.32
CA LEU B 849 -25.50 -7.79 18.05
C LEU B 849 -26.38 -8.72 18.88
N ARG B 850 -26.26 -10.03 18.62
CA ARG B 850 -27.03 -11.05 19.32
C ARG B 850 -26.20 -11.82 20.33
N VAL B 851 -24.91 -12.02 20.06
CA VAL B 851 -24.07 -12.88 20.88
C VAL B 851 -22.76 -12.15 21.11
N LEU B 852 -22.54 -11.73 22.34
CA LEU B 852 -21.29 -11.08 22.73
C LEU B 852 -20.39 -12.14 23.34
N CYS B 853 -19.22 -12.35 22.74
CA CYS B 853 -18.28 -13.38 23.17
C CYS B 853 -17.11 -12.68 23.82
N LEU B 854 -16.93 -12.92 25.13
CA LEU B 854 -15.95 -12.19 25.90
C LEU B 854 -14.88 -13.16 26.36
N GLN B 855 -13.62 -12.81 26.14
CA GLN B 855 -12.54 -13.63 26.68
C GLN B 855 -12.70 -13.71 28.19
N GLU B 856 -12.45 -14.90 28.72
CA GLU B 856 -12.84 -15.20 30.11
C GLU B 856 -12.24 -14.21 31.09
N ASP B 857 -10.97 -13.82 30.87
CA ASP B 857 -10.26 -13.01 31.84
C ASP B 857 -10.82 -11.59 31.95
N VAL B 858 -11.50 -11.09 30.93
CA VAL B 858 -12.05 -9.74 30.98
C VAL B 858 -13.56 -9.73 31.07
N ALA B 859 -14.20 -10.90 31.05
CA ALA B 859 -15.66 -10.95 30.92
C ALA B 859 -16.37 -10.25 32.08
N ASP B 860 -15.97 -10.55 33.32
CA ASP B 860 -16.67 -9.96 34.45
C ASP B 860 -16.56 -8.45 34.47
N ARG B 861 -15.37 -7.92 34.19
CA ARG B 861 -15.21 -6.47 34.23
C ARG B 861 -16.01 -5.80 33.12
N ILE B 862 -16.01 -6.39 31.92
CA ILE B 862 -16.82 -5.84 30.84
C ILE B 862 -18.30 -5.93 31.16
N LEU B 863 -18.74 -7.08 31.71
CA LEU B 863 -20.15 -7.21 32.03
C LEU B 863 -20.59 -6.21 33.08
N THR B 864 -19.76 -6.00 34.10
CA THR B 864 -20.09 -5.00 35.11
C THR B 864 -20.25 -3.63 34.47
N MET B 865 -19.31 -3.27 33.59
CA MET B 865 -19.39 -1.96 32.95
C MET B 865 -20.61 -1.87 32.04
N LEU B 866 -20.87 -2.94 31.30
CA LEU B 866 -22.03 -2.96 30.41
C LEU B 866 -23.31 -2.77 31.22
N LYS B 867 -23.43 -3.48 32.34
CA LYS B 867 -24.64 -3.36 33.14
C LYS B 867 -24.78 -1.96 33.72
N GLY B 868 -23.67 -1.37 34.16
CA GLY B 868 -23.73 0.01 34.62
C GLY B 868 -24.12 0.98 33.53
N ALA B 869 -23.61 0.78 32.32
CA ALA B 869 -23.99 1.63 31.21
C ALA B 869 -25.47 1.43 30.86
N LEU B 870 -25.95 0.19 30.93
CA LEU B 870 -27.35 -0.06 30.59
C LEU B 870 -28.28 0.64 31.57
N HIS B 871 -27.86 0.79 32.83
CA HIS B 871 -28.71 1.44 33.82
C HIS B 871 -28.90 2.91 33.53
N GLU B 872 -28.10 3.48 32.64
CA GLU B 872 -28.21 4.89 32.29
C GLU B 872 -29.08 5.13 31.06
N LEU B 873 -29.62 4.08 30.45
CA LEU B 873 -30.43 4.27 29.26
C LEU B 873 -31.85 4.65 29.64
N HIS B 874 -32.45 5.48 28.81
CA HIS B 874 -33.83 5.89 28.96
C HIS B 874 -34.66 5.12 27.94
N ILE B 875 -35.59 4.30 28.41
CA ILE B 875 -36.46 3.51 27.55
C ILE B 875 -37.83 4.18 27.57
N GLY B 876 -38.39 4.44 26.39
CA GLY B 876 -39.70 5.05 26.37
C GLY B 876 -40.12 5.42 24.97
N ARG B 877 -41.23 6.15 24.91
CA ARG B 877 -41.73 6.66 23.65
C ARG B 877 -40.70 7.61 23.05
N THR B 878 -40.43 7.45 21.76
CA THR B 878 -39.23 8.01 21.16
C THR B 878 -39.37 9.44 20.68
N ASP B 879 -40.46 10.12 21.01
CA ASP B 879 -40.62 11.51 20.61
C ASP B 879 -39.99 12.48 21.59
N ARG B 880 -39.00 12.00 22.34
CA ARG B 880 -38.18 12.84 23.21
C ARG B 880 -36.73 12.54 22.87
N LEU B 881 -35.93 13.59 22.73
CA LEU B 881 -34.52 13.42 22.41
C LEU B 881 -33.78 12.61 23.48
N SER B 882 -34.27 12.67 24.72
CA SER B 882 -33.62 11.97 25.82
C SER B 882 -33.86 10.46 25.81
N VAL B 883 -34.68 9.94 24.91
CA VAL B 883 -34.96 8.51 24.88
C VAL B 883 -33.89 7.79 24.07
N ASP B 884 -33.33 6.74 24.64
CA ASP B 884 -32.28 5.94 24.02
C ASP B 884 -32.82 4.68 23.35
N VAL B 885 -33.78 4.02 23.97
CA VAL B 885 -34.31 2.74 23.49
C VAL B 885 -35.82 2.89 23.39
N GLY B 886 -36.36 2.65 22.21
CA GLY B 886 -37.79 2.69 21.99
C GLY B 886 -38.44 1.35 22.13
N PRO B 887 -39.70 1.29 21.69
CA PRO B 887 -40.50 0.08 21.85
C PRO B 887 -40.15 -0.98 20.81
N VAL B 888 -40.60 -2.20 21.10
CA VAL B 888 -40.67 -3.20 20.04
C VAL B 888 -41.94 -3.00 19.24
N ILE B 889 -41.95 -3.53 18.01
CA ILE B 889 -42.89 -3.02 17.01
C ILE B 889 -44.33 -3.40 17.32
N THR B 890 -44.57 -4.59 17.87
CA THR B 890 -45.93 -5.07 18.10
C THR B 890 -45.97 -5.92 19.36
N SER B 891 -47.18 -6.16 19.83
CA SER B 891 -47.37 -7.09 20.94
CA SER B 891 -47.37 -7.08 20.94
C SER B 891 -46.94 -8.49 20.56
N GLU B 892 -47.20 -8.90 19.32
CA GLU B 892 -46.73 -10.20 18.85
C GLU B 892 -45.22 -10.30 18.94
N ALA B 893 -44.51 -9.26 18.53
CA ALA B 893 -43.05 -9.30 18.61
C ALA B 893 -42.61 -9.37 20.06
N LYS B 894 -43.25 -8.57 20.91
CA LYS B 894 -42.93 -8.60 22.34
C LYS B 894 -43.13 -9.99 22.92
N ASP B 895 -44.26 -10.62 22.59
CA ASP B 895 -44.52 -11.96 23.09
C ASP B 895 -43.48 -12.96 22.61
N ASN B 896 -43.06 -12.82 21.36
CA ASN B 896 -42.07 -13.74 20.79
C ASN B 896 -40.74 -13.59 21.52
N ILE B 897 -40.31 -12.35 21.74
CA ILE B 897 -39.07 -12.10 22.46
C ILE B 897 -39.17 -12.62 23.89
N GLU B 898 -40.29 -12.33 24.55
CA GLU B 898 -40.44 -12.74 25.94
C GLU B 898 -40.52 -14.25 26.06
N LYS B 899 -41.08 -14.93 25.06
CA LYS B 899 -41.11 -16.38 25.10
C LYS B 899 -39.70 -16.95 25.13
N HIS B 900 -38.80 -16.36 24.34
CA HIS B 900 -37.41 -16.80 24.35
C HIS B 900 -36.78 -16.50 25.70
N ILE B 901 -36.96 -15.28 26.20
CA ILE B 901 -36.38 -14.92 27.49
C ILE B 901 -36.84 -15.88 28.57
N GLU B 902 -38.14 -16.17 28.59
CA GLU B 902 -38.65 -17.07 29.62
C GLU B 902 -38.18 -18.49 29.41
N ARG B 903 -37.99 -18.91 28.16
CA ARG B 903 -37.44 -20.25 27.93
CA ARG B 903 -37.44 -20.25 27.93
C ARG B 903 -36.03 -20.36 28.46
N MET B 904 -35.20 -19.34 28.21
CA MET B 904 -33.85 -19.33 28.76
C MET B 904 -33.88 -19.32 30.28
N ARG B 905 -34.76 -18.50 30.85
CA ARG B 905 -34.89 -18.46 32.31
C ARG B 905 -35.28 -19.82 32.86
N GLY B 906 -36.28 -20.45 32.25
CA GLY B 906 -36.75 -21.74 32.73
C GLY B 906 -35.73 -22.85 32.57
N LEU B 907 -34.79 -22.70 31.65
CA LEU B 907 -33.70 -23.64 31.49
C LEU B 907 -32.54 -23.36 32.44
N GLY B 908 -32.66 -22.34 33.29
CA GLY B 908 -31.67 -22.05 34.29
C GLY B 908 -30.58 -21.10 33.87
N ARG B 909 -30.66 -20.53 32.67
CA ARG B 909 -29.66 -19.57 32.24
C ARG B 909 -29.81 -18.27 33.02
N LYS B 910 -28.69 -17.62 33.27
CA LYS B 910 -28.73 -16.33 33.95
C LYS B 910 -29.32 -15.27 33.02
N VAL B 911 -30.45 -14.69 33.43
CA VAL B 911 -31.14 -13.66 32.67
C VAL B 911 -31.22 -12.41 33.54
N GLU B 912 -30.78 -11.29 32.99
CA GLU B 912 -30.85 -10.01 33.68
C GLU B 912 -31.50 -8.98 32.77
N GLN B 913 -32.39 -8.17 33.34
CA GLN B 913 -33.05 -7.11 32.59
C GLN B 913 -33.01 -5.81 33.39
N ILE B 914 -32.90 -4.69 32.69
CA ILE B 914 -33.10 -3.42 33.36
C ILE B 914 -34.59 -3.09 33.52
N GLY B 915 -34.90 -2.10 34.35
CA GLY B 915 -36.28 -1.76 34.60
C GLY B 915 -36.90 -0.92 33.48
N LEU B 916 -38.23 -0.87 33.49
CA LEU B 916 -39.00 -0.07 32.54
C LEU B 916 -39.85 0.92 33.32
N ALA B 917 -39.92 2.15 32.83
CA ALA B 917 -40.77 3.15 33.44
C ALA B 917 -42.24 2.78 33.28
N SER B 918 -43.07 3.23 34.22
CA SER B 918 -44.50 2.97 34.14
C SER B 918 -45.08 3.54 32.84
N GLU B 919 -44.49 4.60 32.31
CA GLU B 919 -44.95 5.20 31.06
C GLU B 919 -44.86 4.24 29.88
N THR B 920 -44.16 3.12 30.01
CA THR B 920 -44.07 2.16 28.92
C THR B 920 -45.32 1.31 28.77
N GLY B 921 -46.16 1.23 29.81
CA GLY B 921 -47.32 0.36 29.79
C GLY B 921 -48.29 0.61 28.66
N VAL B 922 -48.29 1.82 28.09
CA VAL B 922 -49.19 2.15 26.98
C VAL B 922 -48.67 1.67 25.64
N GLY B 923 -47.43 1.23 25.57
CA GLY B 923 -46.87 0.71 24.34
C GLY B 923 -46.32 -0.68 24.55
N THR B 924 -45.53 -1.17 23.60
CA THR B 924 -45.01 -2.54 23.68
C THR B 924 -43.49 -2.44 23.81
N PHE B 925 -42.99 -2.60 25.02
CA PHE B 925 -41.58 -2.46 25.29
C PHE B 925 -41.04 -3.76 25.87
N VAL B 926 -39.78 -4.03 25.54
CA VAL B 926 -38.99 -5.07 26.18
C VAL B 926 -37.71 -4.36 26.63
N PRO B 927 -37.31 -4.48 27.89
CA PRO B 927 -36.08 -3.83 28.34
C PRO B 927 -34.87 -4.56 27.81
N PRO B 928 -33.74 -3.87 27.69
CA PRO B 928 -32.48 -4.56 27.39
C PRO B 928 -32.28 -5.73 28.33
N THR B 929 -31.92 -6.87 27.74
CA THR B 929 -31.87 -8.13 28.43
C THR B 929 -30.55 -8.78 28.10
N ILE B 930 -29.88 -9.33 29.12
CA ILE B 930 -28.63 -10.05 28.95
C ILE B 930 -28.84 -11.48 29.44
N ILE B 931 -28.52 -12.44 28.59
CA ILE B 931 -28.70 -13.85 28.89
C ILE B 931 -27.35 -14.53 28.74
N GLU B 932 -26.90 -15.21 29.78
CA GLU B 932 -25.64 -15.92 29.72
C GLU B 932 -25.87 -17.31 29.18
N LEU B 933 -25.13 -17.66 28.13
CA LEU B 933 -25.22 -18.97 27.53
C LEU B 933 -23.95 -19.76 27.84
N GLU B 934 -24.11 -21.08 27.96
CA GLU B 934 -22.94 -21.93 28.10
C GLU B 934 -22.26 -22.14 26.75
N LYS B 935 -23.05 -22.25 25.69
CA LYS B 935 -22.55 -22.53 24.36
C LYS B 935 -23.45 -21.80 23.38
N LEU B 936 -22.88 -21.40 22.24
CA LEU B 936 -23.67 -20.67 21.26
C LEU B 936 -24.83 -21.52 20.76
N SER B 937 -24.66 -22.84 20.69
CA SER B 937 -25.74 -23.70 20.23
C SER B 937 -26.94 -23.70 21.17
N ASP B 938 -26.82 -23.08 22.34
CA ASP B 938 -27.99 -22.87 23.20
C ASP B 938 -29.01 -21.97 22.52
N LEU B 939 -28.58 -21.19 21.55
CA LEU B 939 -29.41 -20.21 20.86
C LEU B 939 -29.72 -20.77 19.49
N GLN B 940 -31.00 -21.02 19.23
CA GLN B 940 -31.41 -21.78 18.05
C GLN B 940 -32.23 -20.97 17.07
N ARG B 941 -32.50 -19.70 17.35
CA ARG B 941 -33.27 -18.88 16.44
C ARG B 941 -32.90 -17.43 16.64
N GLU B 942 -33.12 -16.64 15.59
CA GLU B 942 -32.93 -15.20 15.66
C GLU B 942 -34.04 -14.62 16.51
N VAL B 943 -33.66 -13.98 17.60
CA VAL B 943 -34.60 -13.35 18.53
C VAL B 943 -34.52 -11.85 18.27
N PHE B 944 -35.56 -11.30 17.67
CA PHE B 944 -35.48 -9.98 17.07
C PHE B 944 -35.94 -8.93 18.09
N GLY B 945 -35.07 -8.69 19.06
CA GLY B 945 -35.39 -7.81 20.13
C GLY B 945 -34.15 -7.47 20.91
N PRO B 946 -34.31 -6.74 22.01
CA PRO B 946 -33.15 -6.23 22.74
C PRO B 946 -32.60 -7.28 23.70
N VAL B 947 -32.15 -8.40 23.15
CA VAL B 947 -31.74 -9.56 23.92
C VAL B 947 -30.32 -9.91 23.53
N LEU B 948 -29.38 -9.61 24.40
CA LEU B 948 -27.98 -9.88 24.15
C LEU B 948 -27.58 -11.15 24.89
N HIS B 949 -27.01 -12.08 24.17
CA HIS B 949 -26.54 -13.32 24.75
C HIS B 949 -25.04 -13.19 24.95
N VAL B 950 -24.55 -13.74 26.06
CA VAL B 950 -23.16 -13.59 26.42
C VAL B 950 -22.53 -14.96 26.53
N ILE B 951 -21.40 -15.12 25.86
CA ILE B 951 -20.59 -16.33 25.91
C ILE B 951 -19.23 -15.92 26.43
N ARG B 952 -18.65 -16.72 27.30
CA ARG B 952 -17.28 -16.54 27.75
CA ARG B 952 -17.28 -16.54 27.75
C ARG B 952 -16.42 -17.60 27.08
N TYR B 953 -15.22 -17.21 26.66
CA TYR B 953 -14.35 -18.18 26.00
C TYR B 953 -12.90 -18.01 26.48
N ARG B 954 -12.16 -19.13 26.44
CA ARG B 954 -10.73 -19.10 26.66
C ARG B 954 -10.05 -18.78 25.34
N ARG B 955 -8.98 -17.99 25.40
CA ARG B 955 -8.32 -17.56 24.18
C ARG B 955 -7.84 -18.73 23.33
N ASP B 956 -7.42 -19.83 23.98
CA ASP B 956 -7.01 -21.01 23.23
C ASP B 956 -8.13 -21.59 22.40
N ASP B 957 -9.37 -21.26 22.75
CA ASP B 957 -10.54 -21.79 22.06
C ASP B 957 -11.10 -20.84 21.01
N LEU B 958 -10.35 -19.79 20.67
CA LEU B 958 -10.88 -18.79 19.74
C LEU B 958 -11.29 -19.41 18.42
N ASP B 959 -10.47 -20.31 17.87
CA ASP B 959 -10.80 -20.87 16.58
C ASP B 959 -12.09 -21.69 16.65
N ARG B 960 -12.25 -22.46 17.73
CA ARG B 960 -13.50 -23.20 17.93
C ARG B 960 -14.67 -22.24 18.09
N LEU B 961 -14.44 -21.12 18.76
CA LEU B 961 -15.50 -20.13 18.93
C LEU B 961 -15.95 -19.58 17.59
N VAL B 962 -15.00 -19.28 16.70
CA VAL B 962 -15.38 -18.83 15.37
C VAL B 962 -16.21 -19.89 14.67
N ASP B 963 -15.84 -21.17 14.81
CA ASP B 963 -16.68 -22.25 14.28
C ASP B 963 -18.09 -22.18 14.84
N ASP B 964 -18.20 -21.97 16.15
CA ASP B 964 -19.51 -21.91 16.79
C ASP B 964 -20.33 -20.78 16.22
N VAL B 965 -19.69 -19.63 15.96
CA VAL B 965 -20.42 -18.52 15.35
C VAL B 965 -20.90 -18.91 13.95
N ASN B 966 -20.02 -19.51 13.15
CA ASN B 966 -20.39 -19.91 11.80
C ASN B 966 -21.45 -21.00 11.82
N ALA B 967 -21.49 -21.80 12.90
CA ALA B 967 -22.32 -23.00 12.90
C ALA B 967 -23.80 -22.69 12.96
N THR B 968 -24.18 -21.46 13.30
CA THR B 968 -25.60 -21.11 13.30
C THR B 968 -26.19 -21.19 11.90
N GLY B 969 -25.36 -21.13 10.86
CA GLY B 969 -25.84 -21.06 9.51
C GLY B 969 -26.03 -19.65 8.99
N TYR B 970 -26.06 -18.66 9.88
CA TYR B 970 -26.19 -17.28 9.48
C TYR B 970 -24.82 -16.68 9.16
N GLY B 971 -24.84 -15.49 8.59
CA GLY B 971 -23.59 -14.85 8.23
C GLY B 971 -23.81 -13.44 7.78
N LEU B 972 -24.38 -12.62 8.66
CA LEU B 972 -24.74 -11.26 8.30
C LEU B 972 -23.68 -10.31 8.81
N THR B 973 -23.79 -9.83 10.06
CA THR B 973 -22.76 -8.94 10.58
C THR B 973 -21.93 -9.66 11.63
N PHE B 974 -20.73 -9.14 11.84
CA PHE B 974 -19.82 -9.72 12.81
C PHE B 974 -18.87 -8.63 13.26
N GLY B 975 -18.60 -8.58 14.57
CA GLY B 975 -17.68 -7.62 15.12
C GLY B 975 -16.53 -8.29 15.85
N LEU B 976 -15.38 -7.63 15.82
CA LEU B 976 -14.20 -8.09 16.55
C LEU B 976 -13.58 -6.89 17.21
N HIS B 977 -13.38 -6.97 18.52
CA HIS B 977 -12.66 -5.94 19.26
C HIS B 977 -11.37 -6.56 19.75
N THR B 978 -10.27 -6.07 19.18
CA THR B 978 -8.94 -6.52 19.57
C THR B 978 -7.98 -5.48 19.06
N ARG B 979 -6.86 -5.35 19.75
CA ARG B 979 -5.80 -4.51 19.25
C ARG B 979 -4.75 -5.29 18.48
N LEU B 980 -4.90 -6.61 18.36
CA LEU B 980 -3.79 -7.48 17.95
C LEU B 980 -3.99 -7.93 16.51
N ASP B 981 -3.02 -7.60 15.66
CA ASP B 981 -3.14 -7.92 14.25
C ASP B 981 -3.27 -9.42 14.02
N GLU B 982 -2.59 -10.25 14.82
CA GLU B 982 -2.68 -11.69 14.59
C GLU B 982 -4.10 -12.18 14.83
N THR B 983 -4.75 -11.64 15.86
CA THR B 983 -6.12 -12.01 16.13
C THR B 983 -7.05 -11.50 15.04
N ILE B 984 -6.80 -10.29 14.54
CA ILE B 984 -7.60 -9.76 13.44
C ILE B 984 -7.46 -10.67 12.22
N ALA B 985 -6.24 -11.04 11.87
CA ALA B 985 -6.05 -11.86 10.67
C ALA B 985 -6.70 -13.22 10.85
N HIS B 986 -6.55 -13.82 12.02
CA HIS B 986 -7.13 -15.14 12.26
C HIS B 986 -8.64 -15.07 12.16
N VAL B 987 -9.24 -14.17 12.92
CA VAL B 987 -10.69 -14.18 13.03
C VAL B 987 -11.34 -13.79 11.70
N THR B 988 -10.80 -12.76 11.05
CA THR B 988 -11.43 -12.32 9.80
C THR B 988 -11.22 -13.34 8.68
N SER B 989 -10.14 -14.12 8.74
CA SER B 989 -9.95 -15.16 7.74
C SER B 989 -10.89 -16.34 7.94
N ARG B 990 -11.40 -16.55 9.16
CA ARG B 990 -12.16 -17.75 9.47
C ARG B 990 -13.65 -17.51 9.65
N ILE B 991 -14.04 -16.29 10.00
CA ILE B 991 -15.46 -15.97 10.12
C ILE B 991 -16.08 -15.95 8.73
N LYS B 992 -17.34 -16.32 8.65
CA LYS B 992 -18.06 -16.37 7.37
C LYS B 992 -19.27 -15.46 7.49
N ALA B 993 -19.05 -14.16 7.38
CA ALA B 993 -20.13 -13.19 7.47
C ALA B 993 -19.89 -12.12 6.42
N GLY B 994 -20.99 -11.50 5.97
CA GLY B 994 -20.86 -10.57 4.87
C GLY B 994 -20.40 -9.18 5.26
N ASN B 995 -20.60 -8.78 6.51
CA ASN B 995 -20.23 -7.46 6.98
C ASN B 995 -19.44 -7.59 8.25
N LEU B 996 -18.16 -7.30 8.17
CA LEU B 996 -17.26 -7.43 9.30
C LEU B 996 -16.93 -6.05 9.81
N TYR B 997 -16.74 -5.94 11.12
CA TYR B 997 -16.47 -4.65 11.74
C TYR B 997 -15.41 -4.86 12.80
N ILE B 998 -14.35 -4.07 12.74
CA ILE B 998 -13.22 -4.22 13.63
C ILE B 998 -13.14 -2.98 14.49
N ASN B 999 -13.26 -3.17 15.81
CA ASN B 999 -13.07 -2.09 16.79
C ASN B 999 -14.10 -0.98 16.64
N ARG B 1000 -15.32 -1.34 16.29
CA ARG B 1000 -16.43 -0.42 16.18
C ARG B 1000 -17.71 -1.23 16.35
N ASN B 1001 -18.84 -0.53 16.31
CA ASN B 1001 -20.10 -1.24 16.38
C ASN B 1001 -20.37 -1.98 15.07
N ILE B 1002 -21.39 -2.83 15.07
CA ILE B 1002 -21.65 -3.69 13.93
C ILE B 1002 -22.91 -3.27 13.18
N ILE B 1003 -23.39 -2.05 13.42
CA ILE B 1003 -24.66 -1.60 12.86
C ILE B 1003 -24.45 -0.34 12.02
N GLY B 1004 -25.53 0.06 11.36
CA GLY B 1004 -25.49 1.27 10.56
C GLY B 1004 -24.61 1.20 9.33
N ALA B 1005 -24.60 0.07 8.63
CA ALA B 1005 -23.82 -0.03 7.40
C ALA B 1005 -24.24 1.06 6.44
N VAL B 1006 -23.25 1.70 5.83
CA VAL B 1006 -23.44 2.88 5.00
C VAL B 1006 -23.39 2.47 3.54
N VAL B 1007 -24.40 2.91 2.78
CA VAL B 1007 -24.51 2.59 1.36
C VAL B 1007 -23.22 2.93 0.64
N GLY B 1008 -22.72 1.98 -0.14
CA GLY B 1008 -21.53 2.19 -0.94
C GLY B 1008 -20.24 2.30 -0.17
N VAL B 1009 -20.30 2.19 1.16
CA VAL B 1009 -19.13 2.24 2.01
C VAL B 1009 -18.94 0.91 2.73
N GLN B 1010 -20.00 0.42 3.38
CA GLN B 1010 -20.13 -0.98 3.77
C GLN B 1010 -21.34 -1.57 3.04
N PRO B 1011 -21.19 -1.92 1.76
CA PRO B 1011 -22.25 -2.67 1.07
C PRO B 1011 -22.72 -3.80 1.97
N PHE B 1012 -24.02 -3.94 2.09
CA PHE B 1012 -24.58 -4.69 3.19
C PHE B 1012 -25.26 -5.95 2.69
N GLY B 1013 -24.97 -7.06 3.34
CA GLY B 1013 -25.70 -8.28 3.07
C GLY B 1013 -24.81 -9.45 3.39
N GLY B 1014 -25.44 -10.56 3.72
CA GLY B 1014 -24.67 -11.70 4.15
C GLY B 1014 -24.92 -12.94 3.34
N ARG B 1015 -24.51 -14.07 3.89
CA ARG B 1015 -24.49 -15.34 3.21
C ARG B 1015 -25.19 -16.36 4.07
N GLY B 1016 -25.23 -17.60 3.59
CA GLY B 1016 -25.89 -18.63 4.35
C GLY B 1016 -27.37 -18.31 4.51
N LEU B 1017 -27.87 -18.49 5.73
CA LEU B 1017 -29.25 -18.16 6.05
C LEU B 1017 -29.51 -16.68 6.04
N SER B 1018 -28.49 -15.86 5.85
CA SER B 1018 -28.64 -14.42 5.90
C SER B 1018 -28.86 -13.77 4.54
N GLY B 1019 -28.66 -14.49 3.45
CA GLY B 1019 -28.84 -13.78 2.20
C GLY B 1019 -28.51 -14.59 0.98
N THR B 1020 -29.16 -14.25 -0.14
CA THR B 1020 -28.72 -14.71 -1.45
C THR B 1020 -27.66 -13.81 -2.04
N GLY B 1021 -27.61 -12.58 -1.60
CA GLY B 1021 -26.93 -11.55 -2.34
C GLY B 1021 -27.66 -11.28 -3.64
N PRO B 1022 -27.16 -10.34 -4.41
CA PRO B 1022 -26.00 -9.49 -4.11
C PRO B 1022 -26.32 -8.47 -3.02
N LYS B 1023 -25.28 -7.84 -2.51
CA LYS B 1023 -25.44 -6.88 -1.42
C LYS B 1023 -26.16 -5.63 -1.89
N ALA B 1024 -27.17 -5.23 -1.12
CA ALA B 1024 -27.73 -3.90 -1.24
C ALA B 1024 -26.66 -2.85 -0.96
N GLY B 1025 -26.75 -1.74 -1.67
CA GLY B 1025 -25.78 -0.69 -1.46
C GLY B 1025 -24.41 -1.05 -1.97
N GLY B 1026 -24.33 -2.05 -2.85
CA GLY B 1026 -23.08 -2.48 -3.42
C GLY B 1026 -23.19 -2.55 -4.92
N PRO B 1027 -22.06 -2.79 -5.58
CA PRO B 1027 -21.98 -2.60 -7.03
C PRO B 1027 -22.50 -3.76 -7.84
N LEU B 1028 -22.82 -4.89 -7.22
CA LEU B 1028 -23.39 -5.99 -7.98
C LEU B 1028 -24.90 -5.97 -8.02
N TYR B 1029 -25.52 -5.08 -7.25
CA TYR B 1029 -26.96 -5.17 -6.99
C TYR B 1029 -27.77 -4.92 -8.24
N LEU B 1030 -27.50 -3.82 -8.96
CA LEU B 1030 -28.34 -3.48 -10.10
C LEU B 1030 -28.29 -4.56 -11.16
N GLY B 1031 -27.14 -5.24 -11.28
CA GLY B 1031 -26.99 -6.25 -12.31
C GLY B 1031 -27.93 -7.43 -12.15
N ARG B 1032 -28.46 -7.64 -10.96
CA ARG B 1032 -29.41 -8.71 -10.72
C ARG B 1032 -30.79 -8.36 -11.26
N LEU B 1033 -31.01 -7.09 -11.58
CA LEU B 1033 -32.35 -6.59 -11.89
C LEU B 1033 -32.51 -6.31 -13.37
N VAL B 1034 -31.58 -6.80 -14.18
CA VAL B 1034 -31.63 -6.72 -15.64
C VAL B 1034 -31.35 -8.12 -16.16
N THR B 1035 -31.71 -8.36 -17.42
CA THR B 1035 -31.56 -9.71 -17.95
C THR B 1035 -30.13 -10.05 -18.32
N THR B 1036 -29.29 -9.05 -18.55
CA THR B 1036 -27.88 -9.25 -18.81
C THR B 1036 -27.15 -8.29 -17.88
N ALA B 1037 -26.32 -8.83 -16.99
CA ALA B 1037 -25.68 -7.98 -16.01
C ALA B 1037 -24.56 -7.18 -16.65
N PRO B 1038 -24.43 -5.91 -16.31
CA PRO B 1038 -23.28 -5.11 -16.75
C PRO B 1038 -22.05 -5.45 -15.93
N VAL B 1039 -20.92 -4.91 -16.37
CA VAL B 1039 -19.67 -4.99 -15.62
C VAL B 1039 -19.69 -3.84 -14.61
N PRO B 1040 -19.75 -4.10 -13.32
CA PRO B 1040 -19.84 -3.01 -12.36
C PRO B 1040 -18.55 -2.22 -12.35
N PRO B 1041 -18.61 -0.97 -11.88
CA PRO B 1041 -17.38 -0.19 -11.68
C PRO B 1041 -16.41 -0.96 -10.81
N GLN B 1042 -15.14 -0.92 -11.19
CA GLN B 1042 -14.02 -1.48 -10.45
C GLN B 1042 -14.08 -3.01 -10.34
N HIS B 1043 -14.96 -3.66 -11.09
CA HIS B 1043 -15.19 -5.09 -10.91
C HIS B 1043 -14.27 -5.88 -11.82
N SER B 1044 -13.08 -6.20 -11.30
CA SER B 1044 -12.12 -7.02 -12.02
C SER B 1044 -11.13 -7.54 -10.99
N SER B 1045 -10.32 -8.48 -11.43
CA SER B 1045 -9.26 -9.00 -10.59
C SER B 1045 -8.13 -9.47 -11.46
N VAL B 1046 -6.90 -9.21 -11.01
CA VAL B 1046 -5.74 -9.70 -11.76
C VAL B 1046 -5.41 -11.15 -11.44
N HIS B 1047 -6.11 -11.74 -10.48
CA HIS B 1047 -5.80 -13.10 -10.08
CA HIS B 1047 -5.86 -13.10 -10.01
C HIS B 1047 -6.59 -14.09 -10.90
N THR B 1048 -5.93 -15.21 -11.21
CA THR B 1048 -6.57 -16.31 -11.92
C THR B 1048 -6.58 -17.51 -11.01
N ASP B 1049 -7.75 -18.09 -10.81
CA ASP B 1049 -7.84 -19.26 -9.96
C ASP B 1049 -6.95 -20.36 -10.53
N PRO B 1050 -6.08 -20.97 -9.71
CA PRO B 1050 -5.14 -21.94 -10.25
C PRO B 1050 -5.79 -23.25 -10.64
N VAL B 1051 -6.90 -23.61 -9.98
CA VAL B 1051 -7.61 -24.82 -10.36
C VAL B 1051 -8.31 -24.62 -11.69
N LEU B 1052 -8.85 -23.43 -11.92
CA LEU B 1052 -9.36 -23.09 -13.25
C LEU B 1052 -8.29 -23.29 -14.30
N LEU B 1053 -7.07 -22.80 -14.04
CA LEU B 1053 -5.99 -22.96 -15.00
C LEU B 1053 -5.70 -24.43 -15.27
N ASP B 1054 -5.65 -25.25 -14.23
CA ASP B 1054 -5.42 -26.68 -14.42
C ASP B 1054 -6.55 -27.31 -15.23
N PHE B 1055 -7.78 -26.88 -14.98
CA PHE B 1055 -8.92 -27.38 -15.73
C PHE B 1055 -8.81 -26.99 -17.20
N ALA B 1056 -8.41 -25.75 -17.48
CA ALA B 1056 -8.24 -25.34 -18.87
C ALA B 1056 -7.21 -26.19 -19.58
N LYS B 1057 -6.10 -26.49 -18.91
CA LYS B 1057 -5.07 -27.34 -19.54
C LYS B 1057 -5.61 -28.74 -19.79
N TRP B 1058 -6.39 -29.27 -18.84
CA TRP B 1058 -6.99 -30.58 -19.04
C TRP B 1058 -7.94 -30.56 -20.23
N LEU B 1059 -8.75 -29.51 -20.35
CA LEU B 1059 -9.62 -29.37 -21.51
C LEU B 1059 -8.82 -29.29 -22.80
N ASP B 1060 -7.72 -28.52 -22.80
CA ASP B 1060 -6.82 -28.46 -23.95
C ASP B 1060 -6.37 -29.86 -24.36
N GLY B 1061 -5.90 -30.64 -23.38
CA GLY B 1061 -5.34 -31.94 -23.67
C GLY B 1061 -6.33 -32.91 -24.29
N LYS B 1062 -7.60 -32.79 -23.94
CA LYS B 1062 -8.62 -33.66 -24.50
C LYS B 1062 -9.29 -33.09 -25.74
N GLY B 1063 -8.80 -31.97 -26.27
CA GLY B 1063 -9.32 -31.43 -27.50
C GLY B 1063 -10.61 -30.63 -27.37
N ALA B 1064 -11.05 -30.33 -26.16
CA ALA B 1064 -12.26 -29.54 -25.95
C ALA B 1064 -11.91 -28.06 -26.09
N ARG B 1065 -11.69 -27.66 -27.35
CA ARG B 1065 -11.12 -26.34 -27.62
C ARG B 1065 -12.07 -25.22 -27.22
N ALA B 1066 -13.34 -25.32 -27.62
CA ALA B 1066 -14.30 -24.29 -27.25
C ALA B 1066 -14.41 -24.17 -25.74
N GLU B 1067 -14.41 -25.31 -25.04
CA GLU B 1067 -14.57 -25.28 -23.60
C GLU B 1067 -13.32 -24.73 -22.91
N ALA B 1068 -12.14 -25.10 -23.41
CA ALA B 1068 -10.92 -24.55 -22.84
C ALA B 1068 -10.87 -23.03 -23.00
N GLU B 1069 -11.31 -22.55 -24.16
CA GLU B 1069 -11.38 -21.10 -24.37
C GLU B 1069 -12.37 -20.46 -23.41
N ALA B 1070 -13.55 -21.07 -23.24
CA ALA B 1070 -14.49 -20.55 -22.26
C ALA B 1070 -13.89 -20.57 -20.87
N ALA B 1071 -13.11 -21.61 -20.55
CA ALA B 1071 -12.48 -21.69 -19.24
C ALA B 1071 -11.48 -20.55 -19.05
N ARG B 1072 -10.62 -20.32 -20.04
CA ARG B 1072 -9.65 -19.24 -19.92
CA ARG B 1072 -9.65 -19.23 -19.92
C ARG B 1072 -10.35 -17.89 -19.82
N ASN B 1073 -11.41 -17.70 -20.62
CA ASN B 1073 -12.16 -16.45 -20.55
C ASN B 1073 -12.79 -16.25 -19.19
N ALA B 1074 -13.35 -17.33 -18.61
CA ALA B 1074 -13.92 -17.22 -17.28
C ALA B 1074 -12.83 -16.90 -16.27
N GLY B 1075 -11.67 -17.54 -16.39
CA GLY B 1075 -10.58 -17.26 -15.47
C GLY B 1075 -10.21 -15.79 -15.47
N SER B 1076 -10.24 -15.17 -16.65
CA SER B 1076 -9.86 -13.76 -16.74
C SER B 1076 -10.99 -12.84 -16.28
N SER B 1077 -12.23 -13.12 -16.68
CA SER B 1077 -13.29 -12.19 -16.36
C SER B 1077 -13.77 -12.31 -14.91
N SER B 1078 -13.49 -13.44 -14.25
CA SER B 1078 -13.82 -13.60 -12.85
C SER B 1078 -13.21 -12.44 -12.06
N ALA B 1079 -13.98 -11.92 -11.13
CA ALA B 1079 -13.46 -10.88 -10.25
C ALA B 1079 -13.06 -11.45 -8.90
N LEU B 1080 -12.97 -12.77 -8.78
CA LEU B 1080 -12.48 -13.39 -7.57
C LEU B 1080 -11.12 -12.78 -7.20
N GLY B 1081 -11.01 -12.36 -5.95
CA GLY B 1081 -9.78 -11.76 -5.49
C GLY B 1081 -9.78 -10.25 -5.54
N LEU B 1082 -10.83 -9.64 -6.07
CA LEU B 1082 -10.97 -8.19 -5.98
CA LEU B 1082 -10.97 -8.20 -5.97
C LEU B 1082 -10.84 -7.77 -4.52
N ASP B 1083 -10.11 -6.69 -4.29
CA ASP B 1083 -9.81 -6.27 -2.92
C ASP B 1083 -9.64 -4.76 -2.98
N LEU B 1084 -10.69 -4.04 -2.63
CA LEU B 1084 -10.76 -2.60 -2.83
C LEU B 1084 -10.96 -1.92 -1.48
N GLU B 1085 -10.40 -0.72 -1.37
CA GLU B 1085 -10.79 0.19 -0.31
C GLU B 1085 -11.78 1.21 -0.89
N LEU B 1086 -12.92 1.33 -0.23
CA LEU B 1086 -13.97 2.22 -0.68
C LEU B 1086 -13.86 3.58 0.00
N PRO B 1087 -14.16 4.64 -0.73
CA PRO B 1087 -14.12 5.98 -0.13
C PRO B 1087 -15.11 6.09 1.02
N GLY B 1088 -14.69 6.78 2.07
CA GLY B 1088 -15.54 6.96 3.21
C GLY B 1088 -14.92 7.97 4.14
N PRO B 1089 -15.38 7.96 5.38
CA PRO B 1089 -14.88 8.94 6.36
C PRO B 1089 -13.45 8.64 6.77
N VAL B 1090 -12.78 9.70 7.22
CA VAL B 1090 -11.48 9.52 7.84
C VAL B 1090 -11.63 8.66 9.09
N GLY B 1091 -10.51 8.06 9.49
CA GLY B 1091 -10.52 7.27 10.70
C GLY B 1091 -11.18 5.92 10.55
N GLU B 1092 -11.44 5.52 9.32
CA GLU B 1092 -12.00 4.22 9.05
C GLU B 1092 -11.39 3.73 7.75
N ARG B 1093 -11.20 2.42 7.66
CA ARG B 1093 -10.80 1.77 6.42
CA ARG B 1093 -10.81 1.78 6.41
C ARG B 1093 -11.92 0.82 6.05
N ASN B 1094 -12.52 1.03 4.90
CA ASN B 1094 -13.69 0.29 4.47
C ASN B 1094 -13.30 -0.51 3.25
N LEU B 1095 -13.30 -1.82 3.39
CA LEU B 1095 -12.77 -2.72 2.40
C LEU B 1095 -13.89 -3.56 1.82
N TYR B 1096 -13.71 -3.91 0.55
CA TYR B 1096 -14.71 -4.69 -0.17
C TYR B 1096 -13.95 -5.71 -0.98
N THR B 1097 -14.28 -6.98 -0.78
CA THR B 1097 -13.50 -8.06 -1.34
C THR B 1097 -14.44 -9.11 -1.90
N LEU B 1098 -13.99 -9.78 -2.95
CA LEU B 1098 -14.75 -10.85 -3.57
C LEU B 1098 -14.04 -12.17 -3.35
N HIS B 1099 -14.76 -13.10 -2.76
CA HIS B 1099 -14.28 -14.42 -2.41
C HIS B 1099 -15.11 -15.44 -3.15
N ALA B 1100 -14.67 -16.69 -3.10
CA ALA B 1100 -15.51 -17.76 -3.61
C ALA B 1100 -16.81 -17.83 -2.82
N ARG B 1101 -17.87 -18.25 -3.49
CA ARG B 1101 -19.13 -18.52 -2.79
C ARG B 1101 -19.03 -19.73 -1.87
N GLY B 1102 -18.32 -20.77 -2.29
CA GLY B 1102 -18.29 -22.00 -1.54
C GLY B 1102 -18.43 -23.20 -2.46
N ARG B 1103 -19.40 -24.07 -2.19
CA ARG B 1103 -19.64 -25.21 -3.06
C ARG B 1103 -20.89 -24.96 -3.89
N ILE B 1104 -20.75 -25.06 -5.20
CA ILE B 1104 -21.84 -24.77 -6.13
C ILE B 1104 -22.41 -26.11 -6.58
N LEU B 1105 -23.73 -26.22 -6.52
CA LEU B 1105 -24.42 -27.37 -7.08
C LEU B 1105 -24.48 -27.24 -8.60
N LEU B 1106 -23.93 -28.21 -9.31
CA LEU B 1106 -23.96 -28.24 -10.76
C LEU B 1106 -24.98 -29.27 -11.20
N VAL B 1107 -25.93 -28.83 -12.03
CA VAL B 1107 -26.95 -29.73 -12.55
C VAL B 1107 -26.82 -29.69 -14.06
N PRO B 1108 -25.86 -30.41 -14.63
CA PRO B 1108 -25.67 -30.37 -16.07
C PRO B 1108 -26.62 -31.32 -16.77
N ALA B 1109 -26.76 -31.10 -18.07
CA ALA B 1109 -27.43 -32.04 -18.96
C ALA B 1109 -26.48 -32.69 -19.95
N THR B 1110 -25.48 -31.95 -20.42
CA THR B 1110 -24.56 -32.43 -21.44
C THR B 1110 -23.12 -32.28 -20.96
N GLU B 1111 -22.23 -33.04 -21.59
CA GLU B 1111 -20.82 -32.97 -21.23
C GLU B 1111 -20.27 -31.56 -21.40
N SER B 1112 -20.53 -30.94 -22.56
CA SER B 1112 -20.07 -29.57 -22.77
C SER B 1112 -20.67 -28.62 -21.75
N GLY B 1113 -21.97 -28.77 -21.47
CA GLY B 1113 -22.60 -27.96 -20.45
C GLY B 1113 -21.91 -28.09 -19.11
N LEU B 1114 -21.56 -29.33 -18.74
CA LEU B 1114 -20.82 -29.55 -17.50
C LEU B 1114 -19.47 -28.85 -17.53
N TYR B 1115 -18.75 -28.95 -18.65
CA TYR B 1115 -17.45 -28.27 -18.73
C TYR B 1115 -17.60 -26.76 -18.55
N HIS B 1116 -18.63 -26.18 -19.16
CA HIS B 1116 -18.87 -24.75 -19.03
C HIS B 1116 -19.28 -24.39 -17.60
N GLN B 1117 -20.13 -25.20 -16.96
CA GLN B 1117 -20.47 -24.95 -15.57
C GLN B 1117 -19.25 -25.03 -14.67
N LEU B 1118 -18.43 -26.07 -14.87
CA LEU B 1118 -17.21 -26.20 -14.10
C LEU B 1118 -16.30 -25.01 -14.30
N ALA B 1119 -16.16 -24.56 -15.55
CA ALA B 1119 -15.30 -23.40 -15.81
C ALA B 1119 -15.78 -22.20 -15.02
N ALA B 1120 -17.08 -21.93 -15.05
CA ALA B 1120 -17.63 -20.79 -14.33
C ALA B 1120 -17.37 -20.93 -12.84
N ALA B 1121 -17.65 -22.11 -12.28
CA ALA B 1121 -17.51 -22.28 -10.84
C ALA B 1121 -16.05 -22.27 -10.41
N LEU B 1122 -15.18 -22.93 -11.16
CA LEU B 1122 -13.77 -22.97 -10.78
C LEU B 1122 -13.12 -21.60 -10.93
N ALA B 1123 -13.52 -20.84 -11.95
CA ALA B 1123 -12.91 -19.52 -12.18
C ALA B 1123 -13.21 -18.58 -11.03
N THR B 1124 -14.30 -18.81 -10.32
CA THR B 1124 -14.72 -17.99 -9.18
C THR B 1124 -14.33 -18.63 -7.85
N GLY B 1125 -13.44 -19.61 -7.88
CA GLY B 1125 -12.83 -20.15 -6.68
C GLY B 1125 -13.63 -21.21 -5.96
N ASN B 1126 -14.70 -21.69 -6.57
CA ASN B 1126 -15.63 -22.57 -5.87
C ASN B 1126 -15.25 -24.03 -6.06
N SER B 1127 -15.74 -24.84 -5.12
CA SER B 1127 -15.83 -26.27 -5.36
C SER B 1127 -17.23 -26.56 -5.90
N VAL B 1128 -17.44 -27.79 -6.33
CA VAL B 1128 -18.71 -28.15 -6.95
C VAL B 1128 -19.18 -29.49 -6.44
N ALA B 1129 -20.50 -29.64 -6.43
CA ALA B 1129 -21.14 -30.94 -6.32
C ALA B 1129 -21.95 -31.10 -7.59
N ILE B 1130 -21.63 -32.13 -8.37
CA ILE B 1130 -22.28 -32.38 -9.64
C ILE B 1130 -23.38 -33.41 -9.45
N ASP B 1131 -24.54 -33.12 -9.99
CA ASP B 1131 -25.67 -34.03 -9.91
C ASP B 1131 -25.31 -35.37 -10.54
N ALA B 1132 -25.29 -36.42 -9.73
CA ALA B 1132 -24.95 -37.75 -10.24
C ALA B 1132 -25.99 -38.25 -11.25
N ALA B 1133 -27.24 -37.80 -11.12
CA ALA B 1133 -28.27 -38.24 -12.05
C ALA B 1133 -28.04 -37.75 -13.48
N SER B 1134 -27.11 -36.82 -13.67
CA SER B 1134 -26.77 -36.40 -15.02
C SER B 1134 -26.14 -37.53 -15.82
N GLY B 1135 -25.58 -38.53 -15.14
CA GLY B 1135 -24.92 -39.61 -15.85
C GLY B 1135 -23.64 -39.23 -16.56
N LEU B 1136 -23.03 -38.11 -16.19
CA LEU B 1136 -21.88 -37.57 -16.91
C LEU B 1136 -20.55 -37.94 -16.26
N GLN B 1137 -20.53 -38.95 -15.38
CA GLN B 1137 -19.32 -39.26 -14.63
C GLN B 1137 -18.14 -39.53 -15.55
N ALA B 1138 -18.36 -40.22 -16.67
CA ALA B 1138 -17.28 -40.55 -17.59
C ALA B 1138 -16.67 -39.33 -18.25
N SER B 1139 -17.32 -38.17 -18.13
CA SER B 1139 -16.83 -36.95 -18.77
C SER B 1139 -15.65 -36.34 -18.03
N LEU B 1140 -15.40 -36.75 -16.79
CA LEU B 1140 -14.30 -36.24 -15.98
C LEU B 1140 -13.19 -37.26 -15.78
N LYS B 1141 -12.97 -38.13 -16.77
CA LYS B 1141 -11.89 -39.10 -16.67
C LYS B 1141 -10.55 -38.41 -16.85
N ASN B 1142 -9.56 -38.85 -16.07
CA ASN B 1142 -8.20 -38.32 -16.10
C ASN B 1142 -8.10 -36.88 -15.62
N LEU B 1143 -9.08 -36.42 -14.85
CA LEU B 1143 -9.07 -35.05 -14.35
C LEU B 1143 -7.85 -34.85 -13.46
N PRO B 1144 -7.18 -33.70 -13.55
CA PRO B 1144 -6.08 -33.40 -12.63
C PRO B 1144 -6.56 -33.43 -11.18
N GLN B 1145 -5.70 -33.96 -10.30
CA GLN B 1145 -6.04 -34.04 -8.88
C GLN B 1145 -6.38 -32.68 -8.30
N THR B 1146 -5.71 -31.62 -8.76
CA THR B 1146 -6.05 -30.27 -8.29
C THR B 1146 -7.51 -29.95 -8.57
N VAL B 1147 -8.00 -30.35 -9.75
CA VAL B 1147 -9.40 -30.12 -10.05
C VAL B 1147 -10.28 -31.13 -9.34
N GLY B 1148 -9.86 -32.40 -9.33
CA GLY B 1148 -10.63 -33.43 -8.65
C GLY B 1148 -10.92 -33.10 -7.19
N LEU B 1149 -9.99 -32.45 -6.51
CA LEU B 1149 -10.18 -32.10 -5.10
C LEU B 1149 -11.34 -31.13 -4.91
N ARG B 1150 -11.72 -30.41 -5.96
CA ARG B 1150 -12.83 -29.47 -5.88
C ARG B 1150 -14.13 -30.06 -6.38
N VAL B 1151 -14.11 -31.31 -6.84
CA VAL B 1151 -15.25 -31.92 -7.50
C VAL B 1151 -15.78 -33.04 -6.63
N SER B 1152 -17.06 -33.01 -6.35
CA SER B 1152 -17.74 -34.17 -5.79
C SER B 1152 -18.97 -34.43 -6.65
N TRP B 1153 -19.50 -35.64 -6.54
CA TRP B 1153 -20.72 -36.00 -7.21
C TRP B 1153 -21.78 -36.23 -6.14
N SER B 1154 -22.99 -35.74 -6.40
CA SER B 1154 -24.05 -35.84 -5.41
C SER B 1154 -25.22 -36.62 -5.98
N LYS B 1155 -25.60 -37.68 -5.27
CA LYS B 1155 -26.83 -38.42 -5.52
C LYS B 1155 -27.92 -38.01 -4.55
N ASP B 1156 -27.68 -36.97 -3.76
CA ASP B 1156 -28.61 -36.57 -2.70
C ASP B 1156 -28.29 -35.10 -2.39
N TRP B 1157 -28.92 -34.20 -3.13
CA TRP B 1157 -28.53 -32.79 -3.02
C TRP B 1157 -28.77 -32.27 -1.62
N ALA B 1158 -29.86 -32.68 -0.98
CA ALA B 1158 -30.20 -32.12 0.31
C ALA B 1158 -29.25 -32.61 1.39
N ALA B 1159 -28.74 -33.83 1.26
CA ALA B 1159 -27.80 -34.34 2.27
C ALA B 1159 -26.41 -33.76 2.08
N ASP B 1160 -26.08 -33.34 0.86
CA ASP B 1160 -24.71 -32.97 0.52
C ASP B 1160 -24.43 -31.47 0.58
N GLY B 1161 -25.44 -30.67 0.92
CA GLY B 1161 -25.25 -29.26 1.12
C GLY B 1161 -24.64 -28.94 2.47
N PRO B 1162 -24.63 -27.67 2.86
CA PRO B 1162 -25.20 -26.52 2.14
C PRO B 1162 -24.37 -26.14 0.93
N PHE B 1163 -25.06 -25.75 -0.13
CA PHE B 1163 -24.41 -25.14 -1.28
C PHE B 1163 -24.52 -23.63 -1.17
N ALA B 1164 -23.82 -22.94 -2.07
CA ALA B 1164 -23.82 -21.49 -2.09
C ALA B 1164 -24.30 -20.94 -3.43
N GLY B 1165 -24.87 -21.79 -4.26
CA GLY B 1165 -25.36 -21.40 -5.56
C GLY B 1165 -25.60 -22.65 -6.37
N ALA B 1166 -26.20 -22.45 -7.54
CA ALA B 1166 -26.45 -23.59 -8.41
C ALA B 1166 -26.38 -23.15 -9.85
N LEU B 1167 -25.81 -24.01 -10.69
CA LEU B 1167 -25.81 -23.81 -12.13
C LEU B 1167 -26.58 -24.97 -12.73
N VAL B 1168 -27.53 -24.65 -13.59
CA VAL B 1168 -28.46 -25.64 -14.12
C VAL B 1168 -28.46 -25.54 -15.63
N GLU B 1169 -28.43 -26.68 -16.30
CA GLU B 1169 -28.53 -26.76 -17.74
C GLU B 1169 -29.73 -27.62 -18.07
N GLY B 1170 -30.54 -27.17 -19.01
CA GLY B 1170 -31.63 -27.99 -19.49
C GLY B 1170 -32.67 -27.16 -20.20
N ASP B 1171 -33.70 -27.87 -20.68
CA ASP B 1171 -34.82 -27.18 -21.30
C ASP B 1171 -35.72 -26.57 -20.21
N ALA B 1172 -36.76 -25.88 -20.66
CA ALA B 1172 -37.60 -25.14 -19.72
C ALA B 1172 -38.20 -26.04 -18.65
N GLU B 1173 -38.74 -27.20 -19.04
CA GLU B 1173 -39.33 -28.05 -18.03
C GLU B 1173 -38.29 -28.65 -17.10
N ARG B 1174 -37.09 -28.95 -17.63
CA ARG B 1174 -36.01 -29.41 -16.75
C ARG B 1174 -35.62 -28.31 -15.77
N ILE B 1175 -35.49 -27.08 -16.27
CA ILE B 1175 -35.11 -25.97 -15.40
C ILE B 1175 -36.14 -25.81 -14.28
N ARG B 1176 -37.43 -25.85 -14.64
CA ARG B 1176 -38.47 -25.70 -13.62
C ARG B 1176 -38.38 -26.79 -12.58
N ALA B 1177 -38.24 -28.05 -13.02
CA ALA B 1177 -38.18 -29.16 -12.07
C ALA B 1177 -36.97 -29.04 -11.15
N VAL B 1178 -35.82 -28.67 -11.70
CA VAL B 1178 -34.63 -28.51 -10.89
C VAL B 1178 -34.80 -27.34 -9.94
N ASN B 1179 -35.34 -26.24 -10.44
CA ASN B 1179 -35.54 -25.07 -9.59
C ASN B 1179 -36.46 -25.39 -8.42
N LYS B 1180 -37.54 -26.16 -8.67
CA LYS B 1180 -38.40 -26.58 -7.59
C LYS B 1180 -37.66 -27.44 -6.58
N ALA B 1181 -36.84 -28.38 -7.07
CA ALA B 1181 -36.09 -29.22 -6.15
C ALA B 1181 -35.10 -28.40 -5.33
N ILE B 1182 -34.48 -27.40 -5.96
CA ILE B 1182 -33.54 -26.56 -5.24
C ILE B 1182 -34.25 -25.73 -4.18
N ALA B 1183 -35.44 -25.20 -4.51
CA ALA B 1183 -36.19 -24.40 -3.55
C ALA B 1183 -36.57 -25.21 -2.33
N ALA B 1184 -36.68 -26.53 -2.48
CA ALA B 1184 -37.01 -27.42 -1.38
C ALA B 1184 -35.79 -27.86 -0.57
N LEU B 1185 -34.58 -27.48 -0.95
CA LEU B 1185 -33.43 -27.91 -0.16
C LEU B 1185 -33.42 -27.18 1.18
N PRO B 1186 -33.04 -27.85 2.25
CA PRO B 1186 -32.90 -27.17 3.53
C PRO B 1186 -31.72 -26.21 3.49
N GLY B 1187 -31.72 -25.30 4.44
CA GLY B 1187 -30.60 -24.40 4.60
C GLY B 1187 -30.73 -23.15 3.76
N PRO B 1188 -29.62 -22.66 3.24
CA PRO B 1188 -29.65 -21.35 2.57
C PRO B 1188 -30.45 -21.39 1.28
N LEU B 1189 -31.03 -20.24 0.94
CA LEU B 1189 -31.67 -20.07 -0.35
C LEU B 1189 -30.59 -19.93 -1.41
N LEU B 1190 -30.59 -20.83 -2.38
CA LEU B 1190 -29.52 -20.83 -3.37
C LEU B 1190 -29.84 -19.87 -4.51
N LEU B 1191 -28.83 -19.11 -4.89
CA LEU B 1191 -28.90 -18.30 -6.10
C LEU B 1191 -28.68 -19.21 -7.29
N VAL B 1192 -29.74 -19.43 -8.06
CA VAL B 1192 -29.77 -20.40 -9.15
C VAL B 1192 -29.60 -19.66 -10.46
N GLN B 1193 -28.72 -20.18 -11.31
CA GLN B 1193 -28.59 -19.71 -12.68
C GLN B 1193 -28.86 -20.88 -13.61
N ALA B 1194 -29.71 -20.67 -14.61
CA ALA B 1194 -30.08 -21.72 -15.53
C ALA B 1194 -29.85 -21.27 -16.97
N ALA B 1195 -29.57 -22.25 -17.82
CA ALA B 1195 -29.38 -21.97 -19.23
C ALA B 1195 -29.70 -23.25 -19.98
N SER B 1196 -30.14 -23.10 -21.22
CA SER B 1196 -30.28 -24.25 -22.08
C SER B 1196 -28.92 -24.62 -22.65
N SER B 1197 -28.82 -25.86 -23.16
CA SER B 1197 -27.60 -26.28 -23.85
C SER B 1197 -27.28 -25.33 -24.99
N GLY B 1198 -28.30 -24.92 -25.74
CA GLY B 1198 -28.07 -23.99 -26.84
C GLY B 1198 -27.58 -22.64 -26.36
N GLU B 1199 -28.10 -22.16 -25.23
CA GLU B 1199 -27.62 -20.89 -24.70
C GLU B 1199 -26.16 -20.99 -24.26
N ILE B 1200 -25.79 -22.11 -23.64
CA ILE B 1200 -24.40 -22.31 -23.25
C ILE B 1200 -23.49 -22.26 -24.47
N ALA B 1201 -23.91 -22.89 -25.58
CA ALA B 1201 -23.10 -22.89 -26.78
C ALA B 1201 -23.03 -21.52 -27.43
N ARG B 1202 -24.09 -20.72 -27.32
CA ARG B 1202 -24.22 -19.46 -28.05
C ARG B 1202 -23.78 -18.24 -27.26
N ASN B 1203 -23.94 -18.25 -25.95
CA ASN B 1203 -23.75 -17.06 -25.13
C ASN B 1203 -22.61 -17.26 -24.16
N PRO B 1204 -21.47 -16.60 -24.34
CA PRO B 1204 -20.37 -16.75 -23.39
C PRO B 1204 -20.73 -16.35 -21.99
N ASP B 1205 -21.77 -15.54 -21.81
CA ASP B 1205 -22.23 -15.12 -20.49
C ASP B 1205 -23.50 -15.84 -20.08
N ALA B 1206 -23.71 -17.07 -20.58
CA ALA B 1206 -24.87 -17.86 -20.18
C ALA B 1206 -24.96 -17.98 -18.67
N TYR B 1207 -23.83 -18.18 -18.01
CA TYR B 1207 -23.74 -18.12 -16.55
C TYR B 1207 -22.95 -16.89 -16.18
N CYS B 1208 -23.47 -16.12 -15.25
CA CYS B 1208 -22.86 -14.85 -14.88
C CYS B 1208 -21.95 -15.08 -13.68
N LEU B 1209 -20.68 -14.72 -13.83
CA LEU B 1209 -19.74 -14.92 -12.73
C LEU B 1209 -20.00 -13.97 -11.57
N ASN B 1210 -20.76 -12.90 -11.78
CA ASN B 1210 -21.06 -11.96 -10.70
C ASN B 1210 -21.71 -12.70 -9.53
N TRP B 1211 -22.48 -13.75 -9.82
CA TRP B 1211 -23.25 -14.40 -8.77
C TRP B 1211 -22.52 -15.56 -8.14
N LEU B 1212 -21.33 -15.88 -8.64
CA LEU B 1212 -20.54 -17.02 -8.18
C LEU B 1212 -19.41 -16.62 -7.26
N VAL B 1213 -19.35 -15.35 -6.89
CA VAL B 1213 -18.46 -14.87 -5.86
C VAL B 1213 -19.30 -14.36 -4.71
N GLU B 1214 -18.69 -14.33 -3.53
CA GLU B 1214 -19.30 -13.78 -2.34
C GLU B 1214 -18.64 -12.45 -2.02
N GLU B 1215 -19.47 -11.44 -1.82
CA GLU B 1215 -18.97 -10.13 -1.40
C GLU B 1215 -18.78 -10.11 0.10
N VAL B 1216 -17.66 -9.53 0.53
CA VAL B 1216 -17.43 -9.30 1.94
C VAL B 1216 -17.02 -7.86 2.13
N SER B 1217 -17.70 -7.19 3.06
CA SER B 1217 -17.36 -5.83 3.46
C SER B 1217 -16.71 -5.90 4.83
N ALA B 1218 -15.64 -5.14 5.01
CA ALA B 1218 -14.99 -5.06 6.31
C ALA B 1218 -14.73 -3.60 6.61
N SER B 1219 -15.15 -3.15 7.79
CA SER B 1219 -14.97 -1.77 8.21
C SER B 1219 -14.11 -1.78 9.45
N ILE B 1220 -12.95 -1.15 9.36
CA ILE B 1220 -11.99 -1.12 10.46
C ILE B 1220 -11.93 0.31 10.98
N ASN B 1221 -12.16 0.46 12.28
CA ASN B 1221 -12.02 1.76 12.92
C ASN B 1221 -10.54 2.01 13.17
N THR B 1222 -9.91 2.85 12.35
CA THR B 1222 -8.49 3.11 12.46
C THR B 1222 -8.18 4.21 13.44
N ALA B 1223 -9.20 4.78 14.07
CA ALA B 1223 -9.02 5.73 15.16
C ALA B 1223 -9.16 5.07 16.52
N ALA B 1224 -9.28 3.73 16.56
CA ALA B 1224 -9.64 3.07 17.81
C ALA B 1224 -8.54 3.20 18.86
N ALA B 1225 -7.29 3.49 18.47
CA ALA B 1225 -6.24 3.64 19.46
C ALA B 1225 -6.25 5.00 20.15
N GLY B 1226 -7.11 5.91 19.73
CA GLY B 1226 -7.22 7.22 20.36
C GLY B 1226 -6.89 8.38 19.44
N GLY B 1227 -6.48 8.13 18.21
CA GLY B 1227 -6.21 9.19 17.25
C GLY B 1227 -6.12 8.60 15.87
N ASN B 1228 -5.89 9.48 14.88
CA ASN B 1228 -5.92 9.11 13.47
C ASN B 1228 -4.53 9.36 12.89
N ALA B 1229 -3.84 8.27 12.52
CA ALA B 1229 -2.48 8.38 11.98
C ALA B 1229 -2.45 9.20 10.70
N SER B 1230 -3.38 8.95 9.78
CA SER B 1230 -3.38 9.66 8.51
C SER B 1230 -3.51 11.16 8.72
N LEU B 1231 -4.39 11.58 9.64
CA LEU B 1231 -4.61 13.00 9.86
CA LEU B 1231 -4.61 13.00 9.85
C LEU B 1231 -3.46 13.67 10.60
N MET B 1232 -2.55 12.90 11.21
CA MET B 1232 -1.37 13.51 11.80
C MET B 1232 -0.52 14.22 10.76
N ALA B 1233 -0.61 13.82 9.49
CA ALA B 1233 0.15 14.45 8.41
C ALA B 1233 -0.63 15.53 7.68
N ILE B 1234 -1.86 15.83 8.11
CA ILE B 1234 -2.70 16.80 7.45
C ILE B 1234 -2.75 18.05 8.33
N GLY B 1235 -2.09 19.11 7.87
CA GLY B 1235 -2.11 20.38 8.57
C GLY B 1235 -2.42 21.51 7.61
#